data_8VA3
#
_entry.id   8VA3
#
_cell.length_a   94.055
_cell.length_b   105.352
_cell.length_c   190.409
_cell.angle_alpha   90.00
_cell.angle_beta   90.00
_cell.angle_gamma   90.00
#
_symmetry.space_group_name_H-M   'P 21 21 21'
#
loop_
_entity.id
_entity.type
_entity.pdbx_description
1 polymer 'Glycoside hydrolase family 3'
2 non-polymer DI(HYDROXYETHYL)ETHER
3 non-polymer 'TRIETHYLENE GLYCOL'
4 non-polymer GLYCEROL
5 non-polymer 'MAGNESIUM ION'
6 non-polymer 'SODIUM ION'
7 non-polymer '4-(2-HYDROXYETHYL)-1-PIPERAZINE ETHANESULFONIC ACID'
8 non-polymer 'PHOSPHATE ION'
9 water water
#
_entity_poly.entity_id   1
_entity_poly.type   'polypeptide(L)'
_entity_poly.pdbx_seq_one_letter_code
;MNRLFASLLLACATAAQAQVPPALPYDAALESKVQQRLARMTLDEKVGQMCQLTADPLTDMARTKGTGRFTFDPKAIERV
VGQYKVGSILNAPLTTAQTPEAYARFIEAIQKVSMKQIGIPNLYGLDQNHGTTYTLGGTIFPQNINLGATFNRELTRRST
EICAYETRACLVPWTFNPTIDLARHAAWPRFWENFGEDTYVNAELGRAAVLGYQGDNPNSIDRYHIAACLKHYMAYGAPV
SGRDRTPSSVSRSDMREKHFEPFRAAVQSGVLSIMVNSGVDNGMPFHANKQLLTDWLKRDLNWDGMLVTDWADIDNLYKR
DRVANNKKEAIAMAINAGIDMSMDPYDVGFTDLLKQCVNEGLVPMSRIDDAVSRILRMKFRLGLFDAPTWNWRRDYPLFG
SAQHADVARQSAEESMVLLKNEGQLLPLRAGQKILLAGPNANSLRALNGGWTYTWQGHRTDELAPQYKTIYEAMAERFGQ
DKVTLSQGVVYPKADEANSNWAADSMADLAATLRAAQAADVIVACVGENSYCETPGNLTDLHLSPNQRTLVKELAKTGKP
IVLVLSEGRPRLVGDIEPLAQSVVNIMLPGNHGGEALARLLAGDANFSGRLPFTYPRFANALTTYDYKPMESVGTMEGNY
NYDAQVYVQWPFGAGVSYTDFAYSNLRVSPAQFAVSDTLTVQIDVQNIGQRVGKEAVLLYSHDLAASSTPDVRRLRAFDK
IELQPGEKRTVTLRLPAADLAFVGYDGKWRLEAGDFLLFAGNQQQRISCTATHLWTTPNR
;
_entity_poly.pdbx_strand_id   A,B
#
loop_
_chem_comp.id
_chem_comp.type
_chem_comp.name
_chem_comp.formula
EPE non-polymer '4-(2-HYDROXYETHYL)-1-PIPERAZINE ETHANESULFONIC ACID' 'C8 H18 N2 O4 S'
GOL non-polymer GLYCEROL 'C3 H8 O3'
MG non-polymer 'MAGNESIUM ION' 'Mg 2'
NA non-polymer 'SODIUM ION' 'Na 1'
PEG non-polymer DI(HYDROXYETHYL)ETHER 'C4 H10 O3'
PGE non-polymer 'TRIETHYLENE GLYCOL' 'C6 H14 O4'
PO4 non-polymer 'PHOSPHATE ION' 'O4 P -3'
#
# COMPACT_ATOMS: atom_id res chain seq x y z
N ALA A 18 -24.28 1.90 -28.87
CA ALA A 18 -24.73 2.94 -27.95
C ALA A 18 -23.66 4.00 -27.77
N GLN A 19 -24.04 5.28 -27.77
CA GLN A 19 -23.07 6.37 -27.71
C GLN A 19 -23.62 7.53 -26.90
N VAL A 20 -22.76 8.07 -26.04
CA VAL A 20 -23.08 9.26 -25.25
C VAL A 20 -22.85 10.50 -26.12
N PRO A 21 -23.41 11.66 -25.74
CA PRO A 21 -23.14 12.86 -26.51
C PRO A 21 -21.67 13.22 -26.44
N PRO A 22 -21.15 13.92 -27.46
CA PRO A 22 -19.74 14.35 -27.42
C PRO A 22 -19.46 15.19 -26.19
N ALA A 23 -18.31 14.92 -25.57
CA ALA A 23 -17.93 15.65 -24.37
C ALA A 23 -17.82 17.15 -24.65
N LEU A 24 -17.30 17.50 -25.77
CA LEU A 24 -17.26 18.88 -26.20
C LEU A 24 -18.21 19.02 -27.40
N PRO A 25 -18.97 20.11 -27.49
CA PRO A 25 -20.04 20.17 -28.51
C PRO A 25 -19.48 20.02 -29.91
N TYR A 26 -20.20 19.26 -30.76
CA TYR A 26 -19.79 19.10 -32.16
C TYR A 26 -19.89 20.45 -32.88
N ASP A 27 -18.85 20.80 -33.64
CA ASP A 27 -18.79 22.09 -34.34
C ASP A 27 -18.41 21.79 -35.79
N ALA A 28 -19.39 21.89 -36.70
CA ALA A 28 -19.16 21.53 -38.10
C ALA A 28 -18.05 22.38 -38.72
N ALA A 29 -18.11 23.70 -38.50
CA ALA A 29 -17.11 24.60 -39.08
C ALA A 29 -15.71 24.27 -38.59
N LEU A 30 -15.58 23.93 -37.30
CA LEU A 30 -14.30 23.54 -36.76
C LEU A 30 -13.75 22.29 -37.46
N GLU A 31 -14.59 21.26 -37.57
CA GLU A 31 -14.12 20.01 -38.18
C GLU A 31 -13.74 20.23 -39.63
N SER A 32 -14.47 21.10 -40.33
CA SER A 32 -14.10 21.45 -41.70
C SER A 32 -12.72 22.08 -41.76
N LYS A 33 -12.41 23.01 -40.84
CA LYS A 33 -11.07 23.60 -40.85
C LYS A 33 -10.02 22.54 -40.62
N VAL A 34 -10.28 21.63 -39.67
CA VAL A 34 -9.33 20.57 -39.34
C VAL A 34 -9.11 19.67 -40.54
N GLN A 35 -10.19 19.24 -41.18
CA GLN A 35 -10.02 18.26 -42.26
C GLN A 35 -9.40 18.89 -43.50
N GLN A 36 -9.73 20.15 -43.81
CA GLN A 36 -9.08 20.80 -44.94
C GLN A 36 -7.58 20.98 -44.71
N ARG A 37 -7.19 21.35 -43.48
CA ARG A 37 -5.77 21.49 -43.18
C ARG A 37 -5.08 20.14 -43.23
N LEU A 38 -5.73 19.10 -42.66
CA LEU A 38 -5.11 17.78 -42.66
C LEU A 38 -4.85 17.29 -44.07
N ALA A 39 -5.79 17.56 -44.99
CA ALA A 39 -5.67 17.01 -46.34
C ALA A 39 -4.50 17.62 -47.10
N ARG A 40 -3.97 18.75 -46.64
CA ARG A 40 -2.90 19.46 -47.32
C ARG A 40 -1.52 19.10 -46.79
N MET A 41 -1.46 18.35 -45.71
CA MET A 41 -0.21 18.13 -44.99
C MET A 41 0.56 16.94 -45.54
N THR A 42 1.89 17.06 -45.52
CA THR A 42 2.76 15.95 -45.85
C THR A 42 2.92 15.05 -44.63
N LEU A 43 3.44 13.83 -44.86
CA LEU A 43 3.74 12.95 -43.73
C LEU A 43 4.74 13.59 -42.76
N ASP A 44 5.77 14.26 -43.30
CA ASP A 44 6.72 14.96 -42.41
C ASP A 44 6.02 15.96 -41.51
N GLU A 45 5.08 16.72 -42.07
CA GLU A 45 4.35 17.67 -41.24
C GLU A 45 3.44 16.95 -40.25
N LYS A 46 2.92 15.78 -40.61
CA LYS A 46 2.04 15.09 -39.66
C LYS A 46 2.82 14.61 -38.45
N VAL A 47 3.90 13.87 -38.67
CA VAL A 47 4.67 13.37 -37.52
C VAL A 47 5.28 14.53 -36.75
N GLY A 48 5.59 15.63 -37.41
CA GLY A 48 6.07 16.81 -36.68
C GLY A 48 5.04 17.35 -35.70
N GLN A 49 3.76 17.36 -36.09
CA GLN A 49 2.74 17.87 -35.19
C GLN A 49 2.63 17.02 -33.93
N MET A 50 2.97 15.74 -34.02
CA MET A 50 2.90 14.84 -32.89
C MET A 50 4.16 14.85 -32.05
N CYS A 51 5.11 15.74 -32.37
CA CYS A 51 6.37 15.85 -31.66
C CYS A 51 6.40 17.14 -30.86
N GLN A 52 6.72 17.02 -29.57
CA GLN A 52 6.81 18.16 -28.66
C GLN A 52 8.19 18.16 -28.01
N LEU A 53 8.90 19.30 -28.10
CA LEU A 53 10.24 19.46 -27.53
C LEU A 53 10.24 20.57 -26.48
N THR A 54 11.14 20.47 -25.49
CA THR A 54 11.31 21.60 -24.58
C THR A 54 12.04 22.74 -25.28
N ALA A 55 12.11 23.86 -24.57
CA ALA A 55 12.81 25.03 -25.10
C ALA A 55 14.32 24.83 -25.24
N ASP A 56 14.90 23.87 -24.49
CA ASP A 56 16.37 23.75 -24.47
C ASP A 56 17.00 23.57 -25.85
N PRO A 57 16.49 22.71 -26.74
CA PRO A 57 17.07 22.63 -28.10
C PRO A 57 16.98 23.92 -28.88
N LEU A 58 16.12 24.87 -28.47
CA LEU A 58 16.08 26.17 -29.10
C LEU A 58 16.91 27.23 -28.39
N THR A 59 17.54 26.86 -27.26
CA THR A 59 18.33 27.79 -26.46
C THR A 59 19.79 27.73 -26.84
N ASP A 60 20.39 28.90 -27.03
CA ASP A 60 21.83 29.00 -27.28
C ASP A 60 22.53 28.89 -25.93
N MET A 61 23.04 27.70 -25.62
CA MET A 61 23.57 27.44 -24.28
C MET A 61 24.80 28.30 -23.98
N ALA A 62 25.75 28.35 -24.93
CA ALA A 62 27.00 29.06 -24.67
C ALA A 62 26.76 30.55 -24.46
N ARG A 63 25.91 31.15 -25.30
CA ARG A 63 25.64 32.59 -25.20
C ARG A 63 24.70 32.92 -24.04
N THR A 64 23.82 31.98 -23.67
CA THR A 64 23.07 32.12 -22.43
C THR A 64 24.02 32.18 -21.22
N LYS A 65 24.98 31.25 -21.13
CA LYS A 65 25.89 31.22 -19.99
C LYS A 65 26.83 32.42 -20.01
N GLY A 66 27.24 32.86 -21.20
CA GLY A 66 28.17 33.98 -21.29
C GLY A 66 27.55 35.28 -20.83
N THR A 67 26.28 35.50 -21.13
CA THR A 67 25.57 36.72 -20.74
C THR A 67 24.76 36.57 -19.45
N GLY A 68 24.38 35.36 -19.06
CA GLY A 68 23.45 35.16 -17.97
C GLY A 68 21.98 35.31 -18.32
N ARG A 69 21.67 35.94 -19.46
CA ARG A 69 20.30 36.12 -19.89
C ARG A 69 19.89 35.02 -20.88
N PHE A 70 18.61 34.69 -20.86
CA PHE A 70 18.05 33.79 -21.87
C PHE A 70 18.24 34.35 -23.29
N THR A 71 18.91 33.56 -24.12
CA THR A 71 19.14 33.84 -25.52
C THR A 71 18.67 32.65 -26.35
N PHE A 72 17.80 32.86 -27.32
CA PHE A 72 17.43 31.73 -28.16
C PHE A 72 18.23 31.73 -29.46
N ASP A 73 18.27 30.57 -30.12
CA ASP A 73 19.07 30.36 -31.32
C ASP A 73 18.15 30.34 -32.54
N PRO A 74 18.13 31.40 -33.36
CA PRO A 74 17.21 31.39 -34.52
C PRO A 74 17.50 30.26 -35.50
N LYS A 75 18.76 29.87 -35.66
CA LYS A 75 19.06 28.76 -36.58
C LYS A 75 18.49 27.45 -36.06
N ALA A 76 18.42 27.33 -34.73
CA ALA A 76 17.79 26.16 -34.12
C ALA A 76 16.28 26.16 -34.33
N ILE A 77 15.65 27.32 -34.26
CA ILE A 77 14.22 27.39 -34.56
C ILE A 77 13.98 26.95 -36.01
N GLU A 78 14.80 27.47 -36.93
CA GLU A 78 14.66 27.15 -38.35
C GLU A 78 14.79 25.65 -38.56
N ARG A 79 15.78 25.03 -37.92
CA ARG A 79 15.98 23.58 -38.01
C ARG A 79 14.84 22.79 -37.35
N VAL A 80 14.54 23.07 -36.07
CA VAL A 80 13.58 22.23 -35.34
C VAL A 80 12.17 22.40 -35.90
N VAL A 81 11.74 23.65 -36.07
CA VAL A 81 10.41 23.92 -36.60
C VAL A 81 10.40 23.79 -38.12
N GLY A 82 11.28 24.55 -38.80
CA GLY A 82 11.19 24.63 -40.25
C GLY A 82 11.55 23.35 -40.96
N GLN A 83 12.54 22.61 -40.45
CA GLN A 83 12.95 21.37 -41.12
C GLN A 83 12.28 20.12 -40.54
N TYR A 84 12.28 19.95 -39.23
CA TYR A 84 11.66 18.75 -38.66
C TYR A 84 10.18 18.93 -38.36
N LYS A 85 9.62 20.14 -38.55
CA LYS A 85 8.19 20.40 -38.52
C LYS A 85 7.60 20.21 -37.13
N VAL A 86 8.42 20.37 -36.10
CA VAL A 86 7.94 20.21 -34.74
C VAL A 86 6.82 21.21 -34.44
N GLY A 87 5.70 20.71 -33.91
CA GLY A 87 4.49 21.53 -33.75
C GLY A 87 4.20 22.07 -32.37
N SER A 88 5.00 21.71 -31.36
CA SER A 88 4.78 22.20 -30.00
C SER A 88 6.11 22.35 -29.25
N ILE A 89 6.28 23.48 -28.56
CA ILE A 89 7.40 23.69 -27.66
C ILE A 89 6.85 23.84 -26.26
N LEU A 90 7.56 23.34 -25.24
CA LEU A 90 7.13 23.54 -23.87
C LEU A 90 8.26 24.07 -23.02
N ASN A 91 7.87 24.57 -21.84
CA ASN A 91 8.69 24.75 -20.64
C ASN A 91 9.29 26.14 -20.55
N ALA A 92 9.75 26.47 -19.37
CA ALA A 92 10.41 27.74 -19.15
C ALA A 92 11.80 27.69 -19.76
N PRO A 93 12.16 28.67 -20.57
CA PRO A 93 13.54 28.77 -21.03
C PRO A 93 14.48 28.72 -19.84
N LEU A 94 15.56 27.96 -19.99
CA LEU A 94 16.54 27.73 -18.93
C LEU A 94 15.92 27.10 -17.71
N THR A 95 14.74 26.49 -17.89
CA THR A 95 13.91 25.93 -16.81
C THR A 95 13.81 26.86 -15.60
N THR A 96 13.71 28.17 -15.87
N THR A 96 13.78 28.17 -15.84
CA THR A 96 13.58 29.16 -14.81
CA THR A 96 13.56 29.14 -14.78
C THR A 96 12.59 30.20 -15.28
C THR A 96 12.55 30.15 -15.30
N ALA A 97 11.78 30.73 -14.36
CA ALA A 97 10.74 31.67 -14.74
C ALA A 97 11.35 32.86 -15.51
N GLN A 98 10.59 33.38 -16.49
CA GLN A 98 11.00 34.50 -17.31
C GLN A 98 9.88 35.54 -17.29
N THR A 99 10.21 36.76 -17.73
CA THR A 99 9.20 37.81 -17.84
C THR A 99 8.26 37.50 -19.02
N PRO A 100 7.03 38.03 -19.01
CA PRO A 100 6.21 37.92 -20.24
C PRO A 100 6.95 38.41 -21.49
N GLU A 101 7.71 39.50 -21.38
CA GLU A 101 8.39 40.03 -22.57
C GLU A 101 9.38 39.03 -23.12
N ALA A 102 10.10 38.33 -22.23
CA ALA A 102 11.09 37.36 -22.69
C ALA A 102 10.42 36.18 -23.38
N TYR A 103 9.32 35.67 -22.83
CA TYR A 103 8.53 34.68 -23.54
C TYR A 103 8.06 35.21 -24.91
N ALA A 104 7.54 36.43 -24.94
CA ALA A 104 6.86 36.88 -26.15
C ALA A 104 7.83 36.97 -27.32
N ARG A 105 9.02 37.54 -27.09
CA ARG A 105 9.98 37.64 -28.18
C ARG A 105 10.38 36.28 -28.70
N PHE A 106 10.48 35.31 -27.79
CA PHE A 106 10.82 33.94 -28.15
C PHE A 106 9.70 33.30 -28.97
N ILE A 107 8.48 33.44 -28.50
CA ILE A 107 7.35 32.83 -29.19
C ILE A 107 7.04 33.55 -30.50
N GLU A 108 7.23 34.87 -30.55
CA GLU A 108 7.14 35.55 -31.83
C GLU A 108 8.10 34.93 -32.86
N ALA A 109 9.32 34.61 -32.43
CA ALA A 109 10.29 34.03 -33.36
C ALA A 109 9.88 32.61 -33.75
N ILE A 110 9.33 31.85 -32.80
CA ILE A 110 8.86 30.50 -33.12
C ILE A 110 7.69 30.56 -34.10
N GLN A 111 6.72 31.48 -33.85
CA GLN A 111 5.55 31.53 -34.72
C GLN A 111 5.91 32.02 -36.11
N LYS A 112 6.85 32.96 -36.22
CA LYS A 112 7.27 33.43 -37.53
C LYS A 112 7.74 32.25 -38.40
N VAL A 113 8.57 31.37 -37.83
CA VAL A 113 9.03 30.20 -38.59
C VAL A 113 7.88 29.22 -38.82
N SER A 114 7.06 28.99 -37.79
CA SER A 114 5.98 28.01 -37.93
C SER A 114 5.02 28.41 -39.05
N MET A 115 4.58 29.66 -39.05
CA MET A 115 3.60 30.08 -40.05
C MET A 115 4.23 30.12 -41.44
N LYS A 116 5.49 30.54 -41.56
CA LYS A 116 6.09 30.65 -42.89
C LYS A 116 6.39 29.28 -43.49
N GLN A 117 6.96 28.37 -42.69
CA GLN A 117 7.45 27.09 -43.20
C GLN A 117 6.40 25.99 -43.15
N ILE A 118 5.55 25.97 -42.13
CA ILE A 118 4.53 24.94 -41.98
C ILE A 118 3.14 25.45 -42.33
N GLY A 119 2.81 26.67 -41.93
CA GLY A 119 1.46 27.16 -42.09
C GLY A 119 0.54 26.74 -40.97
N ILE A 120 1.08 26.12 -39.94
CA ILE A 120 0.36 25.67 -38.75
C ILE A 120 1.02 26.34 -37.56
N PRO A 121 0.29 27.07 -36.73
CA PRO A 121 0.92 27.73 -35.59
C PRO A 121 1.47 26.73 -34.58
N ASN A 122 2.58 27.12 -33.94
CA ASN A 122 3.08 26.36 -32.81
C ASN A 122 2.11 26.44 -31.64
N LEU A 123 2.08 25.37 -30.86
CA LEU A 123 1.35 25.31 -29.59
C LEU A 123 2.38 25.27 -28.46
N TYR A 124 2.46 26.36 -27.69
CA TYR A 124 3.36 26.46 -26.56
C TYR A 124 2.62 26.08 -25.28
N GLY A 125 3.21 25.22 -24.47
CA GLY A 125 2.63 24.83 -23.19
C GLY A 125 3.56 25.12 -22.03
N LEU A 126 2.98 25.51 -20.90
CA LEU A 126 3.72 25.68 -19.65
C LEU A 126 2.96 24.99 -18.52
N ASP A 127 3.69 24.55 -17.51
CA ASP A 127 3.07 24.00 -16.30
C ASP A 127 2.78 25.13 -15.31
N GLN A 128 1.77 25.94 -15.64
CA GLN A 128 1.33 27.04 -14.77
C GLN A 128 0.29 26.39 -13.84
N ASN A 129 0.74 25.96 -12.66
CA ASN A 129 -0.10 25.07 -11.84
C ASN A 129 -0.48 25.67 -10.50
N HIS A 130 -0.13 26.93 -10.23
CA HIS A 130 -0.72 27.63 -9.09
C HIS A 130 -0.51 29.12 -9.33
N GLY A 131 -1.23 29.63 -10.33
CA GLY A 131 -0.83 30.86 -10.96
C GLY A 131 0.36 30.55 -11.84
N THR A 132 1.08 31.61 -12.20
CA THR A 132 2.07 31.54 -13.25
C THR A 132 3.42 31.08 -12.69
N THR A 133 3.47 29.79 -12.34
CA THR A 133 4.68 29.05 -11.97
C THR A 133 5.96 29.55 -12.62
N TYR A 134 5.91 29.75 -13.93
CA TYR A 134 7.10 30.04 -14.71
C TYR A 134 7.09 31.43 -15.31
N THR A 135 6.32 32.35 -14.75
CA THR A 135 6.33 33.74 -15.22
C THR A 135 6.69 34.65 -14.06
N LEU A 136 7.84 35.32 -14.15
CA LEU A 136 8.22 36.31 -13.14
C LEU A 136 7.17 37.41 -13.07
N GLY A 137 6.86 37.87 -11.85
CA GLY A 137 5.91 38.95 -11.63
C GLY A 137 4.44 38.54 -11.67
N GLY A 138 4.12 37.32 -12.04
CA GLY A 138 2.73 36.92 -12.09
C GLY A 138 2.19 36.63 -10.70
N THR A 139 0.88 36.41 -10.66
CA THR A 139 0.19 36.13 -9.41
C THR A 139 0.34 34.67 -9.04
N ILE A 140 0.99 34.39 -7.91
CA ILE A 140 1.21 33.01 -7.45
C ILE A 140 0.20 32.69 -6.36
N PHE A 141 -0.60 31.65 -6.59
CA PHE A 141 -1.69 31.25 -5.73
C PHE A 141 -1.27 30.15 -4.78
N PRO A 142 -2.09 29.80 -3.80
CA PRO A 142 -1.87 28.58 -3.06
C PRO A 142 -1.84 27.39 -3.99
N GLN A 143 -1.12 26.34 -3.59
CA GLN A 143 -1.14 25.09 -4.35
C GLN A 143 -2.53 24.46 -4.30
N ASN A 144 -2.77 23.48 -5.18
CA ASN A 144 -4.11 22.89 -5.24
C ASN A 144 -4.51 22.24 -3.94
N ILE A 145 -3.56 21.74 -3.13
CA ILE A 145 -4.02 21.09 -1.89
C ILE A 145 -4.68 22.13 -1.00
N ASN A 146 -4.11 23.33 -0.97
CA ASN A 146 -4.72 24.46 -0.27
C ASN A 146 -6.09 24.81 -0.85
N LEU A 147 -6.19 24.87 -2.18
CA LEU A 147 -7.52 25.15 -2.76
C LEU A 147 -8.53 24.08 -2.38
N GLY A 148 -8.09 22.81 -2.31
CA GLY A 148 -8.98 21.79 -1.73
C GLY A 148 -9.50 22.20 -0.37
N ALA A 149 -8.61 22.70 0.49
CA ALA A 149 -9.00 23.10 1.83
C ALA A 149 -9.97 24.27 1.84
N THR A 150 -10.02 25.07 0.78
CA THR A 150 -11.01 26.15 0.80
C THR A 150 -12.43 25.66 0.58
N PHE A 151 -12.64 24.45 0.02
CA PHE A 151 -13.98 24.03 -0.42
C PHE A 151 -14.73 25.14 -1.16
N ASN A 152 -14.02 25.86 -2.03
CA ASN A 152 -14.58 27.08 -2.61
C ASN A 152 -14.38 27.00 -4.12
N ARG A 153 -15.42 26.54 -4.81
CA ARG A 153 -15.37 26.44 -6.27
C ARG A 153 -15.08 27.78 -6.92
N GLU A 154 -15.70 28.86 -6.42
CA GLU A 154 -15.59 30.14 -7.12
C GLU A 154 -14.18 30.72 -6.99
N LEU A 155 -13.56 30.61 -5.79
CA LEU A 155 -12.17 31.05 -5.68
C LEU A 155 -11.28 30.22 -6.57
N THR A 156 -11.54 28.91 -6.64
CA THR A 156 -10.71 28.06 -7.49
C THR A 156 -10.84 28.50 -8.94
N ARG A 157 -12.07 28.71 -9.39
CA ARG A 157 -12.29 29.16 -10.76
C ARG A 157 -11.64 30.52 -11.01
N ARG A 158 -11.75 31.46 -10.07
CA ARG A 158 -11.19 32.78 -10.29
C ARG A 158 -9.67 32.71 -10.36
N SER A 159 -9.06 31.83 -9.57
CA SER A 159 -7.60 31.71 -9.59
C SER A 159 -7.11 31.24 -10.95
N THR A 160 -7.80 30.27 -11.57
CA THR A 160 -7.32 29.78 -12.84
C THR A 160 -7.70 30.71 -13.98
N GLU A 161 -8.76 31.52 -13.82
CA GLU A 161 -9.02 32.60 -14.75
C GLU A 161 -7.87 33.62 -14.75
N ILE A 162 -7.42 33.99 -13.54
CA ILE A 162 -6.29 34.91 -13.44
C ILE A 162 -5.04 34.28 -14.04
N CYS A 163 -4.81 33.01 -13.75
CA CYS A 163 -3.64 32.34 -14.33
C CYS A 163 -3.71 32.33 -15.85
N ALA A 164 -4.91 32.05 -16.40
CA ALA A 164 -5.06 32.04 -17.85
C ALA A 164 -4.77 33.41 -18.44
N TYR A 165 -5.28 34.47 -17.80
CA TYR A 165 -5.04 35.83 -18.29
C TYR A 165 -3.54 36.14 -18.31
N GLU A 166 -2.87 35.86 -17.20
CA GLU A 166 -1.45 36.19 -17.09
C GLU A 166 -0.56 35.27 -17.93
N THR A 167 -1.07 34.10 -18.32
CA THR A 167 -0.32 33.19 -19.18
C THR A 167 -0.46 33.60 -20.65
N ARG A 168 -1.66 34.00 -21.07
CA ARG A 168 -1.81 34.60 -22.39
C ARG A 168 -0.95 35.85 -22.55
N ALA A 169 -0.72 36.58 -21.44
CA ALA A 169 0.14 37.75 -21.50
C ALA A 169 1.56 37.42 -21.89
N CYS A 170 1.91 36.13 -21.87
CA CYS A 170 3.22 35.62 -22.27
C CYS A 170 3.23 35.08 -23.68
N LEU A 171 2.11 35.20 -24.42
CA LEU A 171 1.87 34.53 -25.70
C LEU A 171 1.78 33.01 -25.57
N VAL A 172 1.43 32.49 -24.40
CA VAL A 172 1.29 31.06 -24.17
C VAL A 172 -0.20 30.74 -24.04
N PRO A 173 -0.73 29.75 -24.80
CA PRO A 173 -2.18 29.51 -24.78
C PRO A 173 -2.58 28.22 -24.10
N TRP A 174 -1.66 27.60 -23.33
CA TRP A 174 -1.91 26.26 -22.84
C TRP A 174 -1.17 26.06 -21.51
N THR A 175 -1.90 25.57 -20.50
CA THR A 175 -1.29 25.12 -19.24
C THR A 175 -1.54 23.63 -19.03
N PHE A 176 -0.55 22.92 -18.49
CA PHE A 176 -0.71 21.47 -18.36
C PHE A 176 -1.53 21.16 -17.11
N ASN A 177 -2.67 21.83 -16.92
CA ASN A 177 -3.33 21.81 -15.62
C ASN A 177 -4.84 21.92 -15.83
N PRO A 178 -5.68 21.52 -14.83
CA PRO A 178 -5.36 21.09 -13.45
C PRO A 178 -4.82 19.67 -13.22
N THR A 179 -3.99 19.51 -12.19
CA THR A 179 -3.65 18.18 -11.66
C THR A 179 -4.76 17.71 -10.73
N ILE A 180 -5.35 16.54 -11.00
CA ILE A 180 -6.47 16.06 -10.20
C ILE A 180 -6.27 14.62 -9.74
N ASP A 181 -5.01 14.25 -9.50
CA ASP A 181 -4.69 12.97 -8.89
C ASP A 181 -5.30 12.88 -7.50
N LEU A 182 -5.88 11.75 -7.14
CA LEU A 182 -6.26 11.55 -5.74
C LEU A 182 -5.01 11.38 -4.88
N ALA A 183 -4.95 12.10 -3.75
CA ALA A 183 -3.82 12.06 -2.81
C ALA A 183 -4.04 10.91 -1.82
N ARG A 184 -3.70 9.70 -2.26
CA ARG A 184 -4.03 8.53 -1.47
C ARG A 184 -2.88 8.04 -0.61
N HIS A 185 -1.69 8.63 -0.72
CA HIS A 185 -0.57 8.16 0.11
C HIS A 185 0.17 9.39 0.59
N ALA A 186 0.10 9.64 1.91
CA ALA A 186 0.73 10.79 2.56
C ALA A 186 2.23 10.92 2.30
N ALA A 187 2.93 9.85 1.95
CA ALA A 187 4.36 10.02 1.69
C ALA A 187 4.67 10.48 0.26
N TRP A 188 3.69 10.49 -0.61
CA TRP A 188 3.99 10.78 -2.03
C TRP A 188 4.44 12.22 -2.19
N PRO A 189 5.56 12.50 -2.84
CA PRO A 189 6.02 13.89 -2.91
C PRO A 189 5.13 14.78 -3.77
N ARG A 190 4.17 14.20 -4.51
CA ARG A 190 3.25 15.03 -5.31
C ARG A 190 1.90 15.19 -4.63
N PHE A 191 1.85 14.87 -3.34
CA PHE A 191 0.64 14.96 -2.54
C PHE A 191 -0.02 16.32 -2.69
N TRP A 192 0.78 17.39 -2.69
CA TRP A 192 0.22 18.74 -2.63
C TRP A 192 -0.19 19.29 -3.98
N GLU A 193 0.01 18.56 -5.09
CA GLU A 193 -0.31 19.11 -6.41
C GLU A 193 -1.78 18.93 -6.80
N ASN A 194 -2.55 18.21 -6.02
CA ASN A 194 -3.94 17.95 -6.36
C ASN A 194 -4.82 18.53 -5.26
N PHE A 195 -6.14 18.31 -5.36
CA PHE A 195 -7.05 18.91 -4.39
C PHE A 195 -7.30 18.01 -3.18
N GLY A 196 -6.55 16.92 -3.04
CA GLY A 196 -6.59 16.14 -1.79
C GLY A 196 -7.00 14.69 -1.93
N GLU A 197 -7.38 14.06 -0.83
CA GLU A 197 -7.58 12.62 -0.93
C GLU A 197 -8.94 12.22 -1.46
N ASP A 198 -9.88 13.16 -1.60
CA ASP A 198 -11.27 12.81 -1.91
C ASP A 198 -11.63 12.92 -3.38
N THR A 199 -12.39 11.92 -3.86
CA THR A 199 -12.88 11.87 -5.23
C THR A 199 -13.72 13.10 -5.58
N TYR A 200 -14.75 13.39 -4.78
CA TYR A 200 -15.68 14.48 -5.12
C TYR A 200 -15.00 15.84 -5.10
N VAL A 201 -14.09 16.08 -4.14
CA VAL A 201 -13.37 17.37 -4.14
C VAL A 201 -12.57 17.55 -5.43
N ASN A 202 -11.80 16.51 -5.83
CA ASN A 202 -10.99 16.67 -7.04
C ASN A 202 -11.86 16.80 -8.28
N ALA A 203 -12.98 16.05 -8.33
CA ALA A 203 -13.92 16.21 -9.44
C ALA A 203 -14.47 17.64 -9.51
N GLU A 204 -14.93 18.17 -8.38
CA GLU A 204 -15.60 19.47 -8.42
C GLU A 204 -14.63 20.63 -8.63
N LEU A 205 -13.49 20.60 -7.93
CA LEU A 205 -12.55 21.69 -8.12
C LEU A 205 -11.79 21.55 -9.43
N GLY A 206 -11.60 20.31 -9.93
CA GLY A 206 -11.05 20.14 -11.27
C GLY A 206 -11.96 20.76 -12.32
N ARG A 207 -13.27 20.53 -12.21
CA ARG A 207 -14.21 21.20 -13.12
C ARG A 207 -14.12 22.73 -12.99
N ALA A 208 -14.09 23.25 -11.76
CA ALA A 208 -14.00 24.70 -11.59
C ALA A 208 -12.70 25.24 -12.21
N ALA A 209 -11.61 24.50 -12.03
CA ALA A 209 -10.33 24.94 -12.58
C ALA A 209 -10.40 24.98 -14.09
N VAL A 210 -10.93 23.92 -14.71
CA VAL A 210 -11.06 23.85 -16.16
C VAL A 210 -11.90 25.02 -16.68
N LEU A 211 -13.02 25.28 -16.01
CA LEU A 211 -13.88 26.40 -16.41
C LEU A 211 -13.14 27.74 -16.28
N GLY A 212 -12.34 27.91 -15.23
CA GLY A 212 -11.62 29.16 -15.08
C GLY A 212 -10.60 29.37 -16.19
N TYR A 213 -9.83 28.32 -16.49
CA TYR A 213 -8.78 28.44 -17.50
C TYR A 213 -9.37 28.70 -18.88
N GLN A 214 -10.36 27.90 -19.26
CA GLN A 214 -10.83 27.89 -20.66
C GLN A 214 -11.97 28.85 -20.93
N GLY A 215 -12.73 29.24 -19.92
CA GLY A 215 -13.99 29.91 -20.17
C GLY A 215 -15.08 28.93 -20.54
N ASP A 216 -16.20 29.48 -21.03
CA ASP A 216 -17.43 28.69 -21.10
C ASP A 216 -17.66 28.07 -22.48
N ASN A 217 -16.75 28.25 -23.42
CA ASN A 217 -16.92 27.70 -24.77
C ASN A 217 -15.63 27.00 -25.18
N PRO A 218 -15.58 25.67 -25.09
CA PRO A 218 -14.32 24.97 -25.40
C PRO A 218 -13.94 25.04 -26.84
N ASN A 219 -14.87 25.40 -27.72
CA ASN A 219 -14.60 25.48 -29.15
C ASN A 219 -14.10 26.86 -29.56
N SER A 220 -14.08 27.83 -28.64
CA SER A 220 -13.58 29.17 -28.96
C SER A 220 -13.02 29.73 -27.66
N ILE A 221 -11.75 29.46 -27.42
CA ILE A 221 -11.07 29.96 -26.23
C ILE A 221 -10.41 31.29 -26.59
N ASP A 222 -10.89 32.37 -26.01
CA ASP A 222 -10.49 33.69 -26.48
C ASP A 222 -9.10 34.01 -25.95
N ARG A 223 -8.62 35.23 -26.15
CA ARG A 223 -7.23 35.54 -25.84
C ARG A 223 -7.02 35.95 -24.38
N TYR A 224 -8.03 35.83 -23.54
CA TYR A 224 -7.81 35.90 -22.09
C TYR A 224 -7.90 34.55 -21.43
N HIS A 225 -8.12 33.48 -22.19
CA HIS A 225 -8.25 32.12 -21.66
C HIS A 225 -7.24 31.18 -22.32
N ILE A 226 -7.00 30.03 -21.69
CA ILE A 226 -6.05 29.06 -22.22
C ILE A 226 -6.66 27.67 -22.20
N ALA A 227 -6.10 26.78 -23.01
CA ALA A 227 -6.46 25.37 -22.93
C ALA A 227 -6.02 24.81 -21.60
N ALA A 228 -6.87 23.98 -20.99
CA ALA A 228 -6.50 23.21 -19.81
C ALA A 228 -6.11 21.80 -20.20
N CYS A 229 -5.54 21.08 -19.23
CA CYS A 229 -5.02 19.74 -19.42
C CYS A 229 -5.18 18.98 -18.10
N LEU A 230 -6.05 17.97 -18.05
CA LEU A 230 -6.11 17.15 -16.84
C LEU A 230 -4.85 16.30 -16.75
N LYS A 231 -4.33 16.16 -15.53
CA LYS A 231 -3.22 15.24 -15.31
C LYS A 231 -3.30 14.69 -13.88
N HIS A 232 -2.69 13.53 -13.67
CA HIS A 232 -1.97 12.66 -14.61
C HIS A 232 -2.77 11.37 -14.76
N TYR A 233 -3.43 11.19 -15.89
CA TYR A 233 -4.43 10.11 -16.01
C TYR A 233 -3.77 8.72 -15.98
N MET A 234 -4.10 7.89 -14.98
CA MET A 234 -4.81 8.12 -13.72
C MET A 234 -4.21 7.18 -12.65
N ALA A 235 -4.63 7.32 -11.38
CA ALA A 235 -4.11 6.51 -10.28
C ALA A 235 -2.62 6.78 -10.01
N TYR A 236 -2.14 7.94 -10.44
CA TYR A 236 -0.74 8.35 -10.27
C TYR A 236 -0.39 8.54 -8.80
N GLY A 237 -1.34 9.00 -7.99
CA GLY A 237 -1.11 9.32 -6.60
C GLY A 237 -1.34 8.16 -5.65
N ALA A 238 -1.42 6.96 -6.20
CA ALA A 238 -1.59 5.81 -5.31
C ALA A 238 -0.46 4.79 -5.41
N PRO A 239 0.81 5.20 -5.46
CA PRO A 239 1.87 4.19 -5.44
C PRO A 239 1.81 3.41 -4.13
N VAL A 240 1.96 2.09 -4.23
CA VAL A 240 1.88 1.25 -3.03
C VAL A 240 2.83 1.73 -1.94
N SER A 241 4.09 2.02 -2.32
CA SER A 241 5.11 2.37 -1.34
C SER A 241 5.10 3.84 -1.00
N GLY A 242 4.30 4.64 -1.71
CA GLY A 242 4.37 6.08 -1.54
C GLY A 242 5.43 6.78 -2.38
N ARG A 243 6.40 6.04 -2.93
CA ARG A 243 7.46 6.64 -3.72
C ARG A 243 6.95 7.01 -5.11
N ASP A 244 7.34 8.20 -5.59
CA ASP A 244 6.87 8.65 -6.89
C ASP A 244 7.30 7.68 -8.00
N ARG A 245 6.40 7.45 -8.96
CA ARG A 245 6.68 6.61 -10.13
C ARG A 245 7.17 5.21 -9.71
N THR A 246 6.44 4.62 -8.78
CA THR A 246 6.55 3.21 -8.43
C THR A 246 5.13 2.66 -8.51
N PRO A 247 4.99 1.34 -8.62
CA PRO A 247 3.69 0.77 -9.01
C PRO A 247 2.56 1.12 -8.03
N SER A 248 1.40 1.42 -8.59
CA SER A 248 0.16 1.33 -7.83
C SER A 248 -0.43 -0.08 -7.95
N SER A 249 -1.42 -0.36 -7.08
CA SER A 249 -2.12 -1.64 -7.09
C SER A 249 -3.58 -1.35 -6.77
N VAL A 250 -4.29 -0.67 -7.73
CA VAL A 250 -5.61 -0.12 -7.45
C VAL A 250 -6.67 -1.19 -7.72
N SER A 251 -7.63 -1.33 -6.80
CA SER A 251 -8.66 -2.33 -6.96
C SER A 251 -9.61 -1.95 -8.09
N ARG A 252 -10.29 -2.97 -8.63
CA ARG A 252 -11.19 -2.75 -9.76
C ARG A 252 -12.29 -1.75 -9.42
N SER A 253 -12.87 -1.81 -8.22
CA SER A 253 -13.89 -0.81 -7.90
C SER A 253 -13.29 0.60 -7.72
N ASP A 254 -12.13 0.72 -7.07
CA ASP A 254 -11.52 2.04 -6.86
C ASP A 254 -11.11 2.70 -8.18
N MET A 255 -10.61 1.94 -9.16
CA MET A 255 -10.18 2.55 -10.42
C MET A 255 -11.33 3.32 -11.08
N ARG A 256 -12.51 2.72 -11.15
CA ARG A 256 -13.60 3.41 -11.83
C ARG A 256 -14.31 4.39 -10.90
N GLU A 257 -14.53 3.99 -9.66
CA GLU A 257 -15.33 4.82 -8.76
C GLU A 257 -14.58 6.06 -8.30
N LYS A 258 -13.28 5.93 -8.05
CA LYS A 258 -12.55 7.00 -7.41
C LYS A 258 -11.50 7.62 -8.33
N HIS A 259 -10.61 6.81 -8.93
CA HIS A 259 -9.52 7.43 -9.70
C HIS A 259 -10.01 8.02 -11.02
N PHE A 260 -10.90 7.29 -11.72
CA PHE A 260 -11.41 7.75 -13.02
C PHE A 260 -12.35 8.95 -12.86
N GLU A 261 -13.08 9.00 -11.75
CA GLU A 261 -14.24 9.89 -11.64
C GLU A 261 -13.88 11.36 -11.81
N PRO A 262 -12.81 11.90 -11.19
CA PRO A 262 -12.50 13.30 -11.45
C PRO A 262 -12.15 13.56 -12.91
N PHE A 263 -11.52 12.59 -13.59
CA PHE A 263 -11.24 12.80 -15.01
C PHE A 263 -12.53 12.77 -15.83
N ARG A 264 -13.42 11.81 -15.54
CA ARG A 264 -14.74 11.80 -16.18
C ARG A 264 -15.46 13.12 -15.99
N ALA A 265 -15.48 13.63 -14.75
CA ALA A 265 -16.24 14.85 -14.46
C ALA A 265 -15.68 16.05 -15.20
N ALA A 266 -14.36 16.21 -15.18
CA ALA A 266 -13.76 17.39 -15.80
C ALA A 266 -13.76 17.30 -17.33
N VAL A 267 -13.74 16.08 -17.90
CA VAL A 267 -13.99 15.92 -19.34
C VAL A 267 -15.38 16.47 -19.70
N GLN A 268 -16.40 16.22 -18.87
CA GLN A 268 -17.72 16.75 -19.21
C GLN A 268 -17.74 18.27 -19.22
N SER A 269 -16.82 18.92 -18.51
N SER A 269 -16.82 18.90 -18.49
CA SER A 269 -16.70 20.36 -18.55
CA SER A 269 -16.64 20.35 -18.52
C SER A 269 -15.87 20.85 -19.75
C SER A 269 -16.03 20.84 -19.83
N GLY A 270 -15.52 19.95 -20.66
CA GLY A 270 -14.96 20.32 -21.95
C GLY A 270 -13.46 20.56 -22.01
N VAL A 271 -12.67 19.86 -21.17
CA VAL A 271 -11.22 20.07 -21.18
C VAL A 271 -10.67 19.71 -22.55
N LEU A 272 -9.74 20.54 -23.04
CA LEU A 272 -9.16 20.38 -24.38
C LEU A 272 -8.12 19.26 -24.44
N SER A 273 -7.45 18.95 -23.34
CA SER A 273 -6.30 18.06 -23.39
C SER A 273 -6.16 17.31 -22.08
N ILE A 274 -5.44 16.19 -22.12
CA ILE A 274 -5.17 15.34 -20.95
C ILE A 274 -3.74 14.83 -21.09
N MET A 275 -3.04 14.72 -19.96
CA MET A 275 -1.72 14.12 -19.91
C MET A 275 -1.79 12.82 -19.10
N VAL A 276 -1.06 11.81 -19.54
CA VAL A 276 -1.11 10.46 -18.97
C VAL A 276 -0.10 10.29 -17.81
N ASN A 277 -0.48 9.41 -16.87
CA ASN A 277 0.34 8.97 -15.75
C ASN A 277 1.62 8.29 -16.25
N SER A 278 2.78 8.81 -15.82
CA SER A 278 4.09 8.24 -16.15
C SER A 278 4.27 6.82 -15.62
N GLY A 279 3.54 6.45 -14.58
CA GLY A 279 3.78 5.22 -13.83
C GLY A 279 3.04 3.99 -14.32
N VAL A 280 2.81 3.05 -13.41
CA VAL A 280 2.47 1.65 -13.71
C VAL A 280 1.41 1.21 -12.70
N ASP A 281 0.43 0.43 -13.19
CA ASP A 281 -0.53 -0.26 -12.36
C ASP A 281 -0.70 -1.67 -12.92
N ASN A 282 -0.71 -2.67 -12.02
CA ASN A 282 -0.83 -4.07 -12.42
C ASN A 282 0.15 -4.40 -13.56
N GLY A 283 1.38 -3.95 -13.40
CA GLY A 283 2.42 -4.30 -14.37
C GLY A 283 2.34 -3.52 -15.67
N MET A 284 1.35 -2.66 -15.84
CA MET A 284 1.13 -2.01 -17.13
C MET A 284 1.44 -0.52 -17.05
N PRO A 285 2.43 -0.02 -17.77
CA PRO A 285 2.57 1.43 -17.93
C PRO A 285 1.29 2.02 -18.51
N PHE A 286 0.85 3.12 -17.92
CA PHE A 286 -0.36 3.77 -18.48
C PHE A 286 -0.12 4.26 -19.89
N HIS A 287 1.11 4.57 -20.23
CA HIS A 287 1.40 5.08 -21.58
C HIS A 287 1.32 3.98 -22.63
N ALA A 288 1.17 2.72 -22.21
CA ALA A 288 0.97 1.61 -23.14
C ALA A 288 -0.42 0.98 -23.02
N ASN A 289 -1.35 1.63 -22.32
CA ASN A 289 -2.60 0.96 -21.90
C ASN A 289 -3.75 1.44 -22.79
N LYS A 290 -3.94 0.73 -23.91
CA LYS A 290 -5.00 1.13 -24.85
C LYS A 290 -6.37 1.04 -24.21
N GLN A 291 -6.60 0.04 -23.35
CA GLN A 291 -7.91 -0.08 -22.74
C GLN A 291 -8.27 1.19 -21.98
N LEU A 292 -7.34 1.72 -21.17
CA LEU A 292 -7.64 2.93 -20.40
C LEU A 292 -7.55 4.21 -21.22
N LEU A 293 -6.55 4.34 -22.09
CA LEU A 293 -6.42 5.59 -22.84
C LEU A 293 -7.46 5.70 -23.93
N THR A 294 -7.68 4.64 -24.70
CA THR A 294 -8.55 4.76 -25.88
C THR A 294 -9.98 4.36 -25.55
N ASP A 295 -10.17 3.26 -24.80
CA ASP A 295 -11.53 2.75 -24.60
C ASP A 295 -12.24 3.45 -23.45
N TRP A 296 -11.64 3.44 -22.25
CA TRP A 296 -12.31 4.09 -21.11
C TRP A 296 -12.45 5.59 -21.33
N LEU A 297 -11.45 6.23 -21.93
CA LEU A 297 -11.37 7.69 -21.97
C LEU A 297 -11.90 8.24 -23.30
N LYS A 298 -11.13 8.15 -24.38
CA LYS A 298 -11.55 8.77 -25.65
C LYS A 298 -12.87 8.22 -26.17
N ARG A 299 -13.01 6.89 -26.17
CA ARG A 299 -14.18 6.26 -26.77
C ARG A 299 -15.40 6.36 -25.86
N ASP A 300 -15.30 5.81 -24.67
CA ASP A 300 -16.46 5.76 -23.77
C ASP A 300 -16.98 7.16 -23.47
N LEU A 301 -16.08 8.12 -23.24
CA LEU A 301 -16.55 9.48 -22.96
C LEU A 301 -16.80 10.30 -24.24
N ASN A 302 -16.58 9.74 -25.43
CA ASN A 302 -16.73 10.44 -26.70
C ASN A 302 -16.01 11.80 -26.64
N TRP A 303 -14.71 11.74 -26.33
CA TRP A 303 -13.94 12.95 -26.07
C TRP A 303 -12.93 13.18 -27.19
N ASP A 304 -13.04 14.33 -27.87
CA ASP A 304 -12.26 14.57 -29.08
C ASP A 304 -10.99 15.38 -28.81
N GLY A 305 -10.53 15.42 -27.55
CA GLY A 305 -9.41 16.22 -27.12
C GLY A 305 -8.07 15.61 -27.49
N MET A 306 -7.01 16.25 -27.03
CA MET A 306 -5.64 15.90 -27.39
C MET A 306 -4.96 15.24 -26.18
N LEU A 307 -4.48 14.00 -26.36
CA LEU A 307 -3.83 13.22 -25.30
C LEU A 307 -2.31 13.29 -25.47
N VAL A 308 -1.63 13.83 -24.47
CA VAL A 308 -0.18 14.07 -24.51
C VAL A 308 0.48 13.18 -23.46
N THR A 309 1.69 12.69 -23.76
CA THR A 309 2.46 11.98 -22.74
C THR A 309 2.96 12.96 -21.69
N ASP A 310 3.39 12.40 -20.56
CA ASP A 310 4.22 13.13 -19.62
C ASP A 310 5.68 13.02 -20.09
N TRP A 311 6.60 13.62 -19.33
CA TRP A 311 7.97 13.89 -19.79
C TRP A 311 8.77 12.61 -20.08
N ALA A 312 9.13 12.43 -21.35
CA ALA A 312 10.00 11.34 -21.79
C ALA A 312 9.36 9.98 -21.57
N ASP A 313 8.03 9.89 -21.45
CA ASP A 313 7.46 8.61 -21.05
C ASP A 313 7.42 7.57 -22.15
N ILE A 314 7.53 7.96 -23.42
CA ILE A 314 7.73 6.92 -24.42
C ILE A 314 9.12 6.30 -24.25
N ASP A 315 10.15 7.10 -23.96
CA ASP A 315 11.46 6.50 -23.67
C ASP A 315 11.36 5.55 -22.48
N ASN A 316 10.56 5.92 -21.48
CA ASN A 316 10.48 5.10 -20.28
C ASN A 316 9.96 3.70 -20.59
N LEU A 317 9.09 3.57 -21.59
CA LEU A 317 8.53 2.25 -21.89
C LEU A 317 9.63 1.25 -22.22
N TYR A 318 10.65 1.65 -22.99
CA TYR A 318 11.74 0.71 -23.24
C TYR A 318 12.88 0.82 -22.24
N LYS A 319 13.26 2.03 -21.82
CA LYS A 319 14.41 2.15 -20.93
C LYS A 319 14.09 1.76 -19.49
N ARG A 320 13.01 2.29 -18.93
CA ARG A 320 12.73 2.09 -17.52
C ARG A 320 11.97 0.78 -17.29
N ASP A 321 10.90 0.56 -18.06
CA ASP A 321 9.99 -0.55 -17.74
C ASP A 321 10.24 -1.80 -18.57
N ARG A 322 10.96 -1.67 -19.70
CA ARG A 322 11.34 -2.83 -20.52
C ARG A 322 10.11 -3.61 -20.97
N VAL A 323 9.07 -2.87 -21.37
CA VAL A 323 7.96 -3.48 -22.11
C VAL A 323 8.12 -3.30 -23.60
N ALA A 324 9.19 -2.66 -24.02
CA ALA A 324 9.51 -2.49 -25.43
C ALA A 324 11.01 -2.66 -25.53
N ASN A 325 11.50 -3.08 -26.69
CA ASN A 325 12.94 -3.32 -26.84
C ASN A 325 13.71 -2.10 -27.37
N ASN A 326 13.04 -1.08 -27.89
CA ASN A 326 13.76 0.06 -28.43
C ASN A 326 12.77 1.21 -28.61
N LYS A 327 13.28 2.39 -28.98
CA LYS A 327 12.42 3.57 -29.03
C LYS A 327 11.38 3.45 -30.13
N LYS A 328 11.74 2.86 -31.27
CA LYS A 328 10.75 2.68 -32.34
C LYS A 328 9.55 1.88 -31.85
N GLU A 329 9.81 0.75 -31.19
CA GLU A 329 8.73 -0.07 -30.68
C GLU A 329 7.95 0.66 -29.61
N ALA A 330 8.65 1.42 -28.76
CA ALA A 330 7.97 2.19 -27.73
C ALA A 330 7.05 3.25 -28.34
N ILE A 331 7.52 3.96 -29.38
CA ILE A 331 6.64 4.94 -30.04
C ILE A 331 5.37 4.28 -30.56
N ALA A 332 5.52 3.18 -31.32
CA ALA A 332 4.37 2.51 -31.88
C ALA A 332 3.37 2.10 -30.80
N MET A 333 3.87 1.52 -29.70
CA MET A 333 3.01 1.08 -28.59
C MET A 333 2.18 2.23 -28.05
N ALA A 334 2.82 3.38 -27.81
CA ALA A 334 2.16 4.52 -27.18
C ALA A 334 1.16 5.17 -28.15
N ILE A 335 1.59 5.40 -29.39
CA ILE A 335 0.69 6.01 -30.37
C ILE A 335 -0.49 5.08 -30.64
N ASN A 336 -0.22 3.78 -30.82
CA ASN A 336 -1.33 2.85 -31.04
C ASN A 336 -2.23 2.76 -29.80
N ALA A 337 -1.71 3.04 -28.61
CA ALA A 337 -2.55 3.01 -27.41
C ALA A 337 -3.46 4.22 -27.30
N GLY A 338 -3.20 5.27 -28.07
CA GLY A 338 -4.04 6.47 -28.06
C GLY A 338 -3.31 7.79 -27.84
N ILE A 339 -2.01 7.75 -27.55
CA ILE A 339 -1.24 9.00 -27.43
C ILE A 339 -1.30 9.78 -28.74
N ASP A 340 -1.58 11.08 -28.65
CA ASP A 340 -1.54 11.97 -29.82
C ASP A 340 -0.23 12.74 -29.98
N MET A 341 0.41 13.13 -28.88
CA MET A 341 1.58 14.01 -28.88
C MET A 341 2.62 13.47 -27.91
N SER A 342 3.88 13.36 -28.33
CA SER A 342 4.93 12.86 -27.44
C SER A 342 5.74 14.03 -26.88
N MET A 343 5.77 14.13 -25.57
CA MET A 343 6.65 15.07 -24.89
C MET A 343 7.99 14.37 -24.84
N ASP A 344 8.74 14.49 -25.96
CA ASP A 344 9.84 13.56 -26.18
C ASP A 344 10.90 13.58 -25.08
N PRO A 345 11.41 14.75 -24.63
CA PRO A 345 11.19 16.12 -25.11
C PRO A 345 12.45 16.71 -25.73
N TYR A 346 13.42 15.89 -26.13
CA TYR A 346 14.68 16.44 -26.58
C TYR A 346 15.05 16.11 -28.02
N ASP A 347 14.49 15.05 -28.62
CA ASP A 347 15.06 14.50 -29.86
C ASP A 347 14.11 14.72 -31.03
N VAL A 348 14.51 15.57 -31.99
CA VAL A 348 13.78 15.61 -33.26
C VAL A 348 13.70 14.25 -33.93
N GLY A 349 14.64 13.34 -33.64
CA GLY A 349 14.64 12.02 -34.28
C GLY A 349 13.39 11.20 -34.00
N PHE A 350 12.57 11.65 -33.05
CA PHE A 350 11.24 11.07 -32.89
C PHE A 350 10.46 11.07 -34.21
N THR A 351 10.54 12.17 -34.96
CA THR A 351 9.79 12.22 -36.21
C THR A 351 10.27 11.14 -37.17
N ASP A 352 11.59 10.93 -37.26
CA ASP A 352 12.11 9.88 -38.15
C ASP A 352 11.62 8.51 -37.72
N LEU A 353 11.64 8.23 -36.40
CA LEU A 353 11.19 6.94 -35.91
C LEU A 353 9.68 6.73 -36.11
N LEU A 354 8.87 7.77 -35.91
CA LEU A 354 7.44 7.59 -36.14
C LEU A 354 7.16 7.37 -37.63
N LYS A 355 7.87 8.11 -38.49
CA LYS A 355 7.77 7.85 -39.92
C LYS A 355 8.15 6.41 -40.25
N GLN A 356 9.18 5.88 -39.58
CA GLN A 356 9.54 4.47 -39.79
C GLN A 356 8.42 3.54 -39.37
N CYS A 357 7.79 3.80 -38.21
CA CYS A 357 6.62 3.04 -37.83
C CYS A 357 5.56 3.05 -38.91
N VAL A 358 5.33 4.20 -39.53
CA VAL A 358 4.28 4.26 -40.54
C VAL A 358 4.70 3.49 -41.77
N ASN A 359 5.96 3.67 -42.22
CA ASN A 359 6.39 2.99 -43.44
C ASN A 359 6.45 1.48 -43.25
N GLU A 360 6.77 1.02 -42.04
CA GLU A 360 6.82 -0.42 -41.75
C GLU A 360 5.46 -0.98 -41.33
N GLY A 361 4.43 -0.15 -41.27
CA GLY A 361 3.10 -0.60 -40.93
C GLY A 361 2.89 -0.92 -39.47
N LEU A 362 3.75 -0.40 -38.59
CA LEU A 362 3.60 -0.61 -37.15
C LEU A 362 2.50 0.28 -36.57
N VAL A 363 2.25 1.41 -37.21
CA VAL A 363 1.20 2.36 -36.84
C VAL A 363 0.43 2.66 -38.12
N PRO A 364 -0.89 2.50 -38.15
CA PRO A 364 -1.65 2.80 -39.36
C PRO A 364 -1.84 4.29 -39.55
N MET A 365 -1.94 4.72 -40.82
CA MET A 365 -2.12 6.15 -41.12
C MET A 365 -3.40 6.68 -40.48
N SER A 366 -4.41 5.81 -40.32
CA SER A 366 -5.65 6.24 -39.66
C SER A 366 -5.39 6.76 -38.25
N ARG A 367 -4.43 6.15 -37.53
CA ARG A 367 -4.09 6.61 -36.17
C ARG A 367 -3.27 7.90 -36.22
N ILE A 368 -2.37 8.00 -37.20
CA ILE A 368 -1.65 9.26 -37.43
C ILE A 368 -2.63 10.39 -37.72
N ASP A 369 -3.57 10.14 -38.65
CA ASP A 369 -4.49 11.18 -39.09
C ASP A 369 -5.44 11.60 -37.97
N ASP A 370 -5.85 10.64 -37.11
CA ASP A 370 -6.66 10.99 -35.95
C ASP A 370 -5.87 11.80 -34.93
N ALA A 371 -4.62 11.41 -34.67
CA ALA A 371 -3.81 12.17 -33.74
C ALA A 371 -3.60 13.60 -34.23
N VAL A 372 -3.29 13.75 -35.52
CA VAL A 372 -3.07 15.08 -36.06
C VAL A 372 -4.37 15.87 -36.04
N SER A 373 -5.49 15.21 -36.35
CA SER A 373 -6.77 15.90 -36.28
C SER A 373 -7.01 16.44 -34.87
N ARG A 374 -6.68 15.66 -33.84
CA ARG A 374 -6.87 16.15 -32.48
C ARG A 374 -5.95 17.32 -32.14
N ILE A 375 -4.72 17.30 -32.66
CA ILE A 375 -3.81 18.42 -32.40
C ILE A 375 -4.27 19.67 -33.16
N LEU A 376 -4.61 19.51 -34.44
CA LEU A 376 -5.11 20.66 -35.20
C LEU A 376 -6.37 21.24 -34.59
N ARG A 377 -7.28 20.36 -34.16
CA ARG A 377 -8.51 20.79 -33.53
C ARG A 377 -8.23 21.67 -32.34
N MET A 378 -7.26 21.29 -31.51
CA MET A 378 -6.93 22.09 -30.34
C MET A 378 -6.37 23.45 -30.75
N LYS A 379 -5.55 23.47 -31.81
CA LYS A 379 -4.94 24.73 -32.26
C LYS A 379 -5.99 25.69 -32.78
N PHE A 380 -6.99 25.19 -33.53
CA PHE A 380 -8.09 26.05 -34.00
C PHE A 380 -8.95 26.55 -32.83
N ARG A 381 -9.18 25.70 -31.82
CA ARG A 381 -10.02 26.11 -30.69
C ARG A 381 -9.42 27.28 -29.95
N LEU A 382 -8.10 27.32 -29.88
CA LEU A 382 -7.36 28.41 -29.27
C LEU A 382 -7.19 29.61 -30.19
N GLY A 383 -7.74 29.58 -31.40
CA GLY A 383 -7.61 30.71 -32.31
C GLY A 383 -6.22 30.94 -32.86
N LEU A 384 -5.36 29.93 -32.85
CA LEU A 384 -3.95 30.15 -33.15
C LEU A 384 -3.62 30.29 -34.62
N PHE A 385 -4.46 29.80 -35.54
CA PHE A 385 -4.17 30.03 -36.96
C PHE A 385 -4.37 31.49 -37.34
N ASP A 386 -5.48 32.10 -36.89
CA ASP A 386 -5.75 33.51 -37.14
C ASP A 386 -4.94 34.42 -36.23
N ALA A 387 -4.61 33.94 -35.03
CA ALA A 387 -3.84 34.72 -34.05
C ALA A 387 -2.73 33.86 -33.43
N PRO A 388 -1.64 33.60 -34.15
CA PRO A 388 -0.53 32.86 -33.52
C PRO A 388 0.19 33.70 -32.49
N THR A 389 0.17 35.03 -32.63
CA THR A 389 0.60 35.93 -31.59
C THR A 389 -0.47 37.00 -31.46
N TRP A 390 -0.32 37.89 -30.50
CA TRP A 390 -1.35 38.88 -30.18
C TRP A 390 -0.70 39.99 -29.36
N ASN A 391 -1.48 41.00 -29.01
CA ASN A 391 -0.90 42.23 -28.46
C ASN A 391 -0.62 42.06 -26.98
N TRP A 392 0.48 41.36 -26.68
CA TRP A 392 0.87 41.14 -25.28
C TRP A 392 1.28 42.45 -24.58
N ARG A 393 1.80 43.44 -25.32
CA ARG A 393 2.21 44.70 -24.68
C ARG A 393 1.02 45.51 -24.17
N ARG A 394 -0.13 45.39 -24.81
CA ARG A 394 -1.23 46.28 -24.48
C ARG A 394 -2.42 45.62 -23.79
N ASP A 395 -2.71 44.36 -24.07
CA ASP A 395 -4.00 43.81 -23.70
C ASP A 395 -4.04 43.20 -22.30
N TYR A 396 -2.94 43.22 -21.53
CA TYR A 396 -2.91 42.54 -20.23
C TYR A 396 -2.49 43.48 -19.10
N PRO A 397 -3.14 44.66 -18.97
CA PRO A 397 -2.68 45.61 -17.96
C PRO A 397 -2.89 45.14 -16.53
N LEU A 398 -3.74 44.12 -16.29
CA LEU A 398 -3.95 43.59 -14.93
C LEU A 398 -2.92 42.52 -14.53
N PHE A 399 -1.97 42.20 -15.41
CA PHE A 399 -0.90 41.27 -15.06
C PHE A 399 -0.24 41.71 -13.76
N GLY A 400 -0.20 40.81 -12.78
CA GLY A 400 0.48 41.15 -11.52
C GLY A 400 -0.16 42.28 -10.74
N SER A 401 -1.43 42.57 -10.98
CA SER A 401 -2.07 43.71 -10.34
C SER A 401 -2.42 43.41 -8.88
N ALA A 402 -2.74 44.47 -8.15
CA ALA A 402 -3.23 44.30 -6.78
C ALA A 402 -4.59 43.58 -6.73
N GLN A 403 -5.44 43.81 -7.73
CA GLN A 403 -6.72 43.08 -7.81
C GLN A 403 -6.50 41.58 -7.86
N HIS A 404 -5.54 41.16 -8.67
CA HIS A 404 -5.24 39.74 -8.76
C HIS A 404 -4.63 39.21 -7.47
N ALA A 405 -3.74 40.00 -6.86
CA ALA A 405 -3.12 39.60 -5.60
C ALA A 405 -4.17 39.44 -4.50
N ASP A 406 -5.19 40.29 -4.50
CA ASP A 406 -6.27 40.17 -3.52
C ASP A 406 -6.95 38.80 -3.60
N VAL A 407 -7.16 38.29 -4.81
CA VAL A 407 -7.78 36.96 -4.93
C VAL A 407 -6.81 35.89 -4.41
N ALA A 408 -5.52 36.03 -4.72
CA ALA A 408 -4.56 35.07 -4.17
C ALA A 408 -4.54 35.12 -2.66
N ARG A 409 -4.60 36.32 -2.08
CA ARG A 409 -4.55 36.40 -0.62
C ARG A 409 -5.82 35.85 -0.01
N GLN A 410 -6.97 36.07 -0.63
CA GLN A 410 -8.19 35.46 -0.08
C GLN A 410 -8.18 33.94 -0.20
N SER A 411 -7.72 33.41 -1.34
N SER A 411 -7.69 33.40 -1.32
CA SER A 411 -7.51 31.97 -1.48
CA SER A 411 -7.59 31.95 -1.42
C SER A 411 -6.63 31.45 -0.37
C SER A 411 -6.59 31.39 -0.40
N ALA A 412 -5.48 32.10 -0.15
CA ALA A 412 -4.56 31.67 0.91
C ALA A 412 -5.27 31.66 2.27
N GLU A 413 -6.00 32.75 2.58
CA GLU A 413 -6.71 32.82 3.86
C GLU A 413 -7.68 31.66 4.01
N GLU A 414 -8.52 31.44 2.99
CA GLU A 414 -9.56 30.42 3.13
C GLU A 414 -9.01 29.01 3.17
N SER A 415 -7.76 28.83 2.76
CA SER A 415 -7.12 27.52 2.75
C SER A 415 -6.54 27.11 4.10
N MET A 416 -6.19 28.07 4.96
CA MET A 416 -5.44 27.72 6.17
C MET A 416 -6.40 27.10 7.18
N VAL A 417 -5.96 26.04 7.83
CA VAL A 417 -6.82 25.20 8.67
C VAL A 417 -6.41 25.40 10.12
N LEU A 418 -7.30 25.98 10.92
CA LEU A 418 -7.12 26.06 12.36
C LEU A 418 -7.49 24.70 12.92
N LEU A 419 -6.49 23.95 13.38
CA LEU A 419 -6.74 22.59 13.85
C LEU A 419 -6.92 22.51 15.36
N LYS A 420 -6.46 23.51 16.10
CA LYS A 420 -6.53 23.49 17.54
C LYS A 420 -6.42 24.93 17.99
N ASN A 421 -7.22 25.32 19.00
CA ASN A 421 -7.05 26.68 19.53
C ASN A 421 -7.60 26.75 20.95
N GLU A 422 -6.80 26.33 21.92
CA GLU A 422 -7.21 26.25 23.30
C GLU A 422 -7.01 27.58 24.01
N GLY A 423 -7.91 27.88 24.93
CA GLY A 423 -7.81 29.08 25.74
C GLY A 423 -7.85 30.39 25.00
N GLN A 424 -8.48 30.42 23.83
CA GLN A 424 -8.59 31.61 22.99
C GLN A 424 -7.24 32.27 22.75
N LEU A 425 -6.19 31.44 22.60
CA LEU A 425 -4.88 32.00 22.29
C LEU A 425 -4.94 32.82 21.02
N LEU A 426 -5.61 32.30 19.96
CA LEU A 426 -5.80 33.07 18.74
C LEU A 426 -7.23 33.60 18.70
N PRO A 427 -7.45 34.79 18.15
CA PRO A 427 -6.45 35.67 17.53
C PRO A 427 -5.56 36.38 18.53
N LEU A 428 -4.34 36.72 18.10
CA LEU A 428 -3.41 37.49 18.91
C LEU A 428 -3.90 38.92 19.05
N ARG A 429 -3.32 39.66 19.98
CA ARG A 429 -3.81 40.99 20.28
C ARG A 429 -2.65 41.99 20.31
N ALA A 430 -3.04 43.26 20.34
CA ALA A 430 -2.10 44.37 20.52
C ALA A 430 -1.35 44.20 21.84
N GLY A 431 -0.13 44.69 21.85
CA GLY A 431 0.67 44.64 23.05
C GLY A 431 1.43 43.35 23.26
N GLN A 432 1.16 42.30 22.49
CA GLN A 432 1.88 41.05 22.70
C GLN A 432 3.20 41.09 21.92
N LYS A 433 4.27 40.72 22.59
CA LYS A 433 5.56 40.57 21.93
C LYS A 433 5.63 39.19 21.31
N ILE A 434 5.84 39.11 20.01
CA ILE A 434 5.72 37.86 19.28
C ILE A 434 7.11 37.42 18.83
N LEU A 435 7.46 36.15 19.09
CA LEU A 435 8.67 35.57 18.53
C LEU A 435 8.31 34.66 17.37
N LEU A 436 8.97 34.83 16.23
CA LEU A 436 8.83 33.90 15.11
C LEU A 436 10.03 32.95 15.18
N ALA A 437 9.76 31.65 15.28
CA ALA A 437 10.78 30.61 15.36
C ALA A 437 10.50 29.55 14.30
N GLY A 438 11.46 28.66 14.12
CA GLY A 438 11.32 27.56 13.18
C GLY A 438 11.90 27.88 11.81
N PRO A 439 12.22 26.84 11.05
CA PRO A 439 12.92 27.06 9.76
C PRO A 439 12.01 27.51 8.65
N ASN A 440 10.68 27.45 8.83
CA ASN A 440 9.74 27.93 7.83
C ASN A 440 9.30 29.36 8.11
N ALA A 441 9.85 30.02 9.16
CA ALA A 441 9.33 31.32 9.58
C ALA A 441 9.73 32.46 8.65
N ASN A 442 10.80 32.32 7.85
CA ASN A 442 11.28 33.45 7.07
C ASN A 442 11.74 32.98 5.69
N SER A 443 10.84 32.32 4.97
CA SER A 443 11.19 31.75 3.68
C SER A 443 10.00 31.79 2.72
N LEU A 444 10.22 32.37 1.53
CA LEU A 444 9.21 32.28 0.47
C LEU A 444 9.23 30.90 -0.19
N ARG A 445 10.40 30.28 -0.22
CA ARG A 445 10.48 28.89 -0.69
C ARG A 445 9.60 27.98 0.16
N ALA A 446 9.59 28.22 1.47
CA ALA A 446 8.78 27.39 2.36
C ALA A 446 7.30 27.59 2.06
N LEU A 447 6.91 28.84 1.84
CA LEU A 447 5.50 29.18 1.61
C LEU A 447 4.97 28.61 0.29
N ASN A 448 5.82 28.58 -0.74
CA ASN A 448 5.41 28.15 -2.06
C ASN A 448 5.59 26.66 -2.32
N GLY A 449 6.65 26.05 -1.78
CA GLY A 449 6.87 24.68 -2.17
C GLY A 449 7.45 24.60 -3.59
N GLY A 450 7.39 23.40 -4.17
CA GLY A 450 7.91 23.16 -5.50
C GLY A 450 7.05 23.83 -6.56
N TRP A 451 7.40 23.56 -7.81
CA TRP A 451 6.73 24.19 -8.95
C TRP A 451 6.53 25.68 -8.71
N THR A 452 7.61 26.36 -8.34
CA THR A 452 7.54 27.81 -8.18
C THR A 452 8.85 28.42 -8.69
N TYR A 453 8.78 29.08 -9.86
CA TYR A 453 9.85 29.78 -10.58
C TYR A 453 10.91 28.81 -11.11
N THR A 454 11.27 27.82 -10.29
CA THR A 454 12.01 26.66 -10.75
C THR A 454 11.21 25.41 -10.38
N TRP A 455 11.57 24.31 -11.02
CA TRP A 455 10.88 23.05 -10.82
C TRP A 455 10.87 22.64 -9.34
N GLN A 456 12.04 22.64 -8.69
CA GLN A 456 12.14 22.27 -7.28
C GLN A 456 11.69 23.40 -6.33
N GLY A 457 11.42 24.59 -6.86
CA GLY A 457 11.09 25.70 -6.00
C GLY A 457 12.25 26.20 -5.16
N HIS A 458 13.47 25.82 -5.51
CA HIS A 458 14.60 25.95 -4.59
C HIS A 458 15.33 27.29 -4.68
N ARG A 459 14.83 28.25 -5.49
CA ARG A 459 15.49 29.55 -5.64
C ARG A 459 14.53 30.71 -5.38
N THR A 460 13.41 30.45 -4.75
CA THR A 460 12.35 31.44 -4.78
C THR A 460 12.71 32.68 -3.97
N ASP A 461 13.38 32.51 -2.83
CA ASP A 461 13.78 33.71 -2.08
C ASP A 461 14.80 34.53 -2.86
N GLU A 462 15.64 33.86 -3.64
CA GLU A 462 16.63 34.56 -4.47
CA GLU A 462 16.62 34.58 -4.46
C GLU A 462 15.95 35.32 -5.60
N LEU A 463 14.96 34.69 -6.24
CA LEU A 463 14.38 35.21 -7.47
C LEU A 463 13.28 36.23 -7.26
N ALA A 464 12.62 36.21 -6.10
CA ALA A 464 11.44 37.03 -5.91
C ALA A 464 11.35 37.56 -4.48
N PRO A 465 12.38 38.25 -3.98
CA PRO A 465 12.38 38.70 -2.58
C PRO A 465 11.32 39.75 -2.26
N GLN A 466 10.62 40.29 -3.26
CA GLN A 466 9.63 41.33 -2.97
C GLN A 466 8.40 40.79 -2.23
N TYR A 467 8.13 39.48 -2.28
CA TYR A 467 6.96 38.94 -1.58
C TYR A 467 7.30 38.74 -0.12
N LYS A 468 6.27 38.59 0.72
CA LYS A 468 6.46 38.66 2.17
C LYS A 468 6.54 37.27 2.80
N THR A 469 7.61 37.02 3.54
CA THR A 469 7.68 35.79 4.33
C THR A 469 6.72 35.88 5.51
N ILE A 470 6.54 34.76 6.21
CA ILE A 470 5.69 34.82 7.39
C ILE A 470 6.16 35.91 8.34
N TYR A 471 7.46 35.92 8.66
CA TYR A 471 8.02 36.95 9.54
C TYR A 471 7.75 38.36 9.03
N GLU A 472 8.06 38.61 7.75
CA GLU A 472 7.84 39.94 7.17
C GLU A 472 6.37 40.37 7.31
N ALA A 473 5.44 39.48 6.98
CA ALA A 473 4.03 39.85 7.01
C ALA A 473 3.54 40.05 8.44
N MET A 474 4.03 39.22 9.38
CA MET A 474 3.70 39.39 10.79
C MET A 474 4.24 40.72 11.32
N ALA A 475 5.51 41.05 10.98
CA ALA A 475 6.06 42.31 11.45
C ALA A 475 5.29 43.52 10.92
N GLU A 476 4.87 43.47 9.66
CA GLU A 476 4.12 44.59 9.11
C GLU A 476 2.76 44.75 9.77
N ARG A 477 2.08 43.65 10.05
CA ARG A 477 0.74 43.72 10.62
C ARG A 477 0.76 44.04 12.10
N PHE A 478 1.65 43.40 12.87
CA PHE A 478 1.68 43.64 14.30
C PHE A 478 2.64 44.75 14.73
N GLY A 479 3.47 45.24 13.83
CA GLY A 479 4.42 46.28 14.19
C GLY A 479 5.82 45.70 14.24
N GLN A 480 6.78 46.38 13.60
CA GLN A 480 8.14 45.84 13.55
C GLN A 480 8.74 45.71 14.94
N ASP A 481 8.30 46.53 15.87
CA ASP A 481 8.83 46.54 17.21
C ASP A 481 8.26 45.41 18.04
N LYS A 482 7.17 44.78 17.59
CA LYS A 482 6.53 43.71 18.37
C LYS A 482 6.88 42.32 17.88
N VAL A 483 7.58 42.19 16.76
CA VAL A 483 7.87 40.88 16.15
C VAL A 483 9.38 40.71 16.00
N THR A 484 9.88 39.58 16.50
CA THR A 484 11.29 39.22 16.55
C THR A 484 11.48 37.90 15.83
N LEU A 485 12.57 37.78 15.07
CA LEU A 485 12.88 36.53 14.39
C LEU A 485 14.06 35.86 15.09
N SER A 486 13.87 34.62 15.55
CA SER A 486 14.98 33.80 16.03
C SER A 486 14.61 32.35 15.76
N GLN A 487 15.23 31.74 14.73
CA GLN A 487 14.63 30.51 14.19
C GLN A 487 14.93 29.29 15.02
N GLY A 488 16.16 29.16 15.53
CA GLY A 488 16.54 27.98 16.31
C GLY A 488 16.90 26.78 15.45
N VAL A 489 16.28 26.65 14.29
CA VAL A 489 16.59 25.60 13.31
C VAL A 489 16.54 26.24 11.95
N VAL A 490 17.50 25.89 11.09
CA VAL A 490 17.63 26.54 9.78
C VAL A 490 17.78 25.48 8.69
N TYR A 491 17.06 25.68 7.55
CA TYR A 491 17.33 24.86 6.35
C TYR A 491 18.57 25.40 5.63
N PRO A 492 19.44 24.53 5.14
CA PRO A 492 20.54 24.99 4.28
C PRO A 492 20.04 25.47 2.93
N LYS A 493 20.88 26.28 2.25
CA LYS A 493 20.55 26.64 0.87
C LYS A 493 20.67 25.41 -0.02
N ALA A 494 19.80 25.31 -1.02
CA ALA A 494 19.76 24.11 -1.85
C ALA A 494 20.97 24.06 -2.78
N ASP A 495 21.48 22.83 -3.01
CA ASP A 495 22.38 22.66 -4.15
C ASP A 495 21.54 22.64 -5.43
N GLU A 496 22.21 22.59 -6.59
CA GLU A 496 21.47 22.73 -7.86
C GLU A 496 20.41 21.63 -8.03
N ALA A 497 20.69 20.41 -7.56
CA ALA A 497 19.74 19.30 -7.68
C ALA A 497 18.71 19.27 -6.54
N ASN A 498 18.80 20.19 -5.59
CA ASN A 498 17.94 20.17 -4.40
C ASN A 498 18.06 18.82 -3.70
N SER A 499 19.28 18.28 -3.65
CA SER A 499 19.42 16.98 -3.02
C SER A 499 19.34 17.07 -1.51
N ASN A 500 19.43 18.28 -0.93
CA ASN A 500 19.40 18.49 0.50
C ASN A 500 18.12 19.16 1.00
N TRP A 501 16.99 19.02 0.27
CA TRP A 501 15.71 19.58 0.72
C TRP A 501 15.31 19.08 2.11
N ALA A 502 15.65 17.83 2.48
CA ALA A 502 15.21 17.31 3.78
C ALA A 502 16.12 17.71 4.93
N ALA A 503 17.30 18.25 4.65
CA ALA A 503 18.25 18.57 5.71
C ALA A 503 17.80 19.81 6.47
N ASP A 504 18.12 19.85 7.76
CA ASP A 504 18.09 21.09 8.51
C ASP A 504 19.12 20.97 9.62
N SER A 505 19.36 22.08 10.32
N SER A 505 19.36 22.08 10.32
CA SER A 505 20.41 22.14 11.31
CA SER A 505 20.43 22.15 11.31
C SER A 505 19.94 22.94 12.52
C SER A 505 19.97 22.96 12.51
N MET A 506 20.39 22.54 13.71
CA MET A 506 20.19 23.38 14.88
C MET A 506 21.02 24.65 14.66
N ALA A 507 20.51 25.77 15.14
CA ALA A 507 21.15 27.07 14.88
C ALA A 507 21.13 27.89 16.17
N ASP A 508 22.14 27.71 17.00
CA ASP A 508 22.20 28.38 18.30
C ASP A 508 20.87 28.32 19.03
N LEU A 509 20.44 27.10 19.33
CA LEU A 509 19.17 26.92 20.01
C LEU A 509 19.14 27.73 21.31
N ALA A 510 20.26 27.79 22.04
CA ALA A 510 20.22 28.47 23.35
C ALA A 510 19.78 29.93 23.20
N ALA A 511 20.28 30.63 22.18
CA ALA A 511 19.89 32.02 22.00
C ALA A 511 18.42 32.13 21.65
N THR A 512 17.89 31.18 20.90
CA THR A 512 16.47 31.23 20.56
C THR A 512 15.62 30.99 21.79
N LEU A 513 16.07 30.12 22.70
CA LEU A 513 15.32 29.92 23.92
C LEU A 513 15.36 31.16 24.80
N ARG A 514 16.50 31.86 24.82
CA ARG A 514 16.54 33.15 25.52
C ARG A 514 15.58 34.16 24.90
N ALA A 515 15.51 34.20 23.57
CA ALA A 515 14.53 35.09 22.92
C ALA A 515 13.11 34.69 23.29
N ALA A 516 12.84 33.38 23.38
CA ALA A 516 11.49 32.94 23.73
C ALA A 516 11.11 33.37 25.15
N GLN A 517 12.05 33.28 26.10
CA GLN A 517 11.72 33.69 27.46
C GLN A 517 11.37 35.17 27.53
N ALA A 518 11.82 35.97 26.58
CA ALA A 518 11.50 37.39 26.58
C ALA A 518 10.22 37.72 25.84
N ALA A 519 9.66 36.80 25.09
CA ALA A 519 8.47 37.07 24.29
C ALA A 519 7.20 36.77 25.10
N ASP A 520 6.06 37.15 24.55
CA ASP A 520 4.78 36.76 25.14
C ASP A 520 4.14 35.56 24.46
N VAL A 521 4.35 35.38 23.16
CA VAL A 521 3.80 34.25 22.44
C VAL A 521 4.82 33.85 21.39
N ILE A 522 4.91 32.55 21.13
CA ILE A 522 5.88 32.01 20.18
C ILE A 522 5.09 31.45 19.02
N VAL A 523 5.42 31.89 17.80
CA VAL A 523 4.81 31.34 16.59
C VAL A 523 5.88 30.48 15.93
N ALA A 524 5.76 29.17 16.05
CA ALA A 524 6.82 28.26 15.62
C ALA A 524 6.40 27.64 14.28
N CYS A 525 7.18 27.91 13.23
CA CYS A 525 6.82 27.52 11.86
C CYS A 525 7.73 26.36 11.45
N VAL A 526 7.14 25.16 11.30
CA VAL A 526 7.89 23.93 11.07
C VAL A 526 7.19 23.20 9.94
N GLY A 527 7.87 22.18 9.42
CA GLY A 527 7.28 21.35 8.37
C GLY A 527 8.33 20.85 7.39
N GLU A 528 8.20 21.23 6.11
CA GLU A 528 9.16 20.83 5.09
C GLU A 528 9.68 22.06 4.36
N ASN A 529 10.89 21.94 3.82
CA ASN A 529 11.37 22.80 2.74
C ASN A 529 10.77 22.34 1.41
N SER A 530 11.00 23.10 0.33
CA SER A 530 10.38 22.78 -0.95
C SER A 530 11.06 21.60 -1.64
N TYR A 531 10.28 20.86 -2.42
CA TYR A 531 10.77 19.74 -3.23
C TYR A 531 9.75 19.49 -4.33
N CYS A 532 10.10 18.64 -5.29
CA CYS A 532 9.13 18.31 -6.33
C CYS A 532 9.46 16.94 -6.94
N GLU A 533 8.46 16.08 -7.06
CA GLU A 533 8.52 14.78 -7.77
C GLU A 533 9.55 13.88 -7.08
N THR A 534 10.21 13.02 -7.86
CA THR A 534 11.07 11.98 -7.28
C THR A 534 12.18 12.52 -6.38
N PRO A 535 12.84 13.66 -6.65
CA PRO A 535 13.82 14.19 -5.71
C PRO A 535 13.26 14.39 -4.31
N GLY A 536 11.93 14.55 -4.18
CA GLY A 536 11.31 14.73 -2.88
C GLY A 536 10.85 13.47 -2.16
N ASN A 537 11.14 12.27 -2.69
CA ASN A 537 10.75 11.01 -2.01
C ASN A 537 11.26 11.01 -0.58
N LEU A 538 10.46 10.43 0.35
CA LEU A 538 10.91 10.36 1.73
C LEU A 538 10.94 8.91 2.19
N THR A 539 11.63 8.66 3.30
CA THR A 539 11.68 7.31 3.85
C THR A 539 10.97 7.17 5.18
N ASP A 540 10.66 8.28 5.86
CA ASP A 540 9.94 8.25 7.14
C ASP A 540 9.09 9.50 7.22
N LEU A 541 7.79 9.35 7.48
CA LEU A 541 6.89 10.50 7.50
C LEU A 541 7.11 11.46 8.67
N HIS A 542 7.85 11.06 9.71
CA HIS A 542 8.02 11.94 10.86
C HIS A 542 8.59 13.29 10.46
N LEU A 543 8.10 14.36 11.11
CA LEU A 543 8.82 15.63 11.11
C LEU A 543 10.27 15.40 11.47
N SER A 544 11.15 16.27 10.96
CA SER A 544 12.56 16.06 11.22
C SER A 544 12.88 16.13 12.71
N PRO A 545 13.88 15.36 13.16
CA PRO A 545 14.23 15.37 14.59
C PRO A 545 14.62 16.74 15.13
N ASN A 546 15.38 17.53 14.36
CA ASN A 546 15.73 18.86 14.84
C ASN A 546 14.49 19.73 15.06
N GLN A 547 13.52 19.66 14.15
CA GLN A 547 12.33 20.50 14.34
C GLN A 547 11.49 20.02 15.54
N ARG A 548 11.41 18.70 15.76
CA ARG A 548 10.76 18.20 16.96
C ARG A 548 11.45 18.70 18.22
N THR A 549 12.79 18.59 18.27
CA THR A 549 13.52 19.09 19.43
C THR A 549 13.26 20.57 19.65
N LEU A 550 13.28 21.37 18.58
CA LEU A 550 13.03 22.81 18.71
C LEU A 550 11.73 23.09 19.47
N VAL A 551 10.63 22.48 19.03
CA VAL A 551 9.34 22.77 19.64
C VAL A 551 9.30 22.27 21.07
N LYS A 552 9.90 21.10 21.34
CA LYS A 552 9.94 20.62 22.72
C LYS A 552 10.71 21.57 23.61
N GLU A 553 11.86 22.08 23.12
CA GLU A 553 12.65 22.98 23.96
C GLU A 553 11.97 24.35 24.10
N LEU A 554 11.36 24.85 23.03
CA LEU A 554 10.52 26.04 23.18
C LEU A 554 9.43 25.85 24.24
N ALA A 555 8.78 24.69 24.26
CA ALA A 555 7.66 24.51 25.18
C ALA A 555 8.12 24.59 26.63
N LYS A 556 9.36 24.19 26.91
CA LYS A 556 9.90 24.26 28.26
C LYS A 556 10.08 25.69 28.78
N THR A 557 10.03 26.71 27.91
CA THR A 557 10.08 28.08 28.41
C THR A 557 8.81 28.43 29.17
N GLY A 558 7.74 27.67 29.01
CA GLY A 558 6.45 28.00 29.60
C GLY A 558 5.62 28.98 28.82
N LYS A 559 6.11 29.51 27.69
CA LYS A 559 5.35 30.46 26.88
C LYS A 559 4.38 29.72 25.97
N PRO A 560 3.24 30.31 25.63
CA PRO A 560 2.32 29.65 24.71
C PRO A 560 2.87 29.63 23.30
N ILE A 561 2.60 28.51 22.63
CA ILE A 561 3.10 28.24 21.27
C ILE A 561 1.93 28.13 20.30
N VAL A 562 1.99 28.90 19.22
CA VAL A 562 1.17 28.71 18.03
C VAL A 562 2.04 27.92 17.07
N LEU A 563 1.64 26.70 16.78
CA LEU A 563 2.40 25.78 15.95
C LEU A 563 1.88 25.90 14.52
N VAL A 564 2.73 26.36 13.60
CA VAL A 564 2.33 26.56 12.21
C VAL A 564 2.98 25.48 11.38
N LEU A 565 2.15 24.71 10.69
CA LEU A 565 2.61 23.57 9.89
C LEU A 565 2.71 24.04 8.45
N SER A 566 3.92 24.04 7.90
CA SER A 566 4.20 24.67 6.61
C SER A 566 4.89 23.61 5.76
N GLU A 567 4.15 22.97 4.83
CA GLU A 567 4.62 21.67 4.33
C GLU A 567 3.72 21.23 3.18
N GLY A 568 4.30 20.43 2.28
CA GLY A 568 3.51 19.80 1.22
C GLY A 568 2.85 18.47 1.62
N ARG A 569 3.42 17.77 2.60
CA ARG A 569 2.90 16.49 3.10
C ARG A 569 2.60 16.58 4.59
N PRO A 570 1.66 15.76 5.10
CA PRO A 570 1.29 15.83 6.54
C PRO A 570 2.30 15.06 7.38
N ARG A 571 3.44 15.70 7.65
CA ARG A 571 4.49 15.05 8.40
C ARG A 571 4.05 14.85 9.86
N LEU A 572 4.46 13.72 10.46
CA LEU A 572 3.88 13.35 11.75
C LEU A 572 4.36 14.30 12.84
N VAL A 573 3.42 14.81 13.67
CA VAL A 573 3.71 15.80 14.72
C VAL A 573 3.05 15.46 16.06
N GLY A 574 2.68 14.20 16.22
CA GLY A 574 1.96 13.76 17.41
C GLY A 574 2.71 13.97 18.71
N ASP A 575 4.05 13.99 18.67
CA ASP A 575 4.79 14.19 19.91
C ASP A 575 4.87 15.65 20.31
N ILE A 576 4.62 16.59 19.39
CA ILE A 576 4.70 18.01 19.73
C ILE A 576 3.33 18.69 19.70
N GLU A 577 2.34 18.11 19.05
CA GLU A 577 0.98 18.66 19.12
C GLU A 577 0.49 18.90 20.54
N PRO A 578 0.77 18.04 21.54
CA PRO A 578 0.28 18.36 22.89
C PRO A 578 0.93 19.59 23.48
N LEU A 579 2.12 19.99 23.02
CA LEU A 579 2.82 21.14 23.56
C LEU A 579 2.30 22.47 23.00
N ALA A 580 1.53 22.44 21.92
CA ALA A 580 1.06 23.65 21.26
C ALA A 580 -0.37 23.96 21.68
N GLN A 581 -0.62 25.21 22.06
CA GLN A 581 -1.96 25.60 22.47
C GLN A 581 -2.84 25.83 21.24
N SER A 582 -2.24 26.32 20.14
CA SER A 582 -2.93 26.48 18.87
C SER A 582 -2.10 25.80 17.78
N VAL A 583 -2.78 25.19 16.82
CA VAL A 583 -2.12 24.57 15.68
C VAL A 583 -2.81 25.07 14.40
N VAL A 584 -2.03 25.55 13.44
CA VAL A 584 -2.52 25.99 12.13
C VAL A 584 -1.79 25.25 11.03
N ASN A 585 -2.52 24.63 10.12
CA ASN A 585 -1.92 24.01 8.93
C ASN A 585 -2.08 24.96 7.76
N ILE A 586 -0.95 25.48 7.25
CA ILE A 586 -1.02 26.40 6.12
C ILE A 586 -0.71 25.69 4.82
N MET A 587 -0.30 24.42 4.87
CA MET A 587 0.10 23.66 3.69
C MET A 587 1.10 24.51 2.87
N LEU A 588 0.78 24.82 1.61
CA LEU A 588 1.67 25.62 0.74
C LEU A 588 0.89 26.78 0.13
N PRO A 589 0.76 27.89 0.87
CA PRO A 589 -0.19 28.94 0.46
C PRO A 589 0.36 29.95 -0.54
N GLY A 590 1.63 29.85 -0.96
CA GLY A 590 2.16 30.72 -2.01
C GLY A 590 2.57 32.11 -1.55
N ASN A 591 2.89 32.96 -2.55
CA ASN A 591 3.48 34.28 -2.30
C ASN A 591 2.64 35.16 -1.37
N HIS A 592 1.32 34.96 -1.32
CA HIS A 592 0.49 35.81 -0.46
C HIS A 592 0.05 35.09 0.81
N GLY A 593 0.70 33.97 1.11
CA GLY A 593 0.36 33.20 2.31
C GLY A 593 0.86 33.83 3.59
N GLY A 594 2.03 34.46 3.57
CA GLY A 594 2.44 35.21 4.74
C GLY A 594 1.42 36.30 5.09
N GLU A 595 1.05 37.11 4.09
CA GLU A 595 0.06 38.16 4.30
C GLU A 595 -1.25 37.59 4.83
N ALA A 596 -1.70 36.47 4.28
CA ALA A 596 -2.96 35.86 4.72
C ALA A 596 -2.87 35.38 6.15
N LEU A 597 -1.77 34.67 6.50
CA LEU A 597 -1.63 34.17 7.86
C LEU A 597 -1.62 35.33 8.85
N ALA A 598 -0.89 36.43 8.55
CA ALA A 598 -0.87 37.55 9.48
C ALA A 598 -2.28 38.08 9.73
N ARG A 599 -3.08 38.17 8.67
CA ARG A 599 -4.46 38.64 8.85
C ARG A 599 -5.26 37.67 9.71
N LEU A 600 -5.11 36.36 9.48
CA LEU A 600 -5.85 35.40 10.31
C LEU A 600 -5.39 35.47 11.77
N LEU A 601 -4.07 35.47 12.01
CA LEU A 601 -3.60 35.46 13.40
C LEU A 601 -3.96 36.75 14.12
N ALA A 602 -4.12 37.85 13.39
CA ALA A 602 -4.56 39.12 13.98
C ALA A 602 -6.07 39.19 14.18
N GLY A 603 -6.83 38.27 13.60
CA GLY A 603 -8.29 38.30 13.63
C GLY A 603 -8.94 39.22 12.63
N ASP A 604 -8.18 39.77 11.69
CA ASP A 604 -8.76 40.54 10.59
C ASP A 604 -9.63 39.67 9.74
N ALA A 605 -9.24 38.42 9.56
CA ALA A 605 -10.03 37.41 8.90
C ALA A 605 -10.35 36.32 9.91
N ASN A 606 -11.32 35.46 9.58
CA ASN A 606 -11.66 34.33 10.43
C ASN A 606 -11.28 33.02 9.71
N PHE A 607 -10.74 32.06 10.45
CA PHE A 607 -10.40 30.77 9.85
C PHE A 607 -11.65 30.06 9.32
N SER A 608 -11.53 29.49 8.11
CA SER A 608 -12.60 28.69 7.52
C SER A 608 -12.10 27.47 6.77
N GLY A 609 -10.79 27.24 6.69
CA GLY A 609 -10.28 26.10 5.97
C GLY A 609 -10.62 24.79 6.67
N ARG A 610 -10.68 23.72 5.88
CA ARG A 610 -10.96 22.36 6.37
C ARG A 610 -10.02 21.41 5.68
N LEU A 611 -9.50 20.42 6.40
CA LEU A 611 -8.51 19.54 5.80
C LEU A 611 -9.11 18.76 4.64
N PRO A 612 -8.48 18.76 3.49
CA PRO A 612 -8.97 17.95 2.37
C PRO A 612 -8.28 16.59 2.30
N PHE A 613 -7.67 16.16 3.40
CA PHE A 613 -7.06 14.85 3.52
C PHE A 613 -7.04 14.45 4.99
N THR A 614 -6.77 13.16 5.25
CA THR A 614 -6.56 12.66 6.61
C THR A 614 -5.14 12.95 7.06
N TYR A 615 -4.97 13.54 8.22
CA TYR A 615 -3.62 13.79 8.75
C TYR A 615 -3.22 12.60 9.65
N PRO A 616 -2.24 11.79 9.27
CA PRO A 616 -1.96 10.57 10.03
C PRO A 616 -1.20 10.87 11.31
N ARG A 617 -1.23 9.89 12.21
CA ARG A 617 -0.54 9.97 13.49
C ARG A 617 0.75 9.14 13.50
N PHE A 618 0.72 8.00 12.82
CA PHE A 618 1.75 6.99 12.93
C PHE A 618 2.21 6.56 11.54
N ALA A 619 3.50 6.25 11.43
CA ALA A 619 4.10 5.98 10.13
C ALA A 619 3.58 4.70 9.50
N ASN A 620 3.20 3.72 10.30
CA ASN A 620 2.69 2.47 9.76
C ASN A 620 1.23 2.25 10.13
N ALA A 621 0.43 3.32 10.22
CA ALA A 621 -1.02 3.17 10.36
C ALA A 621 -1.70 4.23 9.49
N LEU A 622 -1.47 4.17 8.18
CA LEU A 622 -1.99 5.18 7.26
C LEU A 622 -3.37 4.77 6.75
N THR A 623 -4.24 5.77 6.68
CA THR A 623 -5.65 5.57 6.35
C THR A 623 -6.17 6.83 5.68
N THR A 624 -7.27 6.67 4.94
CA THR A 624 -8.05 7.81 4.48
C THR A 624 -9.42 7.78 5.17
N TYR A 625 -10.22 8.84 4.97
CA TYR A 625 -11.50 8.96 5.67
C TYR A 625 -12.52 7.99 5.11
N ASP A 626 -12.41 7.63 3.83
CA ASP A 626 -13.40 6.76 3.20
C ASP A 626 -12.98 5.30 3.30
N TYR A 627 -12.82 4.84 4.54
CA TYR A 627 -12.33 3.50 4.78
C TYR A 627 -13.50 2.50 4.95
N LYS A 628 -13.18 1.20 5.16
CA LYS A 628 -14.27 0.22 5.27
C LYS A 628 -14.64 -0.01 6.73
N PRO A 629 -15.85 -0.50 6.98
CA PRO A 629 -16.28 -0.67 8.37
C PRO A 629 -15.35 -1.55 9.19
N MET A 630 -14.80 -2.62 8.58
CA MET A 630 -13.93 -3.54 9.30
C MET A 630 -12.69 -2.85 9.89
N GLU A 631 -12.35 -1.66 9.41
CA GLU A 631 -11.16 -0.95 9.89
C GLU A 631 -11.46 -0.08 11.10
N SER A 632 -12.73 0.09 11.44
CA SER A 632 -13.14 0.92 12.57
C SER A 632 -12.95 0.15 13.86
N VAL A 633 -12.58 0.88 14.92
CA VAL A 633 -12.38 0.28 16.23
C VAL A 633 -13.71 0.36 17.00
N GLY A 634 -14.30 -0.81 17.27
CA GLY A 634 -15.33 -0.93 18.29
C GLY A 634 -16.73 -0.52 17.91
N THR A 635 -17.08 -0.52 16.62
CA THR A 635 -18.43 -0.14 16.21
C THR A 635 -19.38 -1.32 16.37
N MET A 636 -20.54 -1.07 16.97
CA MET A 636 -21.51 -2.11 17.24
C MET A 636 -22.41 -2.35 16.04
N GLU A 637 -22.94 -3.57 15.96
CA GLU A 637 -23.92 -3.93 14.94
C GLU A 637 -25.08 -2.94 14.92
N GLY A 638 -25.52 -2.55 13.74
CA GLY A 638 -26.63 -1.62 13.62
C GLY A 638 -26.28 -0.17 13.86
N ASN A 639 -25.01 0.13 14.17
CA ASN A 639 -24.52 1.49 14.40
C ASN A 639 -23.58 1.89 13.28
N TYR A 640 -23.51 3.20 13.03
CA TYR A 640 -22.79 3.78 11.89
C TYR A 640 -21.86 4.91 12.34
N ASN A 641 -21.57 4.96 13.64
CA ASN A 641 -20.64 5.95 14.22
C ASN A 641 -19.22 5.37 14.29
N TYR A 642 -18.61 5.25 13.12
CA TYR A 642 -17.27 4.66 13.05
C TYR A 642 -16.23 5.55 13.73
N ASP A 643 -15.15 4.93 14.18
CA ASP A 643 -14.12 5.61 14.96
C ASP A 643 -12.75 5.14 14.49
N ALA A 644 -11.90 6.10 14.10
CA ALA A 644 -10.50 5.86 13.77
C ALA A 644 -9.59 6.89 14.44
N GLN A 645 -10.10 7.57 15.47
CA GLN A 645 -9.34 8.64 16.13
C GLN A 645 -8.02 8.11 16.68
N VAL A 646 -7.95 6.82 17.03
CA VAL A 646 -6.70 6.27 17.51
C VAL A 646 -5.60 6.39 16.45
N TYR A 647 -5.98 6.45 15.17
CA TYR A 647 -5.01 6.41 14.06
C TYR A 647 -4.91 7.71 13.30
N VAL A 648 -5.67 8.72 13.67
CA VAL A 648 -5.79 9.96 12.91
C VAL A 648 -5.33 11.10 13.81
N GLN A 649 -4.39 11.93 13.32
CA GLN A 649 -4.07 13.14 14.09
C GLN A 649 -5.22 14.14 13.99
N TRP A 650 -5.68 14.41 12.77
CA TRP A 650 -6.86 15.21 12.47
C TRP A 650 -7.50 14.58 11.23
N PRO A 651 -8.82 14.43 11.21
CA PRO A 651 -9.48 13.77 10.08
C PRO A 651 -9.73 14.72 8.92
N PHE A 652 -10.02 14.10 7.77
CA PHE A 652 -10.60 14.82 6.65
C PHE A 652 -11.76 15.68 7.14
N GLY A 653 -11.76 16.94 6.72
CA GLY A 653 -12.80 17.87 7.11
C GLY A 653 -12.56 18.56 8.44
N ALA A 654 -11.46 18.24 9.14
CA ALA A 654 -11.19 18.93 10.41
C ALA A 654 -10.99 20.41 10.16
N GLY A 655 -11.36 21.23 11.14
CA GLY A 655 -11.03 22.65 11.07
C GLY A 655 -11.91 23.43 12.02
N VAL A 656 -11.37 24.39 12.76
CA VAL A 656 -12.28 25.16 13.61
C VAL A 656 -12.15 26.63 13.26
N SER A 657 -12.98 27.44 13.91
CA SER A 657 -13.15 28.85 13.55
C SER A 657 -12.97 29.64 14.83
N TYR A 658 -12.75 30.95 14.69
CA TYR A 658 -12.88 31.79 15.88
C TYR A 658 -14.33 31.95 16.32
N THR A 659 -15.29 31.60 15.49
CA THR A 659 -16.67 31.52 15.98
C THR A 659 -17.09 30.05 15.97
N ASP A 660 -18.36 29.77 16.35
CA ASP A 660 -18.90 28.42 16.37
C ASP A 660 -20.11 28.36 15.45
N PHE A 661 -20.36 27.18 14.88
CA PHE A 661 -21.51 26.96 14.00
C PHE A 661 -22.31 25.76 14.47
N ALA A 662 -23.63 25.90 14.47
CA ALA A 662 -24.55 24.83 14.89
C ALA A 662 -25.37 24.40 13.68
N TYR A 663 -25.50 23.09 13.50
CA TYR A 663 -26.25 22.51 12.38
C TYR A 663 -27.59 22.00 12.89
N SER A 664 -28.66 22.26 12.13
CA SER A 664 -29.95 21.73 12.57
C SER A 664 -30.87 21.54 11.37
N ASN A 665 -31.96 20.78 11.60
CA ASN A 665 -33.08 20.71 10.65
C ASN A 665 -32.60 20.22 9.29
N LEU A 666 -31.90 19.08 9.28
CA LEU A 666 -31.58 18.39 8.04
C LEU A 666 -32.84 17.75 7.49
N ARG A 667 -33.18 18.05 6.23
CA ARG A 667 -34.34 17.41 5.60
C ARG A 667 -34.01 17.12 4.14
N VAL A 668 -34.59 16.03 3.63
CA VAL A 668 -34.24 15.46 2.33
C VAL A 668 -35.55 15.14 1.63
N SER A 669 -35.67 15.55 0.37
CA SER A 669 -36.89 15.17 -0.33
C SER A 669 -36.56 14.82 -1.78
N PRO A 670 -37.09 13.73 -2.32
CA PRO A 670 -37.91 12.72 -1.66
C PRO A 670 -37.04 11.81 -0.77
N ALA A 671 -37.51 11.45 0.43
CA ALA A 671 -36.74 10.55 1.29
C ALA A 671 -36.86 9.08 0.85
N GLN A 672 -37.93 8.71 0.15
CA GLN A 672 -38.02 7.44 -0.56
C GLN A 672 -37.80 7.74 -2.04
N PHE A 673 -36.76 7.16 -2.62
CA PHE A 673 -36.34 7.61 -3.94
C PHE A 673 -35.94 6.44 -4.82
N ALA A 674 -35.82 6.71 -6.12
CA ALA A 674 -35.25 5.76 -7.06
C ALA A 674 -34.22 6.49 -7.92
N VAL A 675 -33.65 5.76 -8.88
CA VAL A 675 -32.48 6.28 -9.58
C VAL A 675 -32.83 7.52 -10.41
N SER A 676 -34.08 7.65 -10.86
CA SER A 676 -34.47 8.83 -11.63
C SER A 676 -34.61 10.08 -10.78
N ASP A 677 -34.58 9.98 -9.45
CA ASP A 677 -34.82 11.13 -8.63
C ASP A 677 -33.56 11.96 -8.42
N THR A 678 -33.75 13.25 -8.19
CA THR A 678 -32.72 14.13 -7.64
C THR A 678 -33.16 14.58 -6.26
N LEU A 679 -32.32 14.36 -5.26
CA LEU A 679 -32.69 14.65 -3.88
C LEU A 679 -32.38 16.10 -3.59
N THR A 680 -33.31 16.79 -2.96
CA THR A 680 -33.05 18.11 -2.45
C THR A 680 -32.75 17.98 -0.95
N VAL A 681 -31.55 18.39 -0.57
CA VAL A 681 -31.08 18.29 0.81
C VAL A 681 -30.93 19.69 1.34
N GLN A 682 -31.58 19.96 2.45
CA GLN A 682 -31.56 21.27 3.09
C GLN A 682 -31.07 21.06 4.52
N ILE A 683 -30.11 21.87 4.93
CA ILE A 683 -29.58 21.89 6.30
C ILE A 683 -29.53 23.33 6.74
N ASP A 684 -29.92 23.60 7.98
CA ASP A 684 -29.79 24.94 8.54
C ASP A 684 -28.48 25.08 9.31
N VAL A 685 -27.78 26.18 9.08
CA VAL A 685 -26.50 26.42 9.73
C VAL A 685 -26.56 27.79 10.39
N GLN A 686 -26.15 27.87 11.66
CA GLN A 686 -26.22 29.10 12.42
C GLN A 686 -24.88 29.42 13.05
N ASN A 687 -24.45 30.66 12.88
CA ASN A 687 -23.27 31.18 13.56
C ASN A 687 -23.71 31.48 14.98
N ILE A 688 -23.27 30.66 15.94
CA ILE A 688 -23.70 30.88 17.32
C ILE A 688 -22.63 31.56 18.16
N GLY A 689 -21.52 31.97 17.55
CA GLY A 689 -20.47 32.69 18.27
C GLY A 689 -20.60 34.18 18.12
N GLN A 690 -19.46 34.87 18.22
CA GLN A 690 -19.45 36.32 18.34
C GLN A 690 -18.73 37.03 17.19
N ARG A 691 -18.27 36.30 16.18
CA ARG A 691 -17.49 36.87 15.08
C ARG A 691 -18.07 36.40 13.76
N VAL A 692 -18.07 37.28 12.75
CA VAL A 692 -18.46 36.84 11.42
C VAL A 692 -17.48 35.78 10.95
N GLY A 693 -17.99 34.83 10.17
CA GLY A 693 -17.09 33.85 9.60
C GLY A 693 -17.76 33.05 8.51
N LYS A 694 -16.92 32.36 7.72
CA LYS A 694 -17.38 31.39 6.75
C LYS A 694 -17.35 29.99 7.34
N GLU A 695 -18.24 29.16 6.83
CA GLU A 695 -18.33 27.76 7.21
C GLU A 695 -18.50 26.97 5.92
N ALA A 696 -17.60 26.02 5.69
CA ALA A 696 -17.82 25.03 4.64
C ALA A 696 -18.77 23.97 5.17
N VAL A 697 -19.76 23.63 4.37
CA VAL A 697 -20.86 22.77 4.77
C VAL A 697 -20.64 21.51 3.95
N LEU A 698 -20.27 20.42 4.60
CA LEU A 698 -19.95 19.18 3.92
C LEU A 698 -21.07 18.16 4.16
N LEU A 699 -21.57 17.56 3.08
CA LEU A 699 -22.62 16.55 3.14
C LEU A 699 -22.01 15.19 2.81
N TYR A 700 -22.12 14.24 3.75
CA TYR A 700 -21.64 12.89 3.55
C TYR A 700 -22.80 11.89 3.47
N SER A 701 -22.51 10.72 2.91
CA SER A 701 -23.46 9.61 2.91
C SER A 701 -22.77 8.34 3.40
N HIS A 702 -23.60 7.40 3.82
CA HIS A 702 -23.19 6.03 4.13
C HIS A 702 -24.29 5.10 3.67
N ASP A 703 -23.91 4.12 2.87
CA ASP A 703 -24.83 3.07 2.42
C ASP A 703 -24.88 2.01 3.52
N LEU A 704 -26.05 1.77 4.13
CA LEU A 704 -26.01 1.03 5.40
C LEU A 704 -25.73 -0.46 5.20
N ALA A 705 -25.99 -1.01 4.02
CA ALA A 705 -25.64 -2.40 3.71
C ALA A 705 -25.52 -2.47 2.19
N ALA A 706 -24.59 -3.26 1.67
CA ALA A 706 -24.33 -3.25 0.24
C ALA A 706 -23.60 -4.53 -0.14
N SER A 707 -23.66 -4.87 -1.43
N SER A 707 -23.66 -4.87 -1.43
CA SER A 707 -23.05 -6.12 -1.90
CA SER A 707 -23.03 -6.12 -1.87
C SER A 707 -21.52 -6.07 -1.88
C SER A 707 -21.51 -6.05 -1.76
N SER A 708 -20.93 -4.88 -1.90
CA SER A 708 -19.54 -4.64 -1.53
C SER A 708 -19.57 -3.87 -0.22
N THR A 709 -18.68 -4.21 0.70
CA THR A 709 -18.75 -3.56 2.00
C THR A 709 -18.62 -2.04 1.85
N PRO A 710 -19.54 -1.25 2.43
CA PRO A 710 -19.68 0.16 2.03
C PRO A 710 -18.73 1.10 2.77
N ASP A 711 -18.13 2.02 2.02
CA ASP A 711 -17.26 3.02 2.65
C ASP A 711 -17.97 3.70 3.80
N VAL A 712 -17.25 3.91 4.91
CA VAL A 712 -17.92 4.38 6.13
C VAL A 712 -18.54 5.76 5.93
N ARG A 713 -17.90 6.61 5.13
CA ARG A 713 -18.45 7.91 4.78
C ARG A 713 -17.99 8.24 3.37
N ARG A 714 -18.82 8.97 2.63
CA ARG A 714 -18.38 9.52 1.35
C ARG A 714 -18.87 10.95 1.23
N LEU A 715 -17.98 11.89 0.89
CA LEU A 715 -18.45 13.25 0.66
C LEU A 715 -19.24 13.31 -0.65
N ARG A 716 -20.45 13.87 -0.62
CA ARG A 716 -21.32 13.90 -1.78
C ARG A 716 -21.65 15.31 -2.24
N ALA A 717 -21.50 16.31 -1.39
CA ALA A 717 -21.85 17.67 -1.77
C ALA A 717 -21.15 18.60 -0.82
N PHE A 718 -20.88 19.83 -1.26
CA PHE A 718 -20.44 20.85 -0.34
C PHE A 718 -20.77 22.24 -0.85
N ASP A 719 -20.85 23.18 0.09
CA ASP A 719 -21.08 24.59 -0.20
C ASP A 719 -20.29 25.36 0.86
N LYS A 720 -20.21 26.67 0.69
CA LYS A 720 -19.54 27.45 1.73
C LYS A 720 -20.26 28.77 1.85
N ILE A 721 -20.55 29.19 3.08
CA ILE A 721 -21.40 30.35 3.32
C ILE A 721 -20.71 31.24 4.34
N GLU A 722 -21.09 32.51 4.34
CA GLU A 722 -20.60 33.49 5.31
C GLU A 722 -21.74 33.96 6.20
N LEU A 723 -21.57 33.84 7.51
CA LEU A 723 -22.67 34.11 8.44
C LEU A 723 -22.25 35.15 9.47
N GLN A 724 -23.10 36.15 9.70
CA GLN A 724 -22.88 37.09 10.79
C GLN A 724 -23.16 36.40 12.11
N PRO A 725 -22.69 36.96 13.23
CA PRO A 725 -23.04 36.39 14.54
C PRO A 725 -24.56 36.27 14.75
N GLY A 726 -24.99 35.09 15.20
CA GLY A 726 -26.39 34.82 15.43
C GLY A 726 -27.17 34.43 14.21
N GLU A 727 -26.60 34.59 13.01
CA GLU A 727 -27.35 34.38 11.78
C GLU A 727 -27.47 32.90 11.47
N LYS A 728 -28.71 32.45 11.19
CA LYS A 728 -28.97 31.12 10.67
C LYS A 728 -29.30 31.24 9.19
N ARG A 729 -28.89 30.23 8.42
CA ARG A 729 -29.11 30.21 6.98
C ARG A 729 -29.44 28.79 6.55
N THR A 730 -30.43 28.64 5.65
CA THR A 730 -30.69 27.36 5.02
C THR A 730 -29.75 27.15 3.83
N VAL A 731 -29.05 26.03 3.82
CA VAL A 731 -28.16 25.64 2.73
C VAL A 731 -28.87 24.53 1.96
N THR A 732 -29.00 24.71 0.65
CA THR A 732 -29.69 23.74 -0.20
C THR A 732 -28.69 23.06 -1.12
N LEU A 733 -28.70 21.73 -1.12
CA LEU A 733 -27.76 20.92 -1.89
C LEU A 733 -28.56 19.93 -2.71
N ARG A 734 -28.17 19.76 -3.97
CA ARG A 734 -28.84 18.87 -4.89
C ARG A 734 -27.97 17.64 -5.08
N LEU A 735 -28.59 16.46 -4.96
CA LEU A 735 -27.88 15.19 -4.92
C LEU A 735 -28.61 14.24 -5.86
N PRO A 736 -28.09 14.03 -7.05
CA PRO A 736 -28.70 13.00 -7.92
C PRO A 736 -28.71 11.66 -7.20
N ALA A 737 -29.82 10.93 -7.31
CA ALA A 737 -29.85 9.61 -6.69
C ALA A 737 -28.68 8.74 -7.17
N ALA A 738 -28.29 8.90 -8.43
CA ALA A 738 -27.23 8.08 -9.00
C ALA A 738 -25.88 8.35 -8.33
N ASP A 739 -25.72 9.49 -7.66
CA ASP A 739 -24.49 9.73 -6.88
C ASP A 739 -24.35 8.78 -5.69
N LEU A 740 -25.40 8.03 -5.34
CA LEU A 740 -25.31 7.07 -4.25
C LEU A 740 -25.04 5.66 -4.75
N ALA A 741 -24.95 5.47 -6.06
CA ALA A 741 -24.48 4.21 -6.62
C ALA A 741 -23.03 3.95 -6.22
N PHE A 742 -22.59 2.72 -6.43
CA PHE A 742 -21.19 2.36 -6.21
C PHE A 742 -20.78 1.39 -7.31
N VAL A 743 -19.47 1.23 -7.48
CA VAL A 743 -18.94 0.28 -8.44
C VAL A 743 -18.81 -1.06 -7.73
N GLY A 744 -19.61 -2.03 -8.15
CA GLY A 744 -19.72 -3.32 -7.51
C GLY A 744 -18.52 -4.15 -7.88
N TYR A 745 -18.52 -5.39 -7.41
CA TYR A 745 -17.35 -6.26 -7.57
C TYR A 745 -17.06 -6.53 -9.04
N ASP A 746 -18.09 -6.64 -9.87
CA ASP A 746 -17.92 -6.90 -11.31
C ASP A 746 -17.47 -5.68 -12.10
N GLY A 747 -17.20 -4.54 -11.44
CA GLY A 747 -16.74 -3.33 -12.12
C GLY A 747 -17.85 -2.44 -12.68
N LYS A 748 -19.11 -2.76 -12.38
CA LYS A 748 -20.26 -2.04 -12.93
C LYS A 748 -20.94 -1.25 -11.83
N TRP A 749 -21.47 -0.09 -12.21
CA TRP A 749 -22.20 0.75 -11.26
C TRP A 749 -23.52 0.09 -10.90
N ARG A 750 -23.93 0.24 -9.64
CA ARG A 750 -25.22 -0.22 -9.17
C ARG A 750 -25.69 0.69 -8.04
N LEU A 751 -26.97 0.98 -8.03
CA LEU A 751 -27.65 1.64 -6.90
C LEU A 751 -28.62 0.62 -6.34
N GLU A 752 -28.38 0.16 -5.11
CA GLU A 752 -29.15 -0.95 -4.58
C GLU A 752 -30.27 -0.45 -3.68
N ALA A 753 -31.44 -1.07 -3.80
CA ALA A 753 -32.51 -0.85 -2.83
C ALA A 753 -31.98 -1.06 -1.42
N GLY A 754 -32.43 -0.20 -0.49
CA GLY A 754 -32.00 -0.23 0.89
C GLY A 754 -31.79 1.16 1.45
N ASP A 755 -31.37 1.26 2.71
CA ASP A 755 -31.32 2.55 3.39
C ASP A 755 -29.93 3.17 3.32
N PHE A 756 -29.90 4.50 3.41
CA PHE A 756 -28.67 5.27 3.50
C PHE A 756 -28.83 6.24 4.64
N LEU A 757 -27.72 6.73 5.15
CA LEU A 757 -27.76 7.91 6.01
C LEU A 757 -27.07 9.05 5.29
N LEU A 758 -27.63 10.26 5.42
CA LEU A 758 -26.92 11.48 5.02
C LEU A 758 -26.53 12.19 6.30
N PHE A 759 -25.36 12.84 6.28
CA PHE A 759 -24.81 13.50 7.44
C PHE A 759 -24.39 14.92 7.08
N ALA A 760 -24.74 15.87 7.95
CA ALA A 760 -24.22 17.24 7.84
C ALA A 760 -23.99 17.71 9.27
N GLY A 761 -22.74 18.08 9.59
CA GLY A 761 -22.40 18.36 10.98
C GLY A 761 -22.76 17.16 11.83
N ASN A 762 -23.40 17.43 12.98
CA ASN A 762 -23.81 16.34 13.83
C ASN A 762 -25.25 15.90 13.55
N GLN A 763 -25.83 16.31 12.41
CA GLN A 763 -27.20 15.92 12.07
C GLN A 763 -27.17 14.76 11.10
N GLN A 764 -28.21 13.92 11.16
CA GLN A 764 -28.27 12.82 10.20
C GLN A 764 -29.71 12.53 9.83
N GLN A 765 -29.91 11.99 8.63
CA GLN A 765 -31.25 11.67 8.18
C GLN A 765 -31.21 10.39 7.35
N ARG A 766 -32.13 9.46 7.64
CA ARG A 766 -32.21 8.19 6.91
C ARG A 766 -33.10 8.36 5.68
N ILE A 767 -32.67 7.78 4.56
CA ILE A 767 -33.44 7.77 3.32
C ILE A 767 -33.41 6.37 2.77
N SER A 768 -34.31 6.08 1.82
CA SER A 768 -34.50 4.72 1.32
C SER A 768 -34.56 4.73 -0.20
N CYS A 769 -33.67 4.00 -0.84
CA CYS A 769 -33.84 3.66 -2.24
C CYS A 769 -34.82 2.51 -2.38
N THR A 770 -35.85 2.71 -3.21
CA THR A 770 -36.92 1.73 -3.27
C THR A 770 -36.75 0.71 -4.38
N ALA A 771 -35.80 0.89 -5.27
CA ALA A 771 -35.59 -0.09 -6.34
C ALA A 771 -34.13 -0.08 -6.78
N THR A 772 -33.58 -1.26 -6.96
CA THR A 772 -32.22 -1.38 -7.44
C THR A 772 -32.16 -1.01 -8.91
N HIS A 773 -31.11 -0.28 -9.29
CA HIS A 773 -30.81 -0.03 -10.69
C HIS A 773 -29.38 -0.49 -10.98
N LEU A 774 -29.25 -1.35 -11.99
CA LEU A 774 -27.97 -1.90 -12.43
C LEU A 774 -27.63 -1.31 -13.78
N TRP A 775 -26.48 -0.65 -13.87
CA TRP A 775 -26.06 -0.05 -15.13
C TRP A 775 -25.43 -1.11 -15.99
N THR A 776 -25.69 -1.05 -17.29
CA THR A 776 -24.96 -1.86 -18.24
C THR A 776 -23.87 -1.07 -18.96
N THR A 777 -24.00 0.25 -19.04
CA THR A 777 -22.98 1.13 -19.62
C THR A 777 -21.80 1.34 -18.66
N PRO A 778 -20.62 1.68 -19.19
CA PRO A 778 -19.43 1.75 -18.30
C PRO A 778 -19.53 2.86 -17.28
N ASN A 779 -20.24 3.93 -17.63
CA ASN A 779 -20.45 5.08 -16.76
C ASN A 779 -21.94 5.27 -16.51
N ARG A 780 -22.25 5.97 -15.43
CA ARG A 780 -23.62 6.21 -15.05
C ARG A 780 -24.31 7.13 -16.06
N VAL B 20 -9.50 -30.77 -15.99
CA VAL B 20 -8.25 -31.24 -15.39
C VAL B 20 -8.53 -32.44 -14.47
N PRO B 21 -7.53 -33.30 -14.26
CA PRO B 21 -7.73 -34.46 -13.40
C PRO B 21 -8.04 -34.04 -11.98
N PRO B 22 -8.78 -34.85 -11.23
CA PRO B 22 -9.10 -34.50 -9.85
C PRO B 22 -7.83 -34.23 -9.04
N ALA B 23 -7.93 -33.25 -8.14
CA ALA B 23 -6.80 -32.92 -7.27
C ALA B 23 -6.40 -34.11 -6.41
N LEU B 24 -7.38 -34.78 -5.87
CA LEU B 24 -7.23 -36.00 -5.12
C LEU B 24 -7.79 -37.17 -5.93
N PRO B 25 -7.17 -38.34 -5.88
CA PRO B 25 -7.53 -39.39 -6.85
C PRO B 25 -8.97 -39.84 -6.67
N TYR B 26 -9.63 -40.14 -7.79
CA TYR B 26 -10.98 -40.68 -7.74
C TYR B 26 -10.99 -42.08 -7.11
N ASP B 27 -11.97 -42.32 -6.23
CA ASP B 27 -12.05 -43.57 -5.46
C ASP B 27 -13.53 -43.95 -5.39
N ALA B 28 -13.94 -44.92 -6.22
CA ALA B 28 -15.38 -45.26 -6.28
C ALA B 28 -15.88 -45.80 -4.94
N ALA B 29 -15.06 -46.60 -4.25
CA ALA B 29 -15.49 -47.17 -2.98
C ALA B 29 -15.71 -46.07 -1.94
N LEU B 30 -14.81 -45.09 -1.90
CA LEU B 30 -15.01 -43.93 -1.04
C LEU B 30 -16.29 -43.21 -1.38
N GLU B 31 -16.54 -42.94 -2.68
CA GLU B 31 -17.75 -42.17 -3.01
C GLU B 31 -19.02 -42.95 -2.69
N SER B 32 -18.96 -44.28 -2.81
CA SER B 32 -20.13 -45.10 -2.47
C SER B 32 -20.44 -45.01 -0.98
N LYS B 33 -19.41 -45.04 -0.12
CA LYS B 33 -19.65 -44.86 1.31
C LYS B 33 -20.26 -43.50 1.60
N VAL B 34 -19.72 -42.44 0.97
CA VAL B 34 -20.24 -41.09 1.15
C VAL B 34 -21.71 -41.06 0.77
N GLN B 35 -22.05 -41.56 -0.43
CA GLN B 35 -23.41 -41.36 -0.89
C GLN B 35 -24.37 -42.26 -0.13
N GLN B 36 -23.94 -43.46 0.27
CA GLN B 36 -24.80 -44.31 1.07
C GLN B 36 -25.13 -43.66 2.41
N ARG B 37 -24.14 -43.02 3.04
CA ARG B 37 -24.41 -42.32 4.31
C ARG B 37 -25.29 -41.09 4.09
N LEU B 38 -24.99 -40.28 3.06
CA LEU B 38 -25.81 -39.10 2.79
C LEU B 38 -27.27 -39.48 2.61
N ALA B 39 -27.53 -40.57 1.89
CA ALA B 39 -28.91 -40.98 1.60
C ALA B 39 -29.71 -41.32 2.85
N ARG B 40 -29.04 -41.67 3.94
CA ARG B 40 -29.67 -42.05 5.21
C ARG B 40 -29.98 -40.88 6.12
N MET B 41 -29.46 -39.70 5.83
CA MET B 41 -29.44 -38.61 6.80
C MET B 41 -30.70 -37.77 6.73
N THR B 42 -31.11 -37.23 7.87
CA THR B 42 -32.19 -36.26 7.93
C THR B 42 -31.63 -34.89 7.63
N LEU B 43 -32.52 -33.93 7.35
CA LEU B 43 -32.04 -32.56 7.15
C LEU B 43 -31.41 -32.05 8.42
N ASP B 44 -31.95 -32.42 9.58
CA ASP B 44 -31.33 -32.02 10.84
C ASP B 44 -29.89 -32.51 10.92
N GLU B 45 -29.63 -33.74 10.48
CA GLU B 45 -28.27 -34.27 10.56
C GLU B 45 -27.36 -33.59 9.54
N LYS B 46 -27.88 -33.29 8.36
CA LYS B 46 -27.10 -32.58 7.33
C LYS B 46 -26.67 -31.20 7.80
N VAL B 47 -27.61 -30.40 8.32
CA VAL B 47 -27.17 -29.06 8.71
C VAL B 47 -26.24 -29.15 9.93
N GLY B 48 -26.43 -30.15 10.78
CA GLY B 48 -25.52 -30.29 11.92
C GLY B 48 -24.10 -30.62 11.49
N GLN B 49 -23.95 -31.40 10.42
CA GLN B 49 -22.59 -31.69 9.95
C GLN B 49 -21.88 -30.43 9.48
N MET B 50 -22.64 -29.44 9.01
CA MET B 50 -22.08 -28.21 8.50
C MET B 50 -21.76 -27.21 9.61
N CYS B 51 -22.03 -27.58 10.85
CA CYS B 51 -21.90 -26.68 11.99
C CYS B 51 -20.70 -27.14 12.81
N GLN B 52 -19.80 -26.23 13.12
CA GLN B 52 -18.62 -26.53 13.93
C GLN B 52 -18.60 -25.59 15.11
N LEU B 53 -18.44 -26.14 16.33
CA LEU B 53 -18.38 -25.34 17.54
C LEU B 53 -17.06 -25.57 18.27
N THR B 54 -16.64 -24.59 19.08
CA THR B 54 -15.46 -24.83 19.90
C THR B 54 -15.84 -25.66 21.12
N ALA B 55 -14.83 -26.01 21.92
CA ALA B 55 -15.06 -26.86 23.07
C ALA B 55 -15.76 -26.16 24.21
N ASP B 56 -15.76 -24.83 24.23
CA ASP B 56 -16.38 -24.11 25.34
C ASP B 56 -17.82 -24.50 25.61
N PRO B 57 -18.73 -24.57 24.63
CA PRO B 57 -20.11 -25.02 24.91
C PRO B 57 -20.21 -26.40 25.52
N LEU B 58 -19.14 -27.19 25.47
CA LEU B 58 -19.13 -28.53 26.05
C LEU B 58 -18.43 -28.56 27.40
N THR B 59 -17.89 -27.45 27.85
CA THR B 59 -17.11 -27.41 29.08
C THR B 59 -18.00 -27.01 30.25
N ASP B 60 -17.91 -27.80 31.33
CA ASP B 60 -18.59 -27.48 32.59
C ASP B 60 -17.93 -26.26 33.23
N PHE B 70 -9.59 -29.38 33.63
CA PHE B 70 -10.68 -29.26 32.66
C PHE B 70 -11.73 -30.35 32.88
N THR B 71 -12.99 -29.93 33.00
CA THR B 71 -14.12 -30.84 33.13
C THR B 71 -15.10 -30.55 32.00
N PHE B 72 -15.52 -31.59 31.28
CA PHE B 72 -16.55 -31.43 30.27
C PHE B 72 -17.91 -31.82 30.87
N ASP B 73 -18.97 -31.39 30.19
CA ASP B 73 -20.32 -31.65 30.70
C ASP B 73 -21.04 -32.68 29.83
N PRO B 74 -21.29 -33.89 30.34
CA PRO B 74 -22.00 -34.89 29.54
C PRO B 74 -23.34 -34.42 28.99
N LYS B 75 -24.09 -33.65 29.78
CA LYS B 75 -25.38 -33.16 29.31
C LYS B 75 -25.21 -32.20 28.14
N ALA B 76 -24.15 -31.38 28.16
CA ALA B 76 -23.87 -30.50 27.03
C ALA B 76 -23.50 -31.30 25.79
N ILE B 77 -22.75 -32.39 25.95
CA ILE B 77 -22.43 -33.17 24.76
C ILE B 77 -23.68 -33.80 24.17
N GLU B 78 -24.55 -34.33 25.03
CA GLU B 78 -25.78 -34.93 24.52
C GLU B 78 -26.64 -33.91 23.79
N ARG B 79 -26.67 -32.66 24.28
CA ARG B 79 -27.49 -31.65 23.63
C ARG B 79 -26.86 -31.18 22.32
N VAL B 80 -25.63 -30.69 22.38
CA VAL B 80 -24.99 -30.13 21.20
C VAL B 80 -24.85 -31.18 20.10
N VAL B 81 -24.32 -32.36 20.45
CA VAL B 81 -24.13 -33.43 19.48
C VAL B 81 -25.39 -34.25 19.29
N GLY B 82 -26.04 -34.66 20.38
CA GLY B 82 -27.18 -35.56 20.23
C GLY B 82 -28.44 -34.87 19.72
N GLN B 83 -28.76 -33.69 20.25
CA GLN B 83 -29.98 -33.02 19.81
C GLN B 83 -29.74 -32.16 18.56
N TYR B 84 -28.67 -31.36 18.56
CA TYR B 84 -28.42 -30.45 17.45
C TYR B 84 -27.54 -31.04 16.36
N LYS B 85 -26.97 -32.23 16.57
CA LYS B 85 -26.30 -32.98 15.52
C LYS B 85 -25.00 -32.33 15.06
N VAL B 86 -24.40 -31.49 15.91
CA VAL B 86 -23.13 -30.84 15.55
C VAL B 86 -22.08 -31.90 15.22
N GLY B 87 -21.39 -31.70 14.09
CA GLY B 87 -20.50 -32.70 13.50
C GLY B 87 -19.03 -32.44 13.72
N SER B 88 -18.68 -31.26 14.23
CA SER B 88 -17.26 -30.98 14.42
C SER B 88 -17.07 -30.06 15.62
N ILE B 89 -16.07 -30.37 16.44
CA ILE B 89 -15.66 -29.54 17.57
C ILE B 89 -14.22 -29.13 17.36
N LEU B 90 -13.85 -27.92 17.77
CA LEU B 90 -12.47 -27.51 17.62
C LEU B 90 -11.94 -26.89 18.92
N ASN B 91 -10.60 -26.76 18.96
CA ASN B 91 -9.89 -25.87 19.88
C ASN B 91 -9.50 -26.55 21.19
N ALA B 92 -8.61 -25.90 21.92
CA ALA B 92 -8.15 -26.41 23.20
C ALA B 92 -9.21 -26.11 24.26
N PRO B 93 -9.66 -27.12 25.00
CA PRO B 93 -10.47 -26.86 26.19
C PRO B 93 -9.85 -25.76 27.03
N LEU B 94 -10.71 -24.84 27.49
CA LEU B 94 -10.30 -23.70 28.31
C LEU B 94 -9.29 -22.80 27.59
N THR B 95 -9.19 -22.95 26.26
CA THR B 95 -8.32 -22.15 25.39
C THR B 95 -6.84 -22.20 25.83
N THR B 96 -6.44 -23.32 26.42
CA THR B 96 -5.07 -23.48 26.86
C THR B 96 -4.67 -24.93 26.61
N ALA B 97 -3.39 -25.16 26.34
CA ALA B 97 -2.90 -26.50 26.00
C ALA B 97 -3.28 -27.51 27.09
N GLN B 98 -3.55 -28.74 26.65
CA GLN B 98 -3.92 -29.85 27.53
C GLN B 98 -3.04 -31.06 27.23
N THR B 99 -3.02 -32.03 28.15
CA THR B 99 -2.28 -33.26 27.90
C THR B 99 -3.02 -34.14 26.90
N PRO B 100 -2.32 -35.08 26.26
CA PRO B 100 -3.05 -36.05 25.41
C PRO B 100 -4.16 -36.79 26.13
N GLU B 101 -3.96 -37.16 27.41
CA GLU B 101 -5.00 -37.88 28.15
C GLU B 101 -6.26 -37.03 28.30
N ALA B 102 -6.10 -35.74 28.55
CA ALA B 102 -7.26 -34.87 28.75
C ALA B 102 -8.06 -34.73 27.45
N TYR B 103 -7.37 -34.60 26.32
CA TYR B 103 -8.07 -34.59 25.04
C TYR B 103 -8.74 -35.93 24.78
N ALA B 104 -8.02 -37.03 25.01
CA ALA B 104 -8.54 -38.35 24.67
C ALA B 104 -9.87 -38.63 25.38
N ARG B 105 -9.93 -38.37 26.69
CA ARG B 105 -11.13 -38.74 27.43
C ARG B 105 -12.31 -37.86 27.01
N PHE B 106 -12.01 -36.61 26.70
CA PHE B 106 -13.01 -35.68 26.19
C PHE B 106 -13.54 -36.15 24.84
N ILE B 107 -12.61 -36.50 23.94
CA ILE B 107 -13.04 -36.91 22.59
C ILE B 107 -13.69 -38.28 22.63
N GLU B 108 -13.25 -39.18 23.53
CA GLU B 108 -13.98 -40.43 23.72
C GLU B 108 -15.44 -40.17 24.05
N ALA B 109 -15.70 -39.21 24.95
CA ALA B 109 -17.09 -38.91 25.31
C ALA B 109 -17.85 -38.35 24.11
N ILE B 110 -17.21 -37.45 23.35
CA ILE B 110 -17.82 -36.89 22.15
C ILE B 110 -18.15 -37.97 21.15
N GLN B 111 -17.19 -38.87 20.89
CA GLN B 111 -17.43 -39.92 19.91
C GLN B 111 -18.50 -40.91 20.36
N LYS B 112 -18.62 -41.17 21.67
CA LYS B 112 -19.66 -42.08 22.12
C LYS B 112 -21.05 -41.56 21.78
N VAL B 113 -21.29 -40.26 22.00
CA VAL B 113 -22.58 -39.67 21.66
C VAL B 113 -22.74 -39.55 20.15
N SER B 114 -21.67 -39.18 19.44
CA SER B 114 -21.77 -39.04 17.99
C SER B 114 -22.13 -40.37 17.32
N MET B 115 -21.44 -41.45 17.68
CA MET B 115 -21.73 -42.71 16.99
C MET B 115 -23.11 -43.23 17.37
N LYS B 116 -23.48 -43.10 18.64
CA LYS B 116 -24.77 -43.61 19.08
C LYS B 116 -25.94 -42.80 18.48
N GLN B 117 -25.89 -41.47 18.60
CA GLN B 117 -27.05 -40.67 18.20
C GLN B 117 -27.07 -40.32 16.71
N ILE B 118 -25.92 -40.13 16.07
CA ILE B 118 -25.86 -39.75 14.66
C ILE B 118 -25.42 -40.91 13.78
N GLY B 119 -24.48 -41.72 14.26
CA GLY B 119 -23.85 -42.72 13.43
C GLY B 119 -22.76 -42.16 12.55
N ILE B 120 -22.39 -40.90 12.75
CA ILE B 120 -21.33 -40.24 12.02
C ILE B 120 -20.33 -39.72 13.05
N PRO B 121 -19.04 -40.08 12.93
CA PRO B 121 -18.07 -39.66 13.94
C PRO B 121 -17.84 -38.15 13.91
N ASN B 122 -17.58 -37.59 15.08
CA ASN B 122 -17.16 -36.20 15.16
C ASN B 122 -15.81 -36.02 14.50
N LEU B 123 -15.60 -34.83 13.92
CA LEU B 123 -14.30 -34.39 13.41
C LEU B 123 -13.75 -33.30 14.32
N TYR B 124 -12.67 -33.61 15.03
CA TYR B 124 -12.06 -32.68 15.97
C TYR B 124 -10.88 -32.01 15.28
N GLY B 125 -10.78 -30.68 15.40
CA GLY B 125 -9.67 -29.95 14.81
C GLY B 125 -8.94 -29.10 15.83
N LEU B 126 -7.62 -28.97 15.63
CA LEU B 126 -6.78 -28.10 16.44
C LEU B 126 -5.86 -27.30 15.54
N ASP B 127 -5.49 -26.10 15.99
CA ASP B 127 -4.52 -25.29 15.24
C ASP B 127 -3.11 -25.68 15.70
N GLN B 128 -2.67 -26.88 15.27
CA GLN B 128 -1.32 -27.36 15.60
C GLN B 128 -0.41 -26.83 14.50
N ASN B 129 0.17 -25.65 14.72
CA ASN B 129 0.81 -24.91 13.64
C ASN B 129 2.32 -24.71 13.77
N HIS B 130 2.95 -25.24 14.82
CA HIS B 130 4.41 -25.40 14.76
C HIS B 130 4.77 -26.52 15.72
N GLY B 131 4.40 -27.74 15.35
CA GLY B 131 4.28 -28.79 16.38
C GLY B 131 2.99 -28.56 17.13
N THR B 132 2.86 -29.24 18.28
CA THR B 132 1.54 -29.33 18.94
C THR B 132 1.29 -28.10 19.82
N THR B 133 0.94 -27.01 19.13
CA THR B 133 0.56 -25.75 19.75
C THR B 133 -0.24 -25.91 21.03
N TYR B 134 -1.23 -26.79 20.99
CA TYR B 134 -2.18 -26.88 22.07
C TYR B 134 -2.09 -28.23 22.81
N THR B 135 -0.95 -28.92 22.74
CA THR B 135 -0.75 -30.13 23.55
C THR B 135 0.47 -29.95 24.44
N LEU B 136 0.25 -29.96 25.75
CA LEU B 136 1.36 -29.93 26.70
C LEU B 136 2.29 -31.14 26.52
N GLY B 137 3.61 -30.90 26.58
CA GLY B 137 4.61 -31.95 26.43
C GLY B 137 4.98 -32.26 25.00
N GLY B 138 4.24 -31.77 24.02
CA GLY B 138 4.53 -32.15 22.66
C GLY B 138 5.74 -31.40 22.13
N THR B 139 6.17 -31.80 20.92
CA THR B 139 7.34 -31.20 20.29
C THR B 139 6.97 -29.90 19.62
N ILE B 140 7.58 -28.79 20.06
CA ILE B 140 7.28 -27.44 19.53
C ILE B 140 8.42 -27.06 18.60
N PHE B 141 8.08 -26.76 17.36
CA PHE B 141 9.04 -26.47 16.32
C PHE B 141 9.21 -24.97 16.13
N PRO B 142 10.20 -24.54 15.36
CA PRO B 142 10.21 -23.15 14.90
C PRO B 142 8.92 -22.85 14.14
N GLN B 143 8.50 -21.58 14.20
CA GLN B 143 7.38 -21.11 13.39
C GLN B 143 7.68 -21.26 11.89
N ASN B 144 6.62 -21.15 11.08
CA ASN B 144 6.81 -21.37 9.64
C ASN B 144 7.77 -20.35 9.03
N ILE B 145 7.82 -19.11 9.52
CA ILE B 145 8.78 -18.18 8.93
C ILE B 145 10.20 -18.72 9.06
N ASN B 146 10.51 -19.35 10.20
CA ASN B 146 11.80 -19.99 10.39
C ASN B 146 12.00 -21.15 9.41
N LEU B 147 10.97 -21.98 9.24
CA LEU B 147 11.11 -23.09 8.29
C LEU B 147 11.34 -22.57 6.88
N GLY B 148 10.70 -21.46 6.51
CA GLY B 148 11.04 -20.80 5.26
C GLY B 148 12.54 -20.52 5.16
N ALA B 149 13.15 -20.04 6.25
CA ALA B 149 14.58 -19.72 6.22
C ALA B 149 15.47 -20.94 6.09
N THR B 150 14.94 -22.16 6.41
CA THR B 150 15.74 -23.37 6.25
C THR B 150 15.92 -23.76 4.78
N PHE B 151 15.05 -23.27 3.91
CA PHE B 151 14.97 -23.73 2.52
C PHE B 151 15.07 -25.24 2.42
N ASN B 152 14.44 -25.94 3.38
CA ASN B 152 14.69 -27.38 3.52
C ASN B 152 13.34 -28.11 3.50
N ARG B 153 12.96 -28.66 2.34
CA ARG B 153 11.67 -29.32 2.17
C ARG B 153 11.58 -30.56 3.07
N GLU B 154 12.63 -31.36 3.11
CA GLU B 154 12.56 -32.62 3.87
C GLU B 154 12.46 -32.36 5.36
N LEU B 155 13.18 -31.35 5.84
CA LEU B 155 13.08 -31.03 7.26
C LEU B 155 11.69 -30.47 7.58
N THR B 156 11.10 -29.67 6.69
CA THR B 156 9.73 -29.21 6.90
C THR B 156 8.77 -30.41 6.95
N ARG B 157 8.90 -31.34 6.00
CA ARG B 157 8.07 -32.54 6.01
C ARG B 157 8.24 -33.33 7.31
N ARG B 158 9.47 -33.47 7.80
CA ARG B 158 9.68 -34.24 9.02
C ARG B 158 9.00 -33.58 10.22
N SER B 159 8.99 -32.24 10.28
CA SER B 159 8.35 -31.57 11.40
C SER B 159 6.84 -31.81 11.42
N THR B 160 6.17 -31.74 10.26
CA THR B 160 4.71 -31.89 10.28
C THR B 160 4.32 -33.36 10.41
N GLU B 161 5.17 -34.26 9.94
CA GLU B 161 5.02 -35.67 10.28
C GLU B 161 5.09 -35.90 11.79
N ILE B 162 6.04 -35.25 12.47
CA ILE B 162 6.06 -35.37 13.93
C ILE B 162 4.81 -34.76 14.54
N CYS B 163 4.42 -33.58 14.03
CA CYS B 163 3.21 -32.96 14.58
C CYS B 163 2.01 -33.88 14.39
N ALA B 164 1.92 -34.58 13.25
CA ALA B 164 0.78 -35.45 13.00
C ALA B 164 0.74 -36.57 14.00
N TYR B 165 1.88 -37.19 14.24
CA TYR B 165 1.94 -38.31 15.17
C TYR B 165 1.49 -37.86 16.55
N GLU B 166 1.98 -36.70 16.98
CA GLU B 166 1.70 -36.23 18.33
C GLU B 166 0.28 -35.69 18.48
N THR B 167 -0.37 -35.33 17.37
CA THR B 167 -1.75 -34.88 17.41
C THR B 167 -2.72 -36.05 17.40
N ARG B 168 -2.45 -37.07 16.58
CA ARG B 168 -3.24 -38.32 16.71
C ARG B 168 -3.13 -38.90 18.10
N ALA B 169 -2.02 -38.66 18.80
CA ALA B 169 -1.91 -39.17 20.17
C ALA B 169 -2.94 -38.53 21.11
N CYS B 170 -3.55 -37.43 20.69
CA CYS B 170 -4.62 -36.76 21.44
C CYS B 170 -6.00 -37.17 20.97
N LEU B 171 -6.11 -38.15 20.06
CA LEU B 171 -7.36 -38.52 19.38
C LEU B 171 -7.88 -37.43 18.44
N VAL B 172 -6.98 -36.57 17.96
CA VAL B 172 -7.32 -35.46 17.05
C VAL B 172 -6.81 -35.81 15.67
N PRO B 173 -7.66 -35.80 14.63
CA PRO B 173 -7.20 -36.24 13.31
C PRO B 173 -6.99 -35.12 12.29
N TRP B 174 -7.00 -33.86 12.73
CA TRP B 174 -7.04 -32.72 11.83
C TRP B 174 -6.34 -31.52 12.43
N THR B 175 -5.40 -30.91 11.67
CA THR B 175 -4.82 -29.62 12.02
C THR B 175 -5.23 -28.56 11.01
N PHE B 176 -5.44 -27.33 11.45
CA PHE B 176 -5.85 -26.29 10.52
C PHE B 176 -4.61 -25.68 9.82
N ASN B 177 -3.76 -26.52 9.24
CA ASN B 177 -2.43 -26.08 8.83
C ASN B 177 -1.99 -26.91 7.63
N PRO B 178 -1.05 -26.42 6.82
CA PRO B 178 -0.20 -25.22 6.95
C PRO B 178 -0.80 -23.88 6.55
N THR B 179 -0.36 -22.84 7.24
CA THR B 179 -0.57 -21.46 6.79
C THR B 179 0.43 -21.12 5.70
N ILE B 180 -0.07 -20.64 4.55
CA ILE B 180 0.76 -20.35 3.38
C ILE B 180 0.39 -18.99 2.80
N ASP B 181 -0.05 -18.05 3.66
CA ASP B 181 -0.23 -16.65 3.22
C ASP B 181 1.10 -16.09 2.79
N LEU B 182 1.13 -15.31 1.70
CA LEU B 182 2.39 -14.62 1.39
C LEU B 182 2.61 -13.46 2.37
N ALA B 183 3.82 -13.36 2.93
CA ALA B 183 4.13 -12.26 3.86
C ALA B 183 4.44 -10.99 3.07
N ARG B 184 3.42 -10.20 2.74
CA ARG B 184 3.68 -9.06 1.88
C ARG B 184 3.70 -7.71 2.60
N HIS B 185 3.57 -7.69 3.93
CA HIS B 185 3.63 -6.43 4.66
C HIS B 185 4.28 -6.70 6.00
N ALA B 186 5.46 -6.10 6.21
CA ALA B 186 6.26 -6.35 7.42
C ALA B 186 5.55 -5.97 8.72
N ALA B 187 4.57 -5.05 8.67
CA ALA B 187 3.83 -4.69 9.89
C ALA B 187 2.74 -5.70 10.27
N TRP B 188 2.40 -6.64 9.40
CA TRP B 188 1.24 -7.53 9.70
C TRP B 188 1.57 -8.47 10.85
N PRO B 189 0.74 -8.56 11.89
CA PRO B 189 1.13 -9.39 13.05
C PRO B 189 1.15 -10.88 12.76
N ARG B 190 0.65 -11.33 11.60
CA ARG B 190 0.69 -12.74 11.24
C ARG B 190 1.80 -13.03 10.24
N PHE B 191 2.74 -12.08 10.10
CA PHE B 191 3.92 -12.21 9.24
C PHE B 191 4.63 -13.55 9.44
N TRP B 192 4.81 -13.95 10.70
CA TRP B 192 5.63 -15.11 11.08
C TRP B 192 4.92 -16.45 10.94
N GLU B 193 3.63 -16.48 10.60
CA GLU B 193 2.88 -17.73 10.54
C GLU B 193 3.03 -18.46 9.20
N ASN B 194 3.61 -17.81 8.21
CA ASN B 194 3.76 -18.41 6.90
C ASN B 194 5.24 -18.61 6.57
N PHE B 195 5.52 -19.10 5.37
CA PHE B 195 6.92 -19.38 5.02
C PHE B 195 7.63 -18.19 4.38
N GLY B 196 7.00 -17.00 4.40
CA GLY B 196 7.67 -15.77 4.05
C GLY B 196 7.11 -15.02 2.86
N GLU B 197 7.92 -14.12 2.29
CA GLU B 197 7.33 -13.22 1.31
C GLU B 197 7.24 -13.83 -0.09
N ASP B 198 7.82 -15.02 -0.33
CA ASP B 198 7.98 -15.54 -1.67
C ASP B 198 6.97 -16.62 -2.01
N THR B 199 6.42 -16.51 -3.25
CA THR B 199 5.43 -17.44 -3.78
C THR B 199 5.96 -18.87 -3.82
N TYR B 200 7.13 -19.04 -4.46
CA TYR B 200 7.69 -20.39 -4.63
C TYR B 200 8.01 -21.04 -3.29
N VAL B 201 8.53 -20.27 -2.31
CA VAL B 201 8.85 -20.88 -1.01
C VAL B 201 7.57 -21.37 -0.33
N ASN B 202 6.51 -20.54 -0.36
CA ASN B 202 5.26 -20.98 0.27
C ASN B 202 4.65 -22.17 -0.47
N ALA B 203 4.72 -22.17 -1.81
CA ALA B 203 4.19 -23.31 -2.55
C ALA B 203 4.94 -24.60 -2.19
N GLU B 204 6.27 -24.54 -2.21
CA GLU B 204 7.08 -25.75 -2.04
C GLU B 204 7.06 -26.24 -0.61
N LEU B 205 7.17 -25.33 0.34
CA LEU B 205 7.16 -25.79 1.73
C LEU B 205 5.76 -26.07 2.19
N GLY B 206 4.76 -25.39 1.60
CA GLY B 206 3.38 -25.77 1.88
C GLY B 206 3.10 -27.19 1.41
N ARG B 207 3.55 -27.54 0.20
CA ARG B 207 3.45 -28.94 -0.24
C ARG B 207 4.18 -29.89 0.69
N ALA B 208 5.40 -29.54 1.13
CA ALA B 208 6.13 -30.44 2.02
C ALA B 208 5.39 -30.62 3.33
N ALA B 209 4.81 -29.52 3.85
CA ALA B 209 4.03 -29.61 5.09
C ALA B 209 2.81 -30.51 4.92
N VAL B 210 2.04 -30.31 3.84
CA VAL B 210 0.87 -31.18 3.60
C VAL B 210 1.31 -32.64 3.55
N LEU B 211 2.40 -32.92 2.83
CA LEU B 211 2.86 -34.30 2.73
C LEU B 211 3.27 -34.88 4.07
N GLY B 212 3.89 -34.08 4.93
CA GLY B 212 4.27 -34.57 6.24
C GLY B 212 3.07 -34.89 7.10
N TYR B 213 2.08 -33.99 7.17
CA TYR B 213 0.87 -34.23 7.95
C TYR B 213 0.12 -35.47 7.46
N GLN B 214 -0.15 -35.51 6.16
CA GLN B 214 -1.15 -36.44 5.64
C GLN B 214 -0.57 -37.78 5.20
N GLY B 215 0.73 -37.82 4.89
CA GLY B 215 1.33 -39.00 4.27
C GLY B 215 0.98 -39.04 2.80
N ASP B 216 1.26 -40.18 2.16
CA ASP B 216 1.30 -40.21 0.70
C ASP B 216 -0.03 -40.60 0.05
N ASN B 217 -1.08 -40.86 0.83
CA ASN B 217 -2.37 -41.30 0.28
C ASN B 217 -3.49 -40.45 0.86
N PRO B 218 -3.87 -39.37 0.16
CA PRO B 218 -4.96 -38.51 0.69
C PRO B 218 -6.27 -39.25 0.93
N ASN B 219 -6.51 -40.37 0.25
CA ASN B 219 -7.73 -41.10 0.44
C ASN B 219 -7.68 -42.06 1.62
N SER B 220 -6.52 -42.23 2.26
CA SER B 220 -6.45 -43.15 3.42
C SER B 220 -5.36 -42.63 4.35
N ILE B 221 -5.77 -41.85 5.33
CA ILE B 221 -4.83 -41.20 6.22
C ILE B 221 -4.83 -42.01 7.50
N ASP B 222 -3.70 -42.69 7.76
CA ASP B 222 -3.67 -43.68 8.83
C ASP B 222 -3.56 -42.98 10.18
N ARG B 223 -3.47 -43.77 11.23
CA ARG B 223 -3.62 -43.20 12.56
C ARG B 223 -2.33 -42.61 13.10
N TYR B 224 -1.30 -42.48 12.26
CA TYR B 224 -0.15 -41.64 12.56
C TYR B 224 -0.15 -40.34 11.78
N HIS B 225 -1.19 -40.09 11.00
CA HIS B 225 -1.20 -38.92 10.13
C HIS B 225 -2.52 -38.19 10.32
N ILE B 226 -2.56 -36.90 9.91
CA ILE B 226 -3.76 -36.10 10.11
C ILE B 226 -4.10 -35.36 8.84
N ALA B 227 -5.37 -34.94 8.74
CA ALA B 227 -5.80 -34.03 7.68
C ALA B 227 -5.09 -32.69 7.83
N ALA B 228 -4.60 -32.16 6.71
CA ALA B 228 -4.09 -30.81 6.68
C ALA B 228 -5.16 -29.87 6.14
N CYS B 229 -4.89 -28.58 6.29
CA CYS B 229 -5.82 -27.49 5.97
C CYS B 229 -4.98 -26.32 5.49
N LEU B 230 -5.08 -25.94 4.21
CA LEU B 230 -4.36 -24.73 3.80
C LEU B 230 -5.10 -23.52 4.32
N LYS B 231 -4.37 -22.53 4.81
CA LYS B 231 -5.03 -21.27 5.12
C LYS B 231 -4.09 -20.11 4.84
N HIS B 232 -4.67 -18.90 4.70
CA HIS B 232 -6.08 -18.51 4.72
C HIS B 232 -6.43 -18.05 3.33
N TYR B 233 -7.15 -18.86 2.57
CA TYR B 233 -7.37 -18.60 1.14
C TYR B 233 -8.19 -17.33 0.90
N MET B 234 -7.62 -16.29 0.24
CA MET B 234 -6.22 -16.03 -0.03
C MET B 234 -6.00 -14.50 0.00
N ALA B 235 -4.74 -14.07 -0.16
CA ALA B 235 -4.32 -12.68 -0.07
C ALA B 235 -4.50 -12.10 1.33
N TYR B 236 -4.58 -12.94 2.34
CA TYR B 236 -4.80 -12.46 3.71
C TYR B 236 -3.62 -11.63 4.24
N GLY B 237 -2.39 -11.92 3.81
CA GLY B 237 -1.20 -11.24 4.25
C GLY B 237 -0.80 -10.01 3.45
N ALA B 238 -1.74 -9.50 2.64
CA ALA B 238 -1.46 -8.25 1.93
C ALA B 238 -2.42 -7.12 2.30
N PRO B 239 -2.72 -6.88 3.57
CA PRO B 239 -3.55 -5.71 3.89
C PRO B 239 -2.78 -4.47 3.54
N VAL B 240 -3.46 -3.53 2.89
CA VAL B 240 -2.82 -2.29 2.45
C VAL B 240 -2.10 -1.61 3.62
N SER B 241 -2.77 -1.51 4.76
CA SER B 241 -2.23 -0.76 5.89
C SER B 241 -1.27 -1.58 6.75
N GLY B 242 -1.15 -2.88 6.49
CA GLY B 242 -0.47 -3.81 7.37
C GLY B 242 -1.28 -4.29 8.55
N ARG B 243 -2.43 -3.66 8.86
CA ARG B 243 -3.24 -4.10 10.01
C ARG B 243 -4.04 -5.35 9.69
N ASP B 244 -4.04 -6.28 10.65
CA ASP B 244 -4.75 -7.54 10.44
C ASP B 244 -6.24 -7.32 10.16
N ARG B 245 -6.78 -8.11 9.23
CA ARG B 245 -8.18 -8.05 8.84
C ARG B 245 -8.62 -6.63 8.45
N THR B 246 -7.83 -6.01 7.59
CA THR B 246 -8.23 -4.78 6.90
C THR B 246 -8.03 -5.03 5.42
N PRO B 247 -8.61 -4.20 4.55
CA PRO B 247 -8.68 -4.60 3.13
C PRO B 247 -7.31 -4.75 2.47
N SER B 248 -7.22 -5.76 1.62
CA SER B 248 -6.10 -5.77 0.68
C SER B 248 -6.57 -5.10 -0.59
N SER B 249 -5.61 -4.84 -1.49
CA SER B 249 -5.90 -4.25 -2.79
C SER B 249 -4.93 -4.92 -3.78
N VAL B 250 -5.21 -6.19 -4.06
CA VAL B 250 -4.29 -7.04 -4.82
C VAL B 250 -4.57 -6.88 -6.31
N SER B 251 -3.50 -6.71 -7.08
CA SER B 251 -3.64 -6.53 -8.52
C SER B 251 -4.07 -7.84 -9.18
N ARG B 252 -4.63 -7.71 -10.39
CA ARG B 252 -5.14 -8.86 -11.11
C ARG B 252 -4.05 -9.91 -11.36
N SER B 253 -2.85 -9.48 -11.78
CA SER B 253 -1.79 -10.44 -12.04
C SER B 253 -1.28 -11.06 -10.75
N ASP B 254 -1.13 -10.24 -9.71
CA ASP B 254 -0.64 -10.72 -8.42
C ASP B 254 -1.59 -11.75 -7.81
N MET B 255 -2.91 -11.54 -7.95
CA MET B 255 -3.84 -12.49 -7.32
C MET B 255 -3.62 -13.90 -7.86
N ARG B 256 -3.46 -14.03 -9.17
CA ARG B 256 -3.31 -15.38 -9.71
C ARG B 256 -1.87 -15.87 -9.68
N GLU B 257 -0.92 -15.00 -10.06
CA GLU B 257 0.46 -15.45 -10.17
C GLU B 257 1.09 -15.72 -8.81
N LYS B 258 0.73 -14.94 -7.79
CA LYS B 258 1.43 -15.04 -6.51
C LYS B 258 0.52 -15.54 -5.37
N HIS B 259 -0.60 -14.88 -5.10
CA HIS B 259 -1.38 -15.29 -3.91
C HIS B 259 -2.03 -16.66 -4.09
N PHE B 260 -2.51 -16.96 -5.30
CA PHE B 260 -3.21 -18.23 -5.56
C PHE B 260 -2.23 -19.40 -5.68
N GLU B 261 -1.01 -19.12 -6.17
CA GLU B 261 -0.07 -20.18 -6.55
C GLU B 261 0.27 -21.15 -5.43
N PRO B 262 0.52 -20.73 -4.17
CA PRO B 262 0.81 -21.74 -3.14
C PRO B 262 -0.39 -22.60 -2.83
N PHE B 263 -1.61 -22.03 -2.94
CA PHE B 263 -2.81 -22.83 -2.71
C PHE B 263 -3.02 -23.81 -3.86
N ARG B 264 -2.90 -23.35 -5.11
CA ARG B 264 -2.97 -24.26 -6.25
C ARG B 264 -1.96 -25.40 -6.11
N ALA B 265 -0.70 -25.07 -5.77
CA ALA B 265 0.35 -26.06 -5.67
C ALA B 265 0.06 -27.11 -4.60
N ALA B 266 -0.44 -26.70 -3.43
CA ALA B 266 -0.64 -27.67 -2.37
C ALA B 266 -1.97 -28.42 -2.52
N VAL B 267 -2.94 -27.81 -3.22
CA VAL B 267 -4.11 -28.56 -3.67
C VAL B 267 -3.68 -29.71 -4.55
N GLN B 268 -2.72 -29.45 -5.46
CA GLN B 268 -2.26 -30.51 -6.33
C GLN B 268 -1.63 -31.66 -5.55
N SER B 269 -1.14 -31.41 -4.34
CA SER B 269 -0.58 -32.50 -3.52
C SER B 269 -1.63 -33.16 -2.61
N GLY B 270 -2.92 -32.86 -2.77
CA GLY B 270 -3.97 -33.65 -2.14
C GLY B 270 -4.46 -33.18 -0.78
N VAL B 271 -4.34 -31.89 -0.46
CA VAL B 271 -4.77 -31.42 0.85
C VAL B 271 -6.28 -31.68 1.03
N LEU B 272 -6.67 -32.08 2.25
CA LEU B 272 -8.06 -32.50 2.46
C LEU B 272 -8.99 -31.33 2.72
N SER B 273 -8.49 -30.21 3.24
CA SER B 273 -9.35 -29.08 3.60
C SER B 273 -8.62 -27.78 3.37
N ILE B 274 -9.41 -26.70 3.31
CA ILE B 274 -8.91 -25.33 3.13
C ILE B 274 -9.78 -24.42 4.00
N MET B 275 -9.15 -23.43 4.62
CA MET B 275 -9.84 -22.41 5.40
C MET B 275 -9.72 -21.08 4.69
N VAL B 276 -10.81 -20.29 4.72
CA VAL B 276 -10.94 -19.07 3.94
C VAL B 276 -10.44 -17.86 4.74
N ASN B 277 -9.85 -16.91 4.01
CA ASN B 277 -9.40 -15.63 4.56
C ASN B 277 -10.57 -14.84 5.15
N SER B 278 -10.39 -14.40 6.39
CA SER B 278 -11.41 -13.65 7.09
C SER B 278 -11.68 -12.29 6.49
N GLY B 279 -10.70 -11.74 5.77
CA GLY B 279 -10.73 -10.34 5.35
C GLY B 279 -11.42 -10.09 4.02
N VAL B 280 -11.00 -9.01 3.36
CA VAL B 280 -11.73 -8.35 2.29
C VAL B 280 -10.73 -7.93 1.23
N ASP B 281 -11.08 -8.10 -0.05
CA ASP B 281 -10.30 -7.52 -1.15
C ASP B 281 -11.28 -6.90 -2.16
N ASN B 282 -10.98 -5.69 -2.63
CA ASN B 282 -11.84 -5.00 -3.61
C ASN B 282 -13.28 -4.97 -3.09
N GLY B 283 -13.43 -4.69 -1.80
CA GLY B 283 -14.75 -4.54 -1.22
C GLY B 283 -15.50 -5.83 -0.95
N MET B 284 -14.92 -6.99 -1.27
CA MET B 284 -15.61 -8.28 -1.20
C MET B 284 -15.01 -9.14 -0.10
N PRO B 285 -15.74 -9.45 0.96
CA PRO B 285 -15.30 -10.48 1.90
C PRO B 285 -15.06 -11.78 1.15
N PHE B 286 -13.91 -12.41 1.42
CA PHE B 286 -13.65 -13.68 0.74
C PHE B 286 -14.70 -14.73 1.08
N HIS B 287 -15.29 -14.66 2.28
CA HIS B 287 -16.27 -15.66 2.66
C HIS B 287 -17.57 -15.53 1.89
N ALA B 288 -17.69 -14.50 1.05
CA ALA B 288 -18.87 -14.33 0.21
C ALA B 288 -18.52 -14.38 -1.28
N ASN B 289 -17.29 -14.74 -1.61
CA ASN B 289 -16.76 -14.56 -2.95
C ASN B 289 -16.88 -15.89 -3.70
N LYS B 290 -18.02 -16.08 -4.37
CA LYS B 290 -18.26 -17.37 -5.04
C LYS B 290 -17.24 -17.59 -6.15
N GLN B 291 -16.89 -16.53 -6.87
CA GLN B 291 -15.90 -16.66 -7.93
C GLN B 291 -14.61 -17.28 -7.42
N LEU B 292 -14.10 -16.79 -6.29
CA LEU B 292 -12.80 -17.30 -5.83
C LEU B 292 -12.93 -18.66 -5.11
N LEU B 293 -14.00 -18.86 -4.36
CA LEU B 293 -14.12 -20.08 -3.56
C LEU B 293 -14.59 -21.25 -4.40
N THR B 294 -15.63 -21.03 -5.19
CA THR B 294 -16.20 -22.10 -5.99
C THR B 294 -15.51 -22.21 -7.34
N ASP B 295 -15.39 -21.11 -8.09
CA ASP B 295 -14.91 -21.21 -9.46
C ASP B 295 -13.39 -21.39 -9.53
N TRP B 296 -12.62 -20.45 -8.98
CA TRP B 296 -11.18 -20.56 -9.07
C TRP B 296 -10.67 -21.81 -8.35
N LEU B 297 -11.25 -22.15 -7.21
CA LEU B 297 -10.65 -23.16 -6.35
C LEU B 297 -11.31 -24.52 -6.58
N LYS B 298 -12.56 -24.73 -6.11
CA LYS B 298 -13.13 -26.08 -6.19
C LYS B 298 -13.31 -26.53 -7.64
N ARG B 299 -13.85 -25.67 -8.51
CA ARG B 299 -14.14 -26.11 -9.87
C ARG B 299 -12.89 -26.16 -10.75
N ASP B 300 -12.16 -25.04 -10.84
CA ASP B 300 -11.00 -25.00 -11.75
C ASP B 300 -9.97 -26.06 -11.37
N LEU B 301 -9.77 -26.28 -10.08
CA LEU B 301 -8.76 -27.24 -9.67
C LEU B 301 -9.32 -28.64 -9.48
N ASN B 302 -10.62 -28.82 -9.71
CA ASN B 302 -11.29 -30.11 -9.56
C ASN B 302 -10.93 -30.74 -8.21
N TRP B 303 -11.18 -29.96 -7.14
CA TRP B 303 -10.76 -30.30 -5.77
C TRP B 303 -11.99 -30.66 -4.92
N ASP B 304 -12.03 -31.89 -4.42
CA ASP B 304 -13.22 -32.37 -3.74
C ASP B 304 -13.10 -32.30 -2.21
N GLY B 305 -12.21 -31.46 -1.70
CA GLY B 305 -11.99 -31.36 -0.27
C GLY B 305 -13.02 -30.46 0.41
N MET B 306 -12.75 -30.17 1.67
CA MET B 306 -13.74 -29.57 2.56
C MET B 306 -13.31 -28.15 2.88
N LEU B 307 -14.19 -27.17 2.61
CA LEU B 307 -13.86 -25.75 2.74
C LEU B 307 -14.53 -25.19 3.99
N VAL B 308 -13.73 -24.73 4.95
CA VAL B 308 -14.24 -24.29 6.23
C VAL B 308 -14.03 -22.77 6.34
N THR B 309 -14.95 -22.09 7.04
CA THR B 309 -14.73 -20.69 7.36
C THR B 309 -13.64 -20.52 8.41
N ASP B 310 -13.08 -19.31 8.48
CA ASP B 310 -12.31 -18.93 9.66
C ASP B 310 -13.31 -18.54 10.76
N TRP B 311 -12.78 -18.13 11.90
CA TRP B 311 -13.53 -18.02 13.15
C TRP B 311 -14.65 -16.97 13.07
N ALA B 312 -15.90 -17.38 13.26
CA ALA B 312 -17.07 -16.49 13.25
C ALA B 312 -17.18 -15.66 11.97
N ASP B 313 -16.59 -16.10 10.85
CA ASP B 313 -16.61 -15.17 9.71
C ASP B 313 -17.94 -15.10 8.98
N ILE B 314 -18.87 -16.05 9.19
CA ILE B 314 -20.21 -15.80 8.66
C ILE B 314 -20.88 -14.67 9.43
N ASP B 315 -20.75 -14.67 10.76
CA ASP B 315 -21.22 -13.52 11.56
C ASP B 315 -20.63 -12.23 11.02
N ASN B 316 -19.33 -12.25 10.69
CA ASN B 316 -18.69 -11.01 10.23
C ASN B 316 -19.36 -10.43 8.99
N LEU B 317 -19.89 -11.27 8.11
CA LEU B 317 -20.51 -10.74 6.90
C LEU B 317 -21.63 -9.75 7.21
N TYR B 318 -22.44 -10.00 8.24
CA TYR B 318 -23.45 -9.00 8.53
C TYR B 318 -23.04 -8.03 9.64
N LYS B 319 -22.30 -8.49 10.65
CA LYS B 319 -21.99 -7.59 11.76
C LYS B 319 -20.83 -6.67 11.41
N ARG B 320 -19.77 -7.23 10.82
CA ARG B 320 -18.56 -6.45 10.56
C ARG B 320 -18.66 -5.69 9.24
N ASP B 321 -18.94 -6.39 8.15
CA ASP B 321 -18.83 -5.79 6.82
C ASP B 321 -20.14 -5.25 6.27
N ARG B 322 -21.26 -5.66 6.84
CA ARG B 322 -22.58 -5.20 6.41
C ARG B 322 -22.81 -5.48 4.92
N VAL B 323 -22.37 -6.64 4.43
CA VAL B 323 -22.83 -7.12 3.13
C VAL B 323 -24.06 -8.02 3.25
N ALA B 324 -24.56 -8.23 4.48
CA ALA B 324 -25.79 -8.97 4.74
C ALA B 324 -26.51 -8.27 5.87
N ASN B 325 -27.84 -8.43 5.92
CA ASN B 325 -28.64 -7.74 6.92
C ASN B 325 -28.82 -8.53 8.21
N ASN B 326 -28.53 -9.82 8.21
CA ASN B 326 -28.78 -10.64 9.39
C ASN B 326 -28.05 -11.96 9.21
N LYS B 327 -28.10 -12.78 10.24
CA LYS B 327 -27.28 -13.99 10.23
C LYS B 327 -27.82 -15.00 9.21
N LYS B 328 -29.14 -15.10 9.08
CA LYS B 328 -29.70 -16.00 8.09
C LYS B 328 -29.19 -15.66 6.69
N GLU B 329 -29.24 -14.37 6.32
CA GLU B 329 -28.75 -14.00 5.00
C GLU B 329 -27.25 -14.23 4.87
N ALA B 330 -26.51 -14.04 5.97
CA ALA B 330 -25.07 -14.26 5.91
C ALA B 330 -24.76 -15.74 5.69
N ILE B 331 -25.47 -16.62 6.38
CA ILE B 331 -25.28 -18.06 6.17
C ILE B 331 -25.57 -18.43 4.73
N ALA B 332 -26.67 -17.95 4.19
CA ALA B 332 -27.01 -18.31 2.82
C ALA B 332 -25.94 -17.84 1.84
N MET B 333 -25.44 -16.62 2.01
CA MET B 333 -24.42 -16.07 1.12
C MET B 333 -23.13 -16.90 1.19
N ALA B 334 -22.68 -17.21 2.40
CA ALA B 334 -21.43 -17.97 2.55
C ALA B 334 -21.60 -19.40 2.03
N ILE B 335 -22.69 -20.07 2.40
CA ILE B 335 -22.87 -21.44 1.93
C ILE B 335 -23.02 -21.47 0.41
N ASN B 336 -23.81 -20.56 -0.15
CA ASN B 336 -23.94 -20.53 -1.61
C ASN B 336 -22.62 -20.18 -2.28
N ALA B 337 -21.74 -19.46 -1.59
CA ALA B 337 -20.47 -19.12 -2.23
C ALA B 337 -19.52 -20.31 -2.28
N GLY B 338 -19.81 -21.36 -1.51
CA GLY B 338 -18.97 -22.55 -1.56
C GLY B 338 -18.53 -23.07 -0.21
N ILE B 339 -18.81 -22.32 0.87
CA ILE B 339 -18.45 -22.81 2.21
C ILE B 339 -19.15 -24.15 2.49
N ASP B 340 -18.42 -25.09 3.10
CA ASP B 340 -19.03 -26.35 3.53
C ASP B 340 -19.29 -26.42 5.02
N MET B 341 -18.43 -25.81 5.84
CA MET B 341 -18.57 -25.94 7.29
C MET B 341 -18.38 -24.56 7.90
N SER B 342 -19.27 -24.17 8.81
CA SER B 342 -19.14 -22.88 9.49
C SER B 342 -18.48 -23.06 10.86
N MET B 343 -17.35 -22.39 11.07
CA MET B 343 -16.73 -22.27 12.39
C MET B 343 -17.53 -21.19 13.10
N ASP B 344 -18.69 -21.58 13.64
CA ASP B 344 -19.69 -20.58 14.00
C ASP B 344 -19.16 -19.52 14.96
N PRO B 345 -18.45 -19.85 16.06
CA PRO B 345 -18.18 -21.18 16.60
C PRO B 345 -18.92 -21.44 17.92
N TYR B 346 -19.98 -20.69 18.26
CA TYR B 346 -20.60 -20.81 19.59
C TYR B 346 -22.06 -21.25 19.59
N ASP B 347 -22.80 -21.09 18.49
CA ASP B 347 -24.26 -21.05 18.53
C ASP B 347 -24.86 -22.21 17.74
N VAL B 348 -25.48 -23.17 18.46
CA VAL B 348 -26.19 -24.24 17.78
C VAL B 348 -27.32 -23.69 16.92
N GLY B 349 -27.77 -22.46 17.18
CA GLY B 349 -28.79 -21.84 16.35
C GLY B 349 -28.41 -21.72 14.87
N PHE B 350 -27.12 -21.89 14.54
CA PHE B 350 -26.73 -21.95 13.13
C PHE B 350 -27.54 -23.01 12.41
N THR B 351 -27.78 -24.16 13.06
CA THR B 351 -28.49 -25.24 12.38
C THR B 351 -29.92 -24.86 12.08
N ASP B 352 -30.58 -24.20 13.03
CA ASP B 352 -31.96 -23.74 12.78
C ASP B 352 -32.01 -22.75 11.62
N LEU B 353 -31.07 -21.79 11.61
CA LEU B 353 -31.09 -20.77 10.55
C LEU B 353 -30.75 -21.36 9.20
N LEU B 354 -29.86 -22.35 9.15
CA LEU B 354 -29.56 -22.97 7.86
C LEU B 354 -30.77 -23.76 7.35
N LYS B 355 -31.49 -24.41 8.26
CA LYS B 355 -32.71 -25.08 7.83
C LYS B 355 -33.72 -24.07 7.31
N GLN B 356 -33.81 -22.91 7.95
CA GLN B 356 -34.69 -21.87 7.42
C GLN B 356 -34.28 -21.47 6.00
N CYS B 357 -32.97 -21.34 5.76
CA CYS B 357 -32.50 -21.04 4.41
C CYS B 357 -32.98 -22.08 3.41
N VAL B 358 -32.88 -23.35 3.78
CA VAL B 358 -33.32 -24.41 2.88
C VAL B 358 -34.82 -24.35 2.70
N ASN B 359 -35.56 -24.20 3.80
CA ASN B 359 -37.02 -24.18 3.74
C ASN B 359 -37.54 -22.99 2.94
N GLU B 360 -36.85 -21.85 2.98
CA GLU B 360 -37.28 -20.63 2.28
C GLU B 360 -36.66 -20.52 0.89
N GLY B 361 -35.93 -21.53 0.45
CA GLY B 361 -35.35 -21.51 -0.88
C GLY B 361 -34.14 -20.63 -1.04
N LEU B 362 -33.52 -20.17 0.06
CA LEU B 362 -32.33 -19.33 -0.02
C LEU B 362 -31.07 -20.13 -0.37
N VAL B 363 -31.02 -21.41 0.01
CA VAL B 363 -29.91 -22.32 -0.30
C VAL B 363 -30.51 -23.62 -0.87
N PRO B 364 -30.11 -24.09 -2.05
CA PRO B 364 -30.73 -25.31 -2.60
C PRO B 364 -30.22 -26.58 -1.93
N MET B 365 -31.06 -27.62 -1.89
CA MET B 365 -30.60 -28.88 -1.29
C MET B 365 -29.36 -29.43 -1.99
N SER B 366 -29.18 -29.14 -3.28
CA SER B 366 -27.98 -29.61 -3.98
C SER B 366 -26.72 -29.07 -3.32
N ARG B 367 -26.78 -27.84 -2.84
CA ARG B 367 -25.62 -27.23 -2.20
C ARG B 367 -25.39 -27.82 -0.80
N ILE B 368 -26.46 -28.05 -0.03
CA ILE B 368 -26.36 -28.77 1.23
C ILE B 368 -25.75 -30.14 1.01
N ASP B 369 -26.36 -30.91 0.09
CA ASP B 369 -25.89 -32.26 -0.18
C ASP B 369 -24.41 -32.28 -0.58
N ASP B 370 -23.98 -31.29 -1.37
CA ASP B 370 -22.58 -31.29 -1.78
C ASP B 370 -21.67 -30.97 -0.59
N ALA B 371 -22.07 -30.02 0.25
CA ALA B 371 -21.29 -29.68 1.43
C ALA B 371 -21.13 -30.88 2.36
N VAL B 372 -22.24 -31.56 2.66
CA VAL B 372 -22.20 -32.74 3.51
C VAL B 372 -21.40 -33.84 2.84
N SER B 373 -21.53 -33.99 1.51
CA SER B 373 -20.69 -34.95 0.81
C SER B 373 -19.20 -34.69 1.07
N ARG B 374 -18.78 -33.43 1.01
CA ARG B 374 -17.37 -33.13 1.26
C ARG B 374 -16.97 -33.40 2.71
N ILE B 375 -17.83 -33.09 3.67
CA ILE B 375 -17.51 -33.35 5.07
C ILE B 375 -17.44 -34.84 5.34
N LEU B 376 -18.41 -35.61 4.82
CA LEU B 376 -18.39 -37.06 5.03
C LEU B 376 -17.15 -37.68 4.39
N ARG B 377 -16.85 -37.27 3.16
CA ARG B 377 -15.67 -37.76 2.46
C ARG B 377 -14.42 -37.54 3.28
N MET B 378 -14.28 -36.34 3.86
CA MET B 378 -13.11 -36.09 4.71
C MET B 378 -13.10 -37.05 5.90
N LYS B 379 -14.26 -37.28 6.53
CA LYS B 379 -14.31 -38.17 7.68
C LYS B 379 -13.94 -39.60 7.29
N PHE B 380 -14.43 -40.05 6.12
CA PHE B 380 -14.06 -41.37 5.66
C PHE B 380 -12.58 -41.44 5.33
N ARG B 381 -11.99 -40.38 4.74
CA ARG B 381 -10.57 -40.46 4.44
C ARG B 381 -9.74 -40.59 5.71
N LEU B 382 -10.19 -39.99 6.82
CA LEU B 382 -9.47 -40.13 8.09
C LEU B 382 -9.74 -41.46 8.83
N GLY B 383 -10.56 -42.34 8.28
CA GLY B 383 -10.85 -43.61 8.91
C GLY B 383 -11.71 -43.49 10.15
N LEU B 384 -12.44 -42.38 10.30
CA LEU B 384 -13.16 -42.09 11.53
C LEU B 384 -14.44 -42.90 11.70
N PHE B 385 -15.06 -43.41 10.64
CA PHE B 385 -16.23 -44.25 10.89
C PHE B 385 -15.81 -45.57 11.52
N ASP B 386 -14.75 -46.18 10.98
CA ASP B 386 -14.25 -47.45 11.52
C ASP B 386 -13.44 -47.25 12.80
N ALA B 387 -12.76 -46.12 12.95
CA ALA B 387 -11.95 -45.85 14.14
C ALA B 387 -12.17 -44.42 14.57
N PRO B 388 -13.31 -44.14 15.21
CA PRO B 388 -13.54 -42.80 15.75
C PRO B 388 -12.65 -42.48 16.94
N THR B 389 -12.19 -43.51 17.63
CA THR B 389 -11.14 -43.45 18.62
C THR B 389 -10.13 -44.54 18.29
N TRP B 390 -8.99 -44.50 18.99
CA TRP B 390 -7.94 -45.48 18.76
C TRP B 390 -7.08 -45.56 20.03
N ASN B 391 -6.02 -46.37 19.99
CA ASN B 391 -5.30 -46.73 21.23
C ASN B 391 -4.26 -45.65 21.52
N TRP B 392 -4.73 -44.55 22.10
CA TRP B 392 -3.86 -43.41 22.40
C TRP B 392 -2.92 -43.73 23.56
N ARG B 393 -3.30 -44.65 24.46
CA ARG B 393 -2.42 -44.99 25.57
C ARG B 393 -1.21 -45.79 25.13
N ARG B 394 -1.27 -46.49 23.99
CA ARG B 394 -0.23 -47.44 23.64
C ARG B 394 0.57 -47.10 22.40
N ASP B 395 -0.02 -46.45 21.39
CA ASP B 395 0.55 -46.45 20.04
C ASP B 395 1.46 -45.26 19.75
N TYR B 396 1.67 -44.37 20.74
CA TYR B 396 2.37 -43.10 20.50
C TYR B 396 3.51 -42.92 21.50
N PRO B 397 4.38 -43.94 21.68
CA PRO B 397 5.44 -43.82 22.69
C PRO B 397 6.45 -42.74 22.40
N LEU B 398 6.58 -42.31 21.14
CA LEU B 398 7.56 -41.28 20.82
C LEU B 398 7.05 -39.88 21.13
N PHE B 399 5.83 -39.75 21.66
CA PHE B 399 5.30 -38.41 21.94
C PHE B 399 6.24 -37.65 22.87
N GLY B 400 6.64 -36.45 22.46
CA GLY B 400 7.54 -35.65 23.29
C GLY B 400 8.91 -36.24 23.53
N SER B 401 9.35 -37.16 22.68
CA SER B 401 10.63 -37.84 22.88
C SER B 401 11.80 -36.92 22.55
N ALA B 402 12.98 -37.31 23.04
CA ALA B 402 14.19 -36.59 22.67
C ALA B 402 14.50 -36.75 21.19
N GLN B 403 14.15 -37.89 20.62
CA GLN B 403 14.33 -38.08 19.18
C GLN B 403 13.52 -37.06 18.37
N HIS B 404 12.26 -36.82 18.77
CA HIS B 404 11.48 -35.77 18.10
C HIS B 404 12.09 -34.40 18.34
N ALA B 405 12.58 -34.16 19.56
CA ALA B 405 13.15 -32.85 19.85
C ALA B 405 14.41 -32.58 19.04
N ASP B 406 15.19 -33.63 18.73
CA ASP B 406 16.37 -33.48 17.86
C ASP B 406 15.99 -32.90 16.51
N VAL B 407 14.85 -33.32 15.95
CA VAL B 407 14.42 -32.74 14.68
C VAL B 407 14.03 -31.29 14.86
N ALA B 408 13.36 -30.96 15.97
CA ALA B 408 13.03 -29.56 16.21
C ALA B 408 14.28 -28.71 16.35
N ARG B 409 15.29 -29.22 17.07
CA ARG B 409 16.49 -28.43 17.25
C ARG B 409 17.22 -28.24 15.92
N GLN B 410 17.25 -29.29 15.07
CA GLN B 410 17.87 -29.14 13.76
C GLN B 410 17.16 -28.10 12.93
N SER B 411 15.82 -28.16 12.90
N SER B 411 15.83 -28.12 12.92
CA SER B 411 15.02 -27.13 12.23
CA SER B 411 15.12 -27.10 12.14
C SER B 411 15.37 -25.76 12.76
C SER B 411 15.31 -25.72 12.76
N ALA B 412 15.46 -25.64 14.08
CA ALA B 412 15.78 -24.35 14.68
C ALA B 412 17.15 -23.87 14.20
N GLU B 413 18.18 -24.73 14.26
CA GLU B 413 19.52 -24.35 13.80
C GLU B 413 19.49 -23.87 12.37
N GLU B 414 18.90 -24.67 11.47
CA GLU B 414 18.93 -24.37 10.05
C GLU B 414 18.14 -23.12 9.70
N SER B 415 17.30 -22.63 10.61
CA SER B 415 16.49 -21.44 10.38
C SER B 415 17.22 -20.15 10.75
N MET B 416 18.22 -20.22 11.59
CA MET B 416 18.83 -18.99 12.10
C MET B 416 19.76 -18.41 11.04
N VAL B 417 19.64 -17.11 10.81
CA VAL B 417 20.34 -16.44 9.70
C VAL B 417 21.46 -15.58 10.26
N LEU B 418 22.69 -15.91 9.89
CA LEU B 418 23.86 -15.09 10.24
C LEU B 418 23.89 -13.97 9.20
N LEU B 419 23.50 -12.75 9.60
CA LEU B 419 23.33 -11.64 8.67
C LEU B 419 24.60 -10.84 8.54
N LYS B 420 25.46 -10.88 9.56
CA LYS B 420 26.67 -10.09 9.62
C LYS B 420 27.63 -10.80 10.55
N ASN B 421 28.91 -10.83 10.18
CA ASN B 421 29.90 -11.44 11.07
C ASN B 421 31.27 -10.87 10.76
N GLU B 422 31.55 -9.67 11.21
CA GLU B 422 32.83 -9.04 10.89
C GLU B 422 33.95 -9.50 11.81
N GLY B 423 35.16 -9.57 11.25
CA GLY B 423 36.32 -9.98 12.01
C GLY B 423 36.23 -11.34 12.67
N GLN B 424 35.42 -12.25 12.12
CA GLN B 424 35.29 -13.61 12.64
C GLN B 424 34.94 -13.60 14.14
N LEU B 425 34.10 -12.65 14.56
CA LEU B 425 33.68 -12.62 15.96
C LEU B 425 33.02 -13.94 16.36
N LEU B 426 32.15 -14.50 15.48
CA LEU B 426 31.50 -15.80 15.63
C LEU B 426 32.21 -16.85 14.78
N PRO B 427 32.37 -18.09 15.27
CA PRO B 427 31.90 -18.62 16.56
C PRO B 427 32.74 -18.16 17.77
N LEU B 428 32.07 -18.05 18.92
CA LEU B 428 32.73 -17.72 20.17
C LEU B 428 33.68 -18.84 20.58
N ARG B 429 34.60 -18.51 21.47
CA ARG B 429 35.68 -19.42 21.81
C ARG B 429 35.71 -19.64 23.32
N ALA B 430 36.40 -20.71 23.71
CA ALA B 430 36.64 -20.99 25.12
C ALA B 430 37.37 -19.83 25.79
N GLY B 431 37.14 -19.67 27.09
CA GLY B 431 37.74 -18.57 27.82
C GLY B 431 36.92 -17.28 27.80
N GLN B 432 36.28 -16.96 26.67
CA GLN B 432 35.61 -15.67 26.55
C GLN B 432 34.49 -15.54 27.59
N LYS B 433 34.48 -14.40 28.30
CA LYS B 433 33.39 -14.08 29.23
C LYS B 433 32.27 -13.43 28.44
N ILE B 434 31.08 -14.02 28.50
CA ILE B 434 29.94 -13.62 27.69
C ILE B 434 28.94 -12.94 28.60
N LEU B 435 28.45 -11.78 28.17
CA LEU B 435 27.32 -11.13 28.83
C LEU B 435 26.08 -11.28 27.96
N LEU B 436 25.01 -11.81 28.53
CA LEU B 436 23.73 -11.90 27.85
C LEU B 436 22.85 -10.76 28.33
N ALA B 437 22.37 -9.95 27.39
CA ALA B 437 21.57 -8.78 27.70
C ALA B 437 20.37 -8.75 26.78
N GLY B 438 19.45 -7.81 27.04
CA GLY B 438 18.27 -7.69 26.22
C GLY B 438 17.08 -8.44 26.78
N PRO B 439 15.88 -7.98 26.42
CA PRO B 439 14.65 -8.53 27.02
C PRO B 439 14.28 -9.90 26.50
N ASN B 440 14.88 -10.32 25.39
CA ASN B 440 14.63 -11.63 24.80
C ASN B 440 15.65 -12.68 25.25
N ALA B 441 16.54 -12.36 26.20
CA ALA B 441 17.64 -13.26 26.54
C ALA B 441 17.26 -14.44 27.44
N ASN B 442 16.18 -14.35 28.21
CA ASN B 442 15.90 -15.39 29.22
C ASN B 442 14.40 -15.69 29.27
N SER B 443 13.81 -15.95 28.11
CA SER B 443 12.37 -16.10 28.01
C SER B 443 12.02 -17.13 26.95
N LEU B 444 11.20 -18.11 27.32
CA LEU B 444 10.65 -19.06 26.35
C LEU B 444 9.52 -18.43 25.57
N ARG B 445 8.76 -17.54 26.20
CA ARG B 445 7.76 -16.80 25.45
C ARG B 445 8.39 -16.09 24.26
N ALA B 446 9.57 -15.49 24.46
CA ALA B 446 10.22 -14.75 23.39
C ALA B 446 10.66 -15.67 22.25
N LEU B 447 11.15 -16.86 22.60
CA LEU B 447 11.60 -17.81 21.59
C LEU B 447 10.43 -18.34 20.76
N ASN B 448 9.27 -18.55 21.38
CA ASN B 448 8.16 -19.22 20.67
C ASN B 448 7.24 -18.26 19.93
N GLY B 449 7.01 -17.08 20.49
CA GLY B 449 6.04 -16.20 19.91
C GLY B 449 4.63 -16.69 20.19
N GLY B 450 3.69 -16.16 19.41
CA GLY B 450 2.28 -16.49 19.56
C GLY B 450 2.03 -17.95 19.15
N TRP B 451 0.75 -18.37 19.28
CA TRP B 451 0.32 -19.75 18.97
C TRP B 451 1.22 -20.76 19.66
N THR B 452 1.40 -20.58 20.95
CA THR B 452 2.22 -21.52 21.73
C THR B 452 1.57 -21.69 23.11
N TYR B 453 0.86 -22.83 23.30
CA TYR B 453 0.14 -23.24 24.51
C TYR B 453 -1.13 -22.42 24.76
N THR B 454 -1.04 -21.10 24.61
CA THR B 454 -2.18 -20.20 24.49
C THR B 454 -2.09 -19.46 23.17
N TRP B 455 -3.23 -18.92 22.74
CA TRP B 455 -3.31 -18.17 21.50
C TRP B 455 -2.24 -17.08 21.41
N GLN B 456 -2.11 -16.26 22.46
CA GLN B 456 -1.14 -15.17 22.45
C GLN B 456 0.29 -15.62 22.79
N GLY B 457 0.48 -16.86 23.22
CA GLY B 457 1.79 -17.31 23.70
C GLY B 457 2.23 -16.65 24.98
N HIS B 458 1.30 -16.03 25.69
CA HIS B 458 1.63 -15.10 26.74
C HIS B 458 1.83 -15.78 28.10
N ARG B 459 1.77 -17.12 28.15
CA ARG B 459 1.97 -17.82 29.42
C ARG B 459 2.99 -18.93 29.29
N THR B 460 3.84 -18.89 28.25
CA THR B 460 4.72 -20.02 27.98
C THR B 460 5.78 -20.21 29.05
N ASP B 461 6.34 -19.12 29.57
CA ASP B 461 7.33 -19.35 30.63
C ASP B 461 6.68 -19.92 31.88
N GLU B 462 5.40 -19.63 32.10
CA GLU B 462 4.70 -20.16 33.29
C GLU B 462 4.27 -21.62 33.08
N LEU B 463 3.86 -21.96 31.87
CA LEU B 463 3.29 -23.26 31.61
C LEU B 463 4.32 -24.34 31.32
N ALA B 464 5.50 -23.98 30.78
CA ALA B 464 6.47 -24.98 30.34
C ALA B 464 7.88 -24.51 30.67
N PRO B 465 8.15 -24.21 31.95
CA PRO B 465 9.49 -23.74 32.32
C PRO B 465 10.59 -24.78 32.15
N GLN B 466 10.27 -26.05 31.83
CA GLN B 466 11.33 -27.06 31.74
C GLN B 466 12.23 -26.87 30.52
N TYR B 467 11.80 -26.11 29.51
CA TYR B 467 12.58 -25.88 28.29
C TYR B 467 13.61 -24.77 28.53
N LYS B 468 14.61 -24.69 27.65
CA LYS B 468 15.80 -23.87 27.89
C LYS B 468 15.70 -22.51 27.19
N THR B 469 15.79 -21.42 27.96
CA THR B 469 15.91 -20.09 27.35
C THR B 469 17.27 -19.94 26.70
N ILE B 470 17.44 -18.85 25.94
CA ILE B 470 18.75 -18.58 25.36
C ILE B 470 19.80 -18.56 26.46
N TYR B 471 19.52 -17.83 27.55
CA TYR B 471 20.46 -17.78 28.68
C TYR B 471 20.77 -19.17 29.25
N GLU B 472 19.74 -19.98 29.51
CA GLU B 472 20.00 -21.29 30.09
C GLU B 472 20.84 -22.17 29.15
N ALA B 473 20.51 -22.17 27.85
CA ALA B 473 21.27 -22.98 26.91
C ALA B 473 22.71 -22.48 26.76
N MET B 474 22.89 -21.16 26.76
CA MET B 474 24.25 -20.58 26.68
C MET B 474 25.04 -20.91 27.93
N ALA B 475 24.42 -20.81 29.11
CA ALA B 475 25.13 -21.19 30.34
C ALA B 475 25.54 -22.66 30.31
N GLU B 476 24.69 -23.54 29.77
CA GLU B 476 25.06 -24.96 29.74
C GLU B 476 26.20 -25.21 28.78
N ARG B 477 26.17 -24.58 27.60
CA ARG B 477 27.17 -24.87 26.59
C ARG B 477 28.52 -24.26 26.94
N PHE B 478 28.55 -23.01 27.40
CA PHE B 478 29.79 -22.28 27.61
C PHE B 478 30.25 -22.31 29.06
N GLY B 479 29.38 -22.72 29.98
CA GLY B 479 29.70 -22.80 31.39
C GLY B 479 29.07 -21.68 32.19
N GLN B 480 28.49 -21.99 33.35
CA GLN B 480 27.87 -20.95 34.16
C GLN B 480 28.85 -19.84 34.50
N ASP B 481 30.13 -20.19 34.70
CA ASP B 481 31.12 -19.18 35.09
C ASP B 481 31.49 -18.25 33.95
N LYS B 482 31.12 -18.58 32.72
CA LYS B 482 31.46 -17.78 31.55
C LYS B 482 30.30 -16.96 31.02
N VAL B 483 29.07 -17.23 31.48
CA VAL B 483 27.87 -16.59 30.95
C VAL B 483 27.17 -15.87 32.10
N THR B 484 27.03 -14.56 31.96
CA THR B 484 26.39 -13.67 32.93
C THR B 484 25.12 -13.10 32.30
N LEU B 485 24.04 -13.07 33.07
CA LEU B 485 22.77 -12.51 32.60
C LEU B 485 22.58 -11.11 33.20
N SER B 486 22.44 -10.09 32.35
CA SER B 486 22.03 -8.78 32.86
C SER B 486 21.25 -8.11 31.73
N GLN B 487 19.91 -8.17 31.80
CA GLN B 487 19.10 -7.83 30.63
C GLN B 487 19.19 -6.35 30.28
N GLY B 488 19.17 -5.46 31.28
CA GLY B 488 19.10 -4.02 31.02
C GLY B 488 17.71 -3.50 30.63
N VAL B 489 16.99 -4.28 29.82
CA VAL B 489 15.61 -3.99 29.45
C VAL B 489 14.84 -5.28 29.63
N VAL B 490 13.63 -5.19 30.21
CA VAL B 490 12.82 -6.36 30.46
C VAL B 490 11.41 -6.12 29.97
N TYR B 491 10.73 -7.21 29.60
CA TYR B 491 9.30 -7.25 29.31
C TYR B 491 8.55 -7.52 30.61
N PRO B 492 7.39 -6.90 30.80
CA PRO B 492 6.52 -7.28 31.90
C PRO B 492 5.79 -8.57 31.56
N LYS B 493 5.23 -9.20 32.60
CA LYS B 493 4.31 -10.31 32.38
C LYS B 493 3.06 -9.80 31.69
N ALA B 494 2.58 -10.57 30.71
CA ALA B 494 1.37 -10.19 29.99
C ALA B 494 0.16 -10.14 30.93
N ASP B 495 -0.69 -9.14 30.76
CA ASP B 495 -2.03 -9.25 31.34
C ASP B 495 -2.81 -10.32 30.59
N GLU B 496 -4.04 -10.61 31.03
CA GLU B 496 -4.80 -11.72 30.45
C GLU B 496 -5.08 -11.53 28.97
N ALA B 497 -5.27 -10.30 28.54
CA ALA B 497 -5.56 -9.99 27.15
C ALA B 497 -4.28 -9.82 26.31
N ASN B 498 -3.12 -9.92 26.94
CA ASN B 498 -1.84 -9.58 26.29
C ASN B 498 -1.91 -8.20 25.67
N SER B 499 -2.61 -7.29 26.36
CA SER B 499 -2.67 -5.93 25.83
C SER B 499 -1.33 -5.20 25.93
N ASN B 500 -0.41 -5.65 26.80
CA ASN B 500 0.87 -4.99 27.01
C ASN B 500 2.01 -5.71 26.30
N TRP B 501 1.74 -6.44 25.21
CA TRP B 501 2.80 -7.18 24.53
C TRP B 501 3.94 -6.27 24.04
N ALA B 502 3.64 -5.02 23.67
CA ALA B 502 4.67 -4.10 23.17
C ALA B 502 5.45 -3.42 24.28
N ALA B 503 5.03 -3.54 25.54
CA ALA B 503 5.68 -2.80 26.60
C ALA B 503 7.04 -3.43 26.95
N ASP B 504 8.00 -2.58 27.28
CA ASP B 504 9.20 -3.03 27.98
C ASP B 504 9.66 -1.89 28.87
N SER B 505 10.73 -2.12 29.63
CA SER B 505 11.21 -1.07 30.52
C SER B 505 12.69 -1.28 30.85
N MET B 506 13.36 -0.18 31.16
CA MET B 506 14.72 -0.24 31.65
C MET B 506 14.73 -0.86 33.03
N ALA B 507 15.73 -1.69 33.29
CA ALA B 507 15.86 -2.39 34.57
C ALA B 507 17.34 -2.36 34.94
N ASP B 508 17.71 -1.42 35.80
CA ASP B 508 19.09 -1.22 36.27
C ASP B 508 20.09 -1.27 35.12
N LEU B 509 19.90 -0.36 34.17
CA LEU B 509 20.85 -0.20 33.08
C LEU B 509 22.28 -0.08 33.61
N ALA B 510 22.46 0.66 34.71
CA ALA B 510 23.79 0.89 35.27
C ALA B 510 24.50 -0.42 35.58
N ALA B 511 23.82 -1.33 36.28
CA ALA B 511 24.41 -2.64 36.58
C ALA B 511 24.76 -3.39 35.29
N THR B 512 23.88 -3.29 34.29
CA THR B 512 24.10 -4.01 33.04
C THR B 512 25.37 -3.52 32.36
N LEU B 513 25.57 -2.19 32.30
CA LEU B 513 26.77 -1.62 31.68
C LEU B 513 28.03 -2.01 32.44
N ARG B 514 27.95 -2.01 33.78
CA ARG B 514 29.07 -2.49 34.57
C ARG B 514 29.42 -3.93 34.22
N ALA B 515 28.39 -4.78 34.10
CA ALA B 515 28.61 -6.17 33.71
C ALA B 515 29.21 -6.27 32.31
N ALA B 516 28.80 -5.39 31.42
CA ALA B 516 29.38 -5.41 30.07
C ALA B 516 30.85 -5.06 30.12
N GLN B 517 31.24 -4.11 30.98
CA GLN B 517 32.65 -3.76 31.10
C GLN B 517 33.49 -4.94 31.53
N ALA B 518 32.94 -5.81 32.37
CA ALA B 518 33.61 -7.00 32.91
C ALA B 518 33.67 -8.18 31.94
N ALA B 519 33.05 -8.09 30.77
CA ALA B 519 32.94 -9.22 29.87
C ALA B 519 33.85 -9.02 28.66
N ASP B 520 33.98 -10.06 27.85
CA ASP B 520 34.72 -10.02 26.59
C ASP B 520 33.83 -9.82 25.38
N VAL B 521 32.59 -10.29 25.44
CA VAL B 521 31.68 -10.18 24.31
C VAL B 521 30.27 -10.05 24.87
N ILE B 522 29.45 -9.27 24.18
CA ILE B 522 28.08 -8.98 24.58
C ILE B 522 27.16 -9.63 23.56
N VAL B 523 26.25 -10.48 24.03
CA VAL B 523 25.20 -11.03 23.19
C VAL B 523 23.88 -10.34 23.60
N ALA B 524 23.36 -9.45 22.75
CA ALA B 524 22.19 -8.64 23.06
C ALA B 524 21.02 -9.18 22.27
N CYS B 525 20.00 -9.66 22.98
CA CYS B 525 18.84 -10.33 22.40
C CYS B 525 17.66 -9.38 22.45
N VAL B 526 17.30 -8.83 21.29
CA VAL B 526 16.29 -7.78 21.18
C VAL B 526 15.26 -8.23 20.14
N GLY B 527 14.14 -7.51 20.10
CA GLY B 527 13.10 -7.74 19.11
C GLY B 527 11.73 -7.48 19.69
N GLU B 528 10.92 -8.54 19.78
CA GLU B 528 9.53 -8.45 20.18
C GLU B 528 9.23 -9.52 21.21
N ASN B 529 8.26 -9.22 22.07
CA ASN B 529 7.62 -10.24 22.91
C ASN B 529 6.56 -10.91 22.05
N SER B 530 5.84 -11.92 22.58
CA SER B 530 4.88 -12.65 21.75
C SER B 530 3.56 -11.91 21.62
N TYR B 531 2.88 -12.17 20.49
CA TYR B 531 1.56 -11.59 20.19
C TYR B 531 0.95 -12.46 19.10
N CYS B 532 -0.35 -12.26 18.85
CA CYS B 532 -1.00 -13.04 17.81
C CYS B 532 -2.20 -12.27 17.24
N GLU B 533 -2.29 -12.21 15.92
CA GLU B 533 -3.42 -11.60 15.20
C GLU B 533 -3.58 -10.13 15.60
N THR B 534 -4.85 -9.68 15.61
CA THR B 534 -5.12 -8.25 15.76
C THR B 534 -4.57 -7.67 17.05
N PRO B 535 -4.57 -8.37 18.19
CA PRO B 535 -3.95 -7.79 19.40
C PRO B 535 -2.51 -7.39 19.19
N GLY B 536 -1.85 -7.96 18.17
CA GLY B 536 -0.46 -7.64 17.84
C GLY B 536 -0.26 -6.54 16.79
N ASN B 537 -1.33 -5.92 16.25
CA ASN B 537 -1.17 -4.80 15.33
C ASN B 537 -0.16 -3.79 15.85
N LEU B 538 0.64 -3.20 14.95
CA LEU B 538 1.56 -2.17 15.42
C LEU B 538 1.30 -0.90 14.63
N THR B 539 1.91 0.20 15.07
CA THR B 539 1.75 1.49 14.41
C THR B 539 3.07 2.05 13.89
N ASP B 540 4.20 1.47 14.33
CA ASP B 540 5.47 1.93 13.82
C ASP B 540 6.41 0.74 13.86
N LEU B 541 7.02 0.44 12.72
CA LEU B 541 7.88 -0.75 12.63
C LEU B 541 9.19 -0.64 13.44
N HIS B 542 9.62 0.55 13.87
CA HIS B 542 10.88 0.64 14.61
C HIS B 542 10.92 -0.33 15.80
N LEU B 543 12.08 -0.94 16.04
CA LEU B 543 12.35 -1.55 17.34
C LEU B 543 12.03 -0.57 18.46
N SER B 544 11.59 -1.10 19.61
CA SER B 544 11.16 -0.21 20.69
C SER B 544 12.28 0.71 21.14
N PRO B 545 11.94 1.91 21.62
CA PRO B 545 12.98 2.88 21.98
C PRO B 545 13.89 2.39 23.10
N ASN B 546 13.34 1.72 24.12
CA ASN B 546 14.19 1.20 25.20
C ASN B 546 15.22 0.21 24.67
N GLN B 547 14.82 -0.63 23.74
CA GLN B 547 15.76 -1.62 23.22
C GLN B 547 16.80 -0.99 22.31
N ARG B 548 16.43 0.04 21.54
CA ARG B 548 17.44 0.80 20.81
C ARG B 548 18.44 1.43 21.78
N THR B 549 17.94 2.06 22.84
CA THR B 549 18.85 2.73 23.78
C THR B 549 19.77 1.73 24.45
N LEU B 550 19.25 0.54 24.78
CA LEU B 550 20.07 -0.50 25.38
C LEU B 550 21.28 -0.82 24.52
N VAL B 551 21.07 -1.04 23.22
CA VAL B 551 22.20 -1.48 22.41
C VAL B 551 23.17 -0.34 22.20
N LYS B 552 22.66 0.89 22.06
CA LYS B 552 23.56 2.05 21.95
C LYS B 552 24.42 2.21 23.21
N GLU B 553 23.83 2.01 24.38
CA GLU B 553 24.62 2.19 25.61
C GLU B 553 25.63 1.05 25.78
N LEU B 554 25.22 -0.18 25.47
CA LEU B 554 26.19 -1.29 25.52
C LEU B 554 27.37 -1.02 24.60
N ALA B 555 27.10 -0.46 23.42
CA ALA B 555 28.17 -0.21 22.46
C ALA B 555 29.22 0.74 23.03
N LYS B 556 28.79 1.69 23.87
CA LYS B 556 29.75 2.66 24.40
C LYS B 556 30.75 2.04 25.37
N THR B 557 30.52 0.80 25.82
CA THR B 557 31.55 0.11 26.59
C THR B 557 32.75 -0.29 25.73
N GLY B 558 32.64 -0.23 24.41
CA GLY B 558 33.72 -0.68 23.55
C GLY B 558 33.81 -2.19 23.37
N LYS B 559 32.98 -2.97 24.09
CA LYS B 559 33.03 -4.42 23.90
C LYS B 559 32.32 -4.81 22.59
N PRO B 560 32.79 -5.88 21.93
CA PRO B 560 32.10 -6.35 20.72
C PRO B 560 30.73 -6.90 21.05
N ILE B 561 29.80 -6.69 20.11
CA ILE B 561 28.39 -7.02 20.28
C ILE B 561 27.96 -8.00 19.21
N VAL B 562 27.35 -9.09 19.64
CA VAL B 562 26.58 -10.01 18.82
C VAL B 562 25.11 -9.63 18.99
N LEU B 563 24.49 -9.17 17.93
CA LEU B 563 23.12 -8.68 17.98
C LEU B 563 22.21 -9.81 17.53
N VAL B 564 21.37 -10.29 18.44
CA VAL B 564 20.44 -11.39 18.15
C VAL B 564 19.04 -10.80 18.02
N LEU B 565 18.43 -11.00 16.85
CA LEU B 565 17.08 -10.50 16.57
C LEU B 565 16.09 -11.63 16.83
N SER B 566 15.20 -11.42 17.79
CA SER B 566 14.29 -12.45 18.29
C SER B 566 12.89 -11.84 18.18
N GLU B 567 12.12 -12.22 17.15
CA GLU B 567 10.95 -11.41 16.78
C GLU B 567 10.13 -12.13 15.73
N GLY B 568 8.83 -11.79 15.68
CA GLY B 568 7.95 -12.30 14.63
C GLY B 568 7.99 -11.44 13.37
N ARG B 569 8.27 -10.13 13.52
CA ARG B 569 8.33 -9.16 12.43
C ARG B 569 9.72 -8.56 12.34
N PRO B 570 10.15 -8.13 11.16
CA PRO B 570 11.47 -7.52 11.00
C PRO B 570 11.47 -6.04 11.40
N ARG B 571 11.49 -5.84 12.71
CA ARG B 571 11.48 -4.50 13.29
C ARG B 571 12.75 -3.72 12.91
N LEU B 572 12.61 -2.41 12.75
CA LEU B 572 13.70 -1.64 12.15
C LEU B 572 14.85 -1.49 13.16
N VAL B 573 16.07 -1.76 12.70
CA VAL B 573 17.25 -1.71 13.56
C VAL B 573 18.44 -1.02 12.87
N GLY B 574 18.15 -0.19 11.86
CA GLY B 574 19.23 0.46 11.11
C GLY B 574 20.11 1.37 11.95
N ASP B 575 19.58 1.93 13.03
CA ASP B 575 20.45 2.76 13.88
C ASP B 575 21.32 1.94 14.84
N ILE B 576 21.08 0.64 15.05
CA ILE B 576 21.97 -0.13 15.91
C ILE B 576 22.80 -1.17 15.15
N GLU B 577 22.37 -1.59 13.97
CA GLU B 577 23.18 -2.50 13.16
C GLU B 577 24.62 -2.03 13.00
N PRO B 578 24.93 -0.75 12.82
CA PRO B 578 26.36 -0.40 12.67
C PRO B 578 27.16 -0.64 13.93
N LEU B 579 26.50 -0.82 15.08
CA LEU B 579 27.20 -0.98 16.35
C LEU B 579 27.58 -2.42 16.64
N ALA B 580 27.04 -3.37 15.88
CA ALA B 580 27.15 -4.80 16.16
C ALA B 580 28.10 -5.40 15.16
N GLN B 581 29.15 -6.05 15.66
CA GLN B 581 30.07 -6.76 14.77
C GLN B 581 29.41 -7.96 14.12
N SER B 582 28.50 -8.63 14.84
CA SER B 582 27.78 -9.78 14.32
C SER B 582 26.30 -9.60 14.56
N VAL B 583 25.49 -10.11 13.62
CA VAL B 583 24.04 -10.02 13.72
C VAL B 583 23.47 -11.37 13.33
N VAL B 584 22.55 -11.89 14.16
CA VAL B 584 21.88 -13.16 13.94
C VAL B 584 20.38 -12.92 14.05
N ASN B 585 19.61 -13.35 13.04
CA ASN B 585 18.15 -13.30 13.12
C ASN B 585 17.65 -14.71 13.41
N ILE B 586 17.10 -14.91 14.63
CA ILE B 586 16.56 -16.23 15.00
C ILE B 586 15.06 -16.31 14.81
N MET B 587 14.42 -15.19 14.45
CA MET B 587 12.97 -15.10 14.26
C MET B 587 12.27 -15.76 15.46
N LEU B 588 11.53 -16.84 15.29
CA LEU B 588 10.79 -17.46 16.40
C LEU B 588 11.06 -18.96 16.38
N PRO B 589 12.20 -19.39 16.93
CA PRO B 589 12.67 -20.77 16.74
C PRO B 589 12.09 -21.81 17.68
N GLY B 590 11.23 -21.40 18.66
CA GLY B 590 10.52 -22.35 19.50
C GLY B 590 11.34 -22.89 20.66
N ASN B 591 10.77 -23.91 21.33
CA ASN B 591 11.31 -24.45 22.58
C ASN B 591 12.78 -24.90 22.49
N HIS B 592 13.24 -25.28 21.30
CA HIS B 592 14.60 -25.77 21.13
C HIS B 592 15.51 -24.75 20.45
N GLY B 593 15.04 -23.51 20.35
CA GLY B 593 15.82 -22.45 19.73
C GLY B 593 16.97 -21.94 20.58
N GLY B 594 16.80 -21.91 21.90
CA GLY B 594 17.94 -21.61 22.77
C GLY B 594 19.06 -22.63 22.60
N GLU B 595 18.72 -23.92 22.69
CA GLU B 595 19.67 -25.00 22.44
C GLU B 595 20.36 -24.84 21.10
N ALA B 596 19.57 -24.59 20.06
CA ALA B 596 20.11 -24.45 18.72
C ALA B 596 21.07 -23.26 18.62
N LEU B 597 20.66 -22.10 19.15
CA LEU B 597 21.48 -20.90 19.05
C LEU B 597 22.82 -21.08 19.78
N ALA B 598 22.81 -21.72 20.95
CA ALA B 598 24.06 -21.98 21.67
C ALA B 598 25.00 -22.85 20.84
N ARG B 599 24.46 -23.87 20.17
CA ARG B 599 25.30 -24.71 19.32
C ARG B 599 25.92 -23.93 18.16
N LEU B 600 25.15 -23.01 17.55
CA LEU B 600 25.66 -22.17 16.47
C LEU B 600 26.70 -21.17 16.98
N LEU B 601 26.38 -20.46 18.07
CA LEU B 601 27.34 -19.50 18.63
C LEU B 601 28.64 -20.17 19.07
N ALA B 602 28.57 -21.44 19.47
CA ALA B 602 29.77 -22.19 19.85
C ALA B 602 30.51 -22.77 18.65
N GLY B 603 29.89 -22.83 17.49
CA GLY B 603 30.52 -23.47 16.36
C GLY B 603 30.32 -24.96 16.25
N ASP B 604 29.53 -25.57 17.16
CA ASP B 604 29.14 -26.98 17.01
C ASP B 604 28.34 -27.21 15.74
N ALA B 605 27.55 -26.25 15.33
CA ALA B 605 26.78 -26.29 14.11
C ALA B 605 27.26 -25.13 13.25
N ASN B 606 26.98 -25.17 11.95
CA ASN B 606 27.35 -24.09 11.05
C ASN B 606 26.09 -23.41 10.54
N PHE B 607 26.07 -22.08 10.57
CA PHE B 607 24.93 -21.32 10.06
C PHE B 607 24.64 -21.68 8.61
N SER B 608 23.36 -21.92 8.29
CA SER B 608 22.99 -22.07 6.89
C SER B 608 21.68 -21.38 6.53
N GLY B 609 20.99 -20.73 7.48
CA GLY B 609 19.72 -20.12 7.19
C GLY B 609 19.87 -18.93 6.27
N ARG B 610 18.79 -18.61 5.56
CA ARG B 610 18.77 -17.50 4.62
C ARG B 610 17.43 -16.80 4.80
N LEU B 611 17.44 -15.47 4.76
CA LEU B 611 16.23 -14.69 5.02
C LEU B 611 15.14 -15.01 3.99
N PRO B 612 13.93 -15.38 4.43
CA PRO B 612 12.86 -15.69 3.48
C PRO B 612 11.94 -14.50 3.23
N PHE B 613 12.47 -13.30 3.51
CA PHE B 613 11.77 -12.05 3.28
C PHE B 613 12.81 -10.95 3.19
N THR B 614 12.33 -9.76 2.80
CA THR B 614 13.14 -8.54 2.75
C THR B 614 13.08 -7.89 4.13
N TYR B 615 14.25 -7.58 4.70
CA TYR B 615 14.30 -6.87 5.97
C TYR B 615 14.38 -5.38 5.67
N PRO B 616 13.35 -4.59 5.96
CA PRO B 616 13.37 -3.17 5.54
C PRO B 616 14.22 -2.34 6.47
N ARG B 617 14.61 -1.19 5.95
CA ARG B 617 15.38 -0.20 6.67
C ARG B 617 14.52 0.91 7.24
N PHE B 618 13.50 1.35 6.52
CA PHE B 618 12.75 2.55 6.84
C PHE B 618 11.24 2.27 6.86
N ALA B 619 10.55 2.96 7.76
CA ALA B 619 9.12 2.71 7.97
C ALA B 619 8.28 3.02 6.73
N ASN B 620 8.66 4.02 5.92
CA ASN B 620 7.84 4.37 4.77
C ASN B 620 8.55 4.10 3.44
N ALA B 621 9.45 3.11 3.41
CA ALA B 621 10.03 2.64 2.15
C ALA B 621 10.06 1.12 2.20
N LEU B 622 8.88 0.53 2.25
CA LEU B 622 8.78 -0.92 2.32
C LEU B 622 8.73 -1.50 0.92
N THR B 623 9.47 -2.59 0.73
CA THR B 623 9.59 -3.25 -0.57
C THR B 623 9.74 -4.75 -0.35
N THR B 624 9.44 -5.55 -1.39
CA THR B 624 9.78 -6.97 -1.43
C THR B 624 10.88 -7.17 -2.46
N TYR B 625 11.40 -8.40 -2.57
CA TYR B 625 12.55 -8.60 -3.44
C TYR B 625 12.13 -8.66 -4.91
N ASP B 626 10.88 -9.06 -5.14
CA ASP B 626 10.37 -9.27 -6.51
C ASP B 626 9.65 -8.01 -6.99
N TYR B 627 10.41 -6.90 -7.03
CA TYR B 627 9.86 -5.59 -7.33
C TYR B 627 10.02 -5.28 -8.82
N LYS B 628 9.52 -4.10 -9.26
CA LYS B 628 9.58 -3.81 -10.70
C LYS B 628 10.80 -2.96 -11.02
N PRO B 629 11.31 -3.02 -12.27
CA PRO B 629 12.53 -2.27 -12.62
C PRO B 629 12.48 -0.78 -12.28
N MET B 630 11.31 -0.13 -12.49
CA MET B 630 11.17 1.30 -12.21
C MET B 630 11.49 1.65 -10.76
N GLU B 631 11.43 0.67 -9.86
CA GLU B 631 11.72 0.90 -8.45
C GLU B 631 13.20 0.86 -8.15
N SER B 632 14.02 0.45 -9.11
CA SER B 632 15.47 0.36 -8.92
C SER B 632 16.13 1.72 -9.05
N VAL B 633 17.24 1.91 -8.36
CA VAL B 633 18.02 3.14 -8.44
C VAL B 633 19.25 2.88 -9.30
N GLY B 634 19.39 3.67 -10.38
CA GLY B 634 20.63 3.75 -11.14
C GLY B 634 20.77 2.81 -12.32
N THR B 635 19.92 1.79 -12.43
CA THR B 635 20.09 0.78 -13.47
C THR B 635 19.98 1.37 -14.86
N MET B 636 20.98 1.05 -15.70
CA MET B 636 21.05 1.58 -17.05
C MET B 636 20.38 0.63 -18.05
N GLU B 637 19.96 1.20 -19.19
CA GLU B 637 19.38 0.44 -20.28
C GLU B 637 20.24 -0.79 -20.63
N GLY B 638 19.58 -1.93 -20.77
CA GLY B 638 20.32 -3.14 -21.13
C GLY B 638 21.06 -3.82 -20.00
N ASN B 639 21.00 -3.29 -18.77
CA ASN B 639 21.54 -3.97 -17.61
C ASN B 639 20.42 -4.50 -16.74
N TYR B 640 20.76 -5.50 -15.93
CA TYR B 640 19.77 -6.19 -15.11
C TYR B 640 20.26 -6.36 -13.69
N ASN B 641 21.23 -5.53 -13.29
CA ASN B 641 21.83 -5.52 -11.95
C ASN B 641 21.13 -4.48 -11.08
N TYR B 642 19.88 -4.76 -10.75
CA TYR B 642 19.06 -3.79 -10.04
C TYR B 642 19.58 -3.58 -8.62
N ASP B 643 19.28 -2.41 -8.05
CA ASP B 643 19.85 -1.98 -6.78
C ASP B 643 18.75 -1.39 -5.90
N ALA B 644 18.49 -2.07 -4.78
CA ALA B 644 17.58 -1.56 -3.74
C ALA B 644 18.29 -1.43 -2.39
N GLN B 645 19.62 -1.30 -2.41
CA GLN B 645 20.39 -1.40 -1.16
C GLN B 645 20.16 -0.23 -0.24
N VAL B 646 19.87 0.95 -0.79
CA VAL B 646 19.57 2.10 0.06
C VAL B 646 18.26 1.89 0.83
N TYR B 647 17.41 0.95 0.41
CA TYR B 647 16.12 0.74 1.07
C TYR B 647 16.03 -0.56 1.87
N VAL B 648 16.98 -1.48 1.70
CA VAL B 648 16.88 -2.84 2.22
C VAL B 648 17.95 -2.94 3.29
N GLN B 649 17.56 -3.30 4.52
CA GLN B 649 18.57 -3.59 5.54
C GLN B 649 19.35 -4.86 5.18
N TRP B 650 18.63 -5.93 4.87
CA TRP B 650 19.20 -7.19 4.37
C TRP B 650 18.19 -7.73 3.37
N PRO B 651 18.64 -8.25 2.25
CA PRO B 651 17.70 -8.71 1.22
C PRO B 651 17.22 -10.14 1.46
N PHE B 652 16.14 -10.46 0.76
CA PHE B 652 15.70 -11.84 0.64
C PHE B 652 16.89 -12.67 0.20
N GLY B 653 17.06 -13.83 0.82
CA GLY B 653 18.19 -14.69 0.57
C GLY B 653 19.47 -14.30 1.28
N ALA B 654 19.47 -13.24 2.09
CA ALA B 654 20.69 -12.89 2.81
C ALA B 654 21.07 -14.01 3.77
N GLY B 655 22.35 -14.10 4.08
CA GLY B 655 22.79 -15.11 5.05
C GLY B 655 24.20 -15.58 4.75
N VAL B 656 25.04 -15.73 5.76
CA VAL B 656 26.40 -16.20 5.52
C VAL B 656 26.67 -17.38 6.42
N SER B 657 27.75 -18.10 6.11
CA SER B 657 28.15 -19.28 6.85
C SER B 657 29.49 -19.01 7.54
N TYR B 658 29.86 -19.93 8.44
CA TYR B 658 31.20 -19.88 8.99
C TYR B 658 32.25 -20.37 8.00
N THR B 659 31.82 -21.03 6.93
CA THR B 659 32.72 -21.39 5.85
C THR B 659 32.32 -20.59 4.62
N ASP B 660 33.06 -20.79 3.54
CA ASP B 660 32.80 -20.07 2.31
C ASP B 660 32.43 -21.06 1.22
N PHE B 661 31.48 -20.67 0.37
CA PHE B 661 31.05 -21.47 -0.77
C PHE B 661 31.28 -20.70 -2.06
N ALA B 662 31.87 -21.36 -3.04
CA ALA B 662 32.10 -20.80 -4.37
C ALA B 662 31.20 -21.52 -5.36
N TYR B 663 30.45 -20.74 -6.15
CA TYR B 663 29.66 -21.26 -7.25
C TYR B 663 30.40 -21.05 -8.56
N SER B 664 30.33 -22.02 -9.46
CA SER B 664 30.98 -21.90 -10.76
C SER B 664 30.23 -22.71 -11.79
N ASN B 665 30.49 -22.40 -13.06
CA ASN B 665 30.14 -23.27 -14.17
C ASN B 665 28.63 -23.49 -14.25
N LEU B 666 27.88 -22.40 -14.19
CA LEU B 666 26.44 -22.46 -14.45
C LEU B 666 26.16 -22.88 -15.89
N ARG B 667 25.39 -23.96 -16.06
CA ARG B 667 25.02 -24.47 -17.39
C ARG B 667 23.52 -24.61 -17.45
N VAL B 668 22.95 -24.35 -18.63
CA VAL B 668 21.50 -24.42 -18.83
C VAL B 668 21.26 -25.04 -20.20
N SER B 669 20.48 -26.11 -20.25
CA SER B 669 20.15 -26.69 -21.54
C SER B 669 18.69 -27.13 -21.53
N PRO B 670 17.95 -26.96 -22.66
CA PRO B 670 18.41 -26.35 -23.92
C PRO B 670 18.42 -24.85 -23.76
N ALA B 671 19.40 -24.15 -24.34
CA ALA B 671 19.47 -22.71 -24.16
C ALA B 671 18.43 -22.01 -25.01
N GLN B 672 18.04 -22.60 -26.14
CA GLN B 672 16.90 -22.15 -26.93
C GLN B 672 15.75 -23.11 -26.65
N PHE B 673 14.62 -22.58 -26.20
CA PHE B 673 13.59 -23.43 -25.62
C PHE B 673 12.21 -22.86 -25.95
N ALA B 674 11.20 -23.73 -25.85
CA ALA B 674 9.79 -23.34 -25.98
C ALA B 674 9.00 -23.99 -24.84
N VAL B 675 7.68 -23.79 -24.82
CA VAL B 675 6.90 -24.10 -23.61
C VAL B 675 6.95 -25.59 -23.25
N SER B 676 7.10 -26.47 -24.24
CA SER B 676 7.08 -27.91 -23.90
C SER B 676 8.40 -28.40 -23.32
N ASP B 677 9.44 -27.58 -23.29
CA ASP B 677 10.75 -28.01 -22.80
C ASP B 677 10.83 -27.97 -21.27
N THR B 678 11.74 -28.78 -20.74
CA THR B 678 12.21 -28.63 -19.37
C THR B 678 13.69 -28.25 -19.43
N LEU B 679 14.05 -27.22 -18.69
CA LEU B 679 15.42 -26.74 -18.62
C LEU B 679 16.16 -27.50 -17.54
N THR B 680 17.34 -27.99 -17.88
CA THR B 680 18.21 -28.66 -16.92
C THR B 680 19.28 -27.64 -16.56
N VAL B 681 19.28 -27.21 -15.31
CA VAL B 681 20.22 -26.22 -14.81
C VAL B 681 21.21 -26.93 -13.91
N GLN B 682 22.50 -26.67 -14.12
CA GLN B 682 23.54 -27.27 -13.31
C GLN B 682 24.46 -26.18 -12.81
N ILE B 683 24.80 -26.23 -11.52
CA ILE B 683 25.72 -25.26 -10.93
C ILE B 683 26.66 -26.04 -10.02
N ASP B 684 27.94 -25.68 -10.05
CA ASP B 684 28.95 -26.31 -9.21
C ASP B 684 29.14 -25.49 -7.95
N VAL B 685 29.14 -26.15 -6.79
CA VAL B 685 29.21 -25.48 -5.50
C VAL B 685 30.30 -26.18 -4.71
N GLN B 686 31.30 -25.42 -4.24
CA GLN B 686 32.43 -26.00 -3.51
C GLN B 686 32.57 -25.31 -2.16
N ASN B 687 32.73 -26.10 -1.11
CA ASN B 687 33.14 -25.56 0.18
C ASN B 687 34.64 -25.25 0.11
N ILE B 688 34.99 -23.97 0.05
CA ILE B 688 36.39 -23.57 -0.05
C ILE B 688 36.95 -23.12 1.29
N GLY B 689 36.22 -23.36 2.40
CA GLY B 689 36.67 -23.03 3.72
C GLY B 689 37.09 -24.24 4.54
N GLN B 690 37.11 -24.06 5.85
CA GLN B 690 37.69 -25.06 6.76
C GLN B 690 36.67 -25.82 7.62
N ARG B 691 35.38 -25.49 7.52
CA ARG B 691 34.32 -26.09 8.32
C ARG B 691 33.29 -26.76 7.43
N VAL B 692 32.80 -27.94 7.86
CA VAL B 692 31.63 -28.51 7.18
C VAL B 692 30.45 -27.52 7.32
N GLY B 693 29.57 -27.50 6.32
CA GLY B 693 28.37 -26.67 6.43
C GLY B 693 27.40 -26.96 5.31
N LYS B 694 26.15 -26.53 5.52
CA LYS B 694 25.17 -26.63 4.46
C LYS B 694 25.10 -25.31 3.71
N GLU B 695 24.71 -25.39 2.45
CA GLU B 695 24.47 -24.23 1.59
C GLU B 695 23.15 -24.42 0.87
N ALA B 696 22.21 -23.48 1.06
CA ALA B 696 21.00 -23.45 0.26
C ALA B 696 21.37 -22.84 -1.08
N VAL B 697 20.96 -23.50 -2.15
CA VAL B 697 21.30 -23.11 -3.51
C VAL B 697 20.02 -22.59 -4.14
N LEU B 698 19.96 -21.29 -4.39
CA LEU B 698 18.76 -20.60 -4.86
C LEU B 698 18.95 -20.16 -6.30
N LEU B 699 17.99 -20.51 -7.16
CA LEU B 699 18.02 -20.17 -8.57
C LEU B 699 16.95 -19.14 -8.85
N TYR B 700 17.35 -17.99 -9.41
CA TYR B 700 16.41 -16.94 -9.79
C TYR B 700 16.33 -16.80 -11.30
N SER B 701 15.28 -16.13 -11.76
CA SER B 701 15.16 -15.76 -13.18
C SER B 701 14.79 -14.29 -13.30
N HIS B 702 15.04 -13.73 -14.48
CA HIS B 702 14.53 -12.41 -14.83
C HIS B 702 14.18 -12.43 -16.31
N ASP B 703 12.96 -11.99 -16.63
CA ASP B 703 12.48 -11.92 -18.00
C ASP B 703 12.93 -10.55 -18.53
N LEU B 704 13.80 -10.53 -19.55
CA LEU B 704 14.50 -9.27 -19.85
C LEU B 704 13.59 -8.19 -20.43
N ALA B 705 12.51 -8.58 -21.09
CA ALA B 705 11.52 -7.60 -21.58
C ALA B 705 10.19 -8.32 -21.64
N ALA B 706 9.08 -7.64 -21.32
CA ALA B 706 7.79 -8.35 -21.25
C ALA B 706 6.63 -7.39 -21.45
N SER B 707 5.46 -7.94 -21.82
CA SER B 707 4.33 -7.04 -22.05
C SER B 707 3.79 -6.43 -20.76
N SER B 708 4.06 -7.07 -19.62
CA SER B 708 3.88 -6.44 -18.31
C SER B 708 5.28 -6.24 -17.75
N THR B 709 5.56 -5.08 -17.17
CA THR B 709 6.96 -4.85 -16.77
C THR B 709 7.45 -5.97 -15.84
N PRO B 710 8.60 -6.61 -16.11
CA PRO B 710 8.94 -7.88 -15.44
C PRO B 710 9.58 -7.68 -14.07
N ASP B 711 9.16 -8.50 -13.09
CA ASP B 711 9.80 -8.53 -11.79
C ASP B 711 11.31 -8.67 -11.95
N VAL B 712 12.07 -7.88 -11.18
CA VAL B 712 13.53 -7.84 -11.33
C VAL B 712 14.16 -9.21 -11.10
N ARG B 713 13.59 -10.01 -10.20
CA ARG B 713 14.04 -11.37 -9.92
C ARG B 713 12.86 -12.16 -9.40
N ARG B 714 12.82 -13.45 -9.72
CA ARG B 714 11.87 -14.40 -9.15
C ARG B 714 12.62 -15.66 -8.78
N LEU B 715 12.44 -16.15 -7.54
CA LEU B 715 12.96 -17.45 -7.15
C LEU B 715 12.20 -18.55 -7.89
N ARG B 716 12.95 -19.42 -8.60
CA ARG B 716 12.36 -20.48 -9.39
C ARG B 716 12.66 -21.89 -8.91
N ALA B 717 13.72 -22.08 -8.14
CA ALA B 717 14.09 -23.40 -7.64
C ALA B 717 15.05 -23.22 -6.48
N PHE B 718 15.11 -24.24 -5.64
CA PHE B 718 16.16 -24.23 -4.62
C PHE B 718 16.44 -25.65 -4.17
N ASP B 719 17.66 -25.83 -3.66
CA ASP B 719 18.07 -27.09 -3.07
C ASP B 719 18.99 -26.76 -1.91
N LYS B 720 19.27 -27.75 -1.08
CA LYS B 720 20.19 -27.49 0.02
C LYS B 720 21.07 -28.72 0.20
N ILE B 721 22.39 -28.49 0.27
CA ILE B 721 23.38 -29.56 0.27
C ILE B 721 24.35 -29.32 1.42
N GLU B 722 24.98 -30.40 1.88
CA GLU B 722 26.00 -30.35 2.91
C GLU B 722 27.35 -30.74 2.31
N LEU B 723 28.38 -29.92 2.55
CA LEU B 723 29.68 -30.10 1.90
C LEU B 723 30.80 -30.11 2.93
N GLN B 724 31.68 -31.12 2.85
CA GLN B 724 32.90 -31.15 3.66
C GLN B 724 33.85 -30.06 3.17
N PRO B 725 34.81 -29.66 4.00
CA PRO B 725 35.84 -28.72 3.53
C PRO B 725 36.49 -29.22 2.24
N GLY B 726 36.56 -28.34 1.24
CA GLY B 726 37.12 -28.67 -0.05
C GLY B 726 36.20 -29.41 -0.98
N GLU B 727 35.05 -29.88 -0.52
CA GLU B 727 34.21 -30.74 -1.34
C GLU B 727 33.46 -29.90 -2.37
N LYS B 728 33.42 -30.41 -3.61
CA LYS B 728 32.70 -29.78 -4.71
C LYS B 728 31.61 -30.73 -5.19
N ARG B 729 30.42 -30.19 -5.46
CA ARG B 729 29.32 -31.00 -5.95
C ARG B 729 28.61 -30.25 -7.06
N THR B 730 28.15 -30.97 -8.08
CA THR B 730 27.26 -30.35 -9.07
C THR B 730 25.81 -30.48 -8.60
N VAL B 731 25.11 -29.34 -8.49
CA VAL B 731 23.68 -29.31 -8.15
C VAL B 731 22.91 -29.23 -9.44
N THR B 732 21.93 -30.11 -9.62
CA THR B 732 21.08 -30.09 -10.82
C THR B 732 19.65 -29.73 -10.44
N LEU B 733 19.11 -28.74 -11.13
CA LEU B 733 17.76 -28.24 -10.92
C LEU B 733 17.01 -28.36 -12.24
N ARG B 734 15.75 -28.84 -12.18
CA ARG B 734 14.90 -28.99 -13.36
C ARG B 734 13.81 -27.93 -13.35
N LEU B 735 13.73 -27.13 -14.42
CA LEU B 735 12.85 -25.97 -14.46
C LEU B 735 11.97 -26.09 -15.71
N PRO B 736 10.68 -26.42 -15.58
CA PRO B 736 9.80 -26.40 -16.75
C PRO B 736 9.82 -25.03 -17.38
N ALA B 737 9.77 -25.00 -18.71
CA ALA B 737 9.69 -23.74 -19.41
C ALA B 737 8.49 -22.92 -18.95
N ALA B 738 7.35 -23.57 -18.66
CA ALA B 738 6.16 -22.87 -18.21
C ALA B 738 6.35 -22.13 -16.88
N ASP B 739 7.39 -22.47 -16.10
CA ASP B 739 7.63 -21.72 -14.85
C ASP B 739 8.20 -20.33 -15.12
N LEU B 740 8.58 -20.02 -16.36
CA LEU B 740 8.98 -18.68 -16.76
C LEU B 740 7.82 -17.89 -17.35
N ALA B 741 6.63 -18.50 -17.41
CA ALA B 741 5.45 -17.76 -17.81
C ALA B 741 5.08 -16.75 -16.73
N PHE B 742 4.26 -15.77 -17.11
CA PHE B 742 3.74 -14.81 -16.14
C PHE B 742 2.28 -14.54 -16.45
N VAL B 743 1.57 -13.97 -15.47
CA VAL B 743 0.17 -13.60 -15.68
C VAL B 743 0.17 -12.19 -16.27
N GLY B 744 -0.30 -12.08 -17.51
CA GLY B 744 -0.32 -10.79 -18.18
C GLY B 744 -1.49 -9.92 -17.73
N TYR B 745 -1.63 -8.78 -18.43
CA TYR B 745 -2.58 -7.79 -17.97
C TYR B 745 -4.03 -8.30 -18.00
N ASP B 746 -4.36 -9.14 -18.98
CA ASP B 746 -5.70 -9.69 -19.11
C ASP B 746 -5.96 -10.83 -18.13
N GLY B 747 -5.01 -11.12 -17.23
CA GLY B 747 -5.22 -12.13 -16.22
C GLY B 747 -4.88 -13.54 -16.66
N LYS B 748 -4.42 -13.73 -17.90
CA LYS B 748 -4.09 -15.04 -18.41
C LYS B 748 -2.59 -15.28 -18.38
N TRP B 749 -2.21 -16.54 -18.25
CA TRP B 749 -0.80 -16.91 -18.30
C TRP B 749 -0.23 -16.82 -19.72
N ARG B 750 1.02 -16.38 -19.82
CA ARG B 750 1.69 -16.30 -21.12
C ARG B 750 3.18 -16.50 -20.93
N LEU B 751 3.80 -17.27 -21.81
CA LEU B 751 5.26 -17.39 -21.89
C LEU B 751 5.68 -16.73 -23.21
N GLU B 752 6.45 -15.63 -23.14
CA GLU B 752 6.71 -14.80 -24.30
C GLU B 752 8.06 -15.09 -24.94
N ALA B 753 8.08 -15.17 -26.26
CA ALA B 753 9.34 -15.27 -26.96
C ALA B 753 10.24 -14.13 -26.51
N GLY B 754 11.52 -14.42 -26.34
CA GLY B 754 12.46 -13.42 -25.87
C GLY B 754 13.43 -14.02 -24.88
N ASP B 755 14.37 -13.22 -24.40
CA ASP B 755 15.47 -13.70 -23.57
C ASP B 755 15.13 -13.63 -22.08
N PHE B 756 15.81 -14.49 -21.33
CA PHE B 756 15.79 -14.48 -19.88
C PHE B 756 17.22 -14.63 -19.39
N LEU B 757 17.44 -14.25 -18.14
CA LEU B 757 18.64 -14.59 -17.40
C LEU B 757 18.26 -15.48 -16.24
N LEU B 758 19.10 -16.49 -15.99
CA LEU B 758 19.02 -17.29 -14.77
C LEU B 758 20.25 -16.98 -13.92
N PHE B 759 20.07 -16.94 -12.61
CA PHE B 759 21.10 -16.48 -11.68
C PHE B 759 21.26 -17.52 -10.57
N ALA B 760 22.49 -17.89 -10.26
CA ALA B 760 22.78 -18.74 -9.10
C ALA B 760 24.05 -18.17 -8.49
N GLY B 761 23.99 -17.76 -7.22
CA GLY B 761 25.10 -17.02 -6.65
C GLY B 761 25.45 -15.84 -7.53
N ASN B 762 26.75 -15.63 -7.79
CA ASN B 762 27.11 -14.56 -8.70
C ASN B 762 27.25 -15.03 -10.13
N GLN B 763 26.71 -16.20 -10.47
CA GLN B 763 26.79 -16.70 -11.84
C GLN B 763 25.47 -16.40 -12.53
N GLN B 764 25.54 -16.07 -13.83
CA GLN B 764 24.33 -15.88 -14.60
C GLN B 764 24.47 -16.47 -16.01
N GLN B 765 23.33 -16.82 -16.61
CA GLN B 765 23.36 -17.39 -17.96
C GLN B 765 22.14 -16.93 -18.73
N ARG B 766 22.34 -16.56 -20.00
CA ARG B 766 21.25 -16.06 -20.84
C ARG B 766 20.65 -17.20 -21.63
N ILE B 767 19.32 -17.21 -21.71
CA ILE B 767 18.58 -18.21 -22.48
C ILE B 767 17.50 -17.46 -23.26
N SER B 768 16.96 -18.14 -24.28
CA SER B 768 15.97 -17.52 -25.17
C SER B 768 14.78 -18.46 -25.39
N CYS B 769 13.59 -17.94 -25.16
CA CYS B 769 12.36 -18.62 -25.58
C CYS B 769 12.08 -18.31 -27.03
N THR B 770 11.89 -19.35 -27.85
CA THR B 770 11.79 -19.15 -29.29
C THR B 770 10.38 -18.93 -29.77
N ALA B 771 9.37 -19.12 -28.93
CA ALA B 771 8.00 -19.03 -29.41
C ALA B 771 7.07 -18.69 -28.26
N THR B 772 6.14 -17.77 -28.51
CA THR B 772 5.24 -17.33 -27.47
C THR B 772 4.17 -18.40 -27.28
N HIS B 773 3.79 -18.65 -26.04
CA HIS B 773 2.67 -19.54 -25.74
C HIS B 773 1.69 -18.77 -24.89
N LEU B 774 0.43 -18.71 -25.34
CA LEU B 774 -0.65 -18.08 -24.59
C LEU B 774 -1.60 -19.16 -24.10
N TRP B 775 -1.83 -19.22 -22.79
CA TRP B 775 -2.80 -20.19 -22.26
C TRP B 775 -4.22 -19.64 -22.41
N THR B 776 -5.17 -20.53 -22.69
CA THR B 776 -6.58 -20.16 -22.61
C THR B 776 -7.26 -20.72 -21.36
N THR B 777 -6.66 -21.69 -20.69
CA THR B 777 -7.18 -22.20 -19.44
C THR B 777 -6.76 -21.30 -18.29
N PRO B 778 -7.53 -21.28 -17.18
CA PRO B 778 -7.16 -20.42 -16.04
C PRO B 778 -5.80 -20.75 -15.43
N ASN B 779 -5.40 -22.01 -15.41
CA ASN B 779 -4.12 -22.37 -14.82
C ASN B 779 -3.23 -22.97 -15.91
N ARG B 780 -1.91 -22.90 -15.70
CA ARG B 780 -1.01 -23.47 -16.71
C ARG B 780 -1.15 -24.98 -16.80
C1 PEG C . -24.17 7.43 13.11
O1 PEG C . -23.00 8.16 13.55
C2 PEG C . -25.04 6.99 14.27
O2 PEG C . -25.14 5.55 14.36
C3 PEG C . -26.38 5.04 13.93
C4 PEG C . -27.46 6.06 14.10
O4 PEG C . -28.66 5.66 13.47
C1 PGE D . -17.67 20.80 11.99
O1 PGE D . -18.80 20.16 11.39
C2 PGE D . -17.76 22.30 11.75
O2 PGE D . -18.81 22.96 12.45
C3 PGE D . -19.33 22.32 13.63
C4 PGE D . -20.73 21.81 13.38
O4 PGE D . -24.36 21.25 15.28
C6 PGE D . -23.09 20.62 15.46
C5 PGE D . -22.43 20.34 14.13
O3 PGE D . -21.08 20.74 14.25
C1 PGE E . 13.56 20.98 -15.81
O1 PGE E . 14.50 20.67 -16.82
C2 PGE E . 12.20 20.93 -16.47
O2 PGE E . 11.31 20.26 -15.60
C3 PGE E . 11.82 19.06 -15.08
C4 PGE E . 10.95 17.95 -15.64
O4 PGE E . 10.49 14.23 -13.42
C6 PGE E . 10.19 14.69 -14.73
C5 PGE E . 9.78 16.15 -14.68
O3 PGE E . 11.01 16.87 -14.75
C1 GOL F . -2.18 -3.33 -22.88
O1 GOL F . -1.36 -4.39 -23.38
C2 GOL F . -3.39 -4.05 -22.48
O2 GOL F . -3.85 -4.77 -23.55
C3 GOL F . -4.42 -2.95 -21.99
O3 GOL F . -4.87 -2.30 -23.13
C1 GOL G . -23.56 -8.22 -6.58
O1 GOL G . -23.85 -9.09 -5.53
C2 GOL G . -22.08 -8.46 -6.94
O2 GOL G . -21.25 -8.28 -5.84
C3 GOL G . -21.80 -7.38 -8.07
O3 GOL G . -20.59 -7.74 -8.68
C1 GOL H . -14.99 36.01 7.17
O1 GOL H . -14.56 37.24 7.59
C2 GOL H . -13.74 35.46 6.38
O2 GOL H . -12.47 35.79 6.97
C3 GOL H . -14.00 33.90 6.26
O3 GOL H . -14.19 33.33 7.56
C1 GOL I . -4.43 42.19 16.74
O1 GOL I . -5.72 42.41 16.30
C2 GOL I . -3.53 43.33 16.16
O2 GOL I . -4.20 44.52 15.93
C3 GOL I . -2.36 43.50 17.15
O3 GOL I . -1.93 44.83 17.11
C1 GOL J . -17.18 12.39 8.34
O1 GOL J . -17.88 12.12 9.54
C2 GOL J . -15.82 13.13 8.66
O2 GOL J . -15.41 13.05 9.95
C3 GOL J . -14.78 12.66 7.57
O3 GOL J . -13.47 12.52 8.15
C1 GOL K . 5.16 17.64 -17.63
O1 GOL K . 4.25 17.22 -16.62
C2 GOL K . 6.07 18.82 -17.09
O2 GOL K . 5.70 19.27 -15.84
C3 GOL K . 5.99 19.96 -18.13
O3 GOL K . 6.49 21.14 -17.51
C1 GOL L . -15.76 33.57 -22.03
O1 GOL L . -15.91 32.54 -21.02
C2 GOL L . -15.36 32.88 -23.37
O2 GOL L . -15.86 33.55 -24.51
C3 GOL L . -13.82 32.90 -23.35
O3 GOL L . -13.38 32.29 -24.54
C1 GOL M . -10.30 6.88 -30.12
O1 GOL M . -11.45 6.16 -30.50
C2 GOL M . -9.19 6.50 -31.15
O2 GOL M . -9.46 7.04 -32.44
C3 GOL M . -7.83 7.02 -30.51
O3 GOL M . -7.82 8.43 -30.62
C1 GOL N . 15.87 36.96 2.06
O1 GOL N . 16.45 35.68 2.17
C2 GOL N . 14.83 37.08 3.23
O2 GOL N . 15.44 37.03 4.50
C3 GOL N . 13.81 35.89 2.97
O3 GOL N . 13.09 36.18 1.73
C1 GOL O . 12.66 15.12 19.55
O1 GOL O . 12.42 14.46 20.73
C2 GOL O . 13.27 14.11 18.57
O2 GOL O . 14.09 14.74 17.68
C3 GOL O . 14.02 13.08 19.46
O3 GOL O . 13.02 12.42 20.20
C1 GOL P . 3.09 41.65 -3.75
O1 GOL P . 2.07 42.08 -4.67
C2 GOL P . 4.09 42.82 -3.48
O2 GOL P . 5.04 42.92 -4.47
C3 GOL P . 4.74 42.45 -2.13
O3 GOL P . 4.60 43.55 -1.27
C1 GOL Q . 3.59 9.27 16.47
O1 GOL Q . 3.62 8.96 17.83
C2 GOL Q . 3.65 10.81 16.39
O2 GOL Q . 2.81 11.39 15.43
C3 GOL Q . 5.13 11.11 16.20
O3 GOL Q . 5.79 10.37 17.23
C1 GOL R . -10.97 31.01 -31.07
O1 GOL R . -12.01 30.95 -32.03
C2 GOL R . -10.45 32.47 -30.91
O2 GOL R . -9.52 32.56 -29.87
C3 GOL R . -11.70 33.40 -30.69
O3 GOL R . -11.27 34.59 -30.05
C1 GOL S . -30.21 -1.86 4.73
O1 GOL S . -30.31 -1.67 3.39
C2 GOL S . -31.66 -1.89 5.27
O2 GOL S . -32.34 -0.75 4.93
C3 GOL S . -31.50 -2.00 6.80
O3 GOL S . -30.23 -1.48 7.05
MG MG T . -27.48 -0.45 0.55
NA NA U . 10.36 39.64 1.03
N1 EPE V . 27.24 -17.64 -2.95
C2 EPE V . 27.97 -17.32 -1.72
C3 EPE V . 27.37 -18.18 -0.60
N4 EPE V . 25.96 -17.87 -0.39
C5 EPE V . 25.12 -17.80 -1.56
C6 EPE V . 25.83 -17.24 -2.79
C7 EPE V . 25.28 -18.00 0.90
C8 EPE V . 26.20 -17.98 2.12
O8 EPE V . 26.97 -19.15 2.18
C9 EPE V . 27.73 -16.88 -4.11
C10 EPE V . 29.22 -16.96 -4.24
S EPE V . 29.79 -16.86 -5.95
O1S EPE V . 30.37 -15.54 -6.24
O2S EPE V . 28.81 -17.25 -6.97
O3S EPE V . 30.79 -17.91 -5.92
C1 PEG W . 30.07 -2.05 11.64
O1 PEG W . 30.08 -2.26 10.23
C2 PEG W . 31.40 -2.36 12.26
O2 PEG W . 31.27 -3.46 13.17
C3 PEG W . 30.99 -3.04 14.51
C4 PEG W . 32.11 -2.16 15.01
O4 PEG W . 31.82 -1.68 16.31
C1 PGE X . -9.55 -15.50 15.44
O1 PGE X . -9.43 -14.12 15.81
C2 PGE X . -9.04 -16.38 16.57
O2 PGE X . -9.72 -16.02 17.77
C3 PGE X . -9.92 -17.10 18.67
C4 PGE X . -8.61 -17.85 18.83
O4 PGE X . -8.31 -18.15 22.57
C6 PGE X . -9.12 -19.22 22.07
C5 PGE X . -9.70 -18.83 20.73
O3 PGE X . -8.73 -18.97 19.70
C1 GOL Y . -19.73 -11.92 -5.26
O1 GOL Y . -20.78 -10.96 -5.14
C2 GOL Y . -19.22 -11.74 -6.67
O2 GOL Y . -20.22 -12.03 -7.62
C3 GOL Y . -17.97 -12.66 -6.76
O3 GOL Y . -18.43 -13.97 -6.84
C1 GOL Z . -9.06 -20.71 13.32
O1 GOL Z . -8.28 -20.02 12.39
C2 GOL Z . -8.06 -21.41 14.29
O2 GOL Z . -7.16 -20.50 14.89
C3 GOL Z . -8.93 -22.12 15.34
O3 GOL Z . -8.02 -22.61 16.33
C1 GOL AA . 17.08 -11.45 -4.13
O1 GOL AA . 17.08 -10.79 -2.88
C2 GOL AA . 18.53 -11.79 -4.54
O2 GOL AA . 19.46 -10.84 -4.10
C3 GOL AA . 18.45 -11.98 -6.08
O3 GOL AA . 19.52 -11.31 -6.71
C1 GOL BA . -8.19 -44.46 6.36
O1 GOL BA . -9.13 -45.32 5.76
C2 GOL BA . -7.61 -45.17 7.62
O2 GOL BA . -7.35 -44.25 8.60
C3 GOL BA . -6.29 -45.89 7.17
O3 GOL BA . -5.85 -46.64 8.27
C1 GOL CA . -18.25 -26.59 -6.55
O1 GOL CA . -18.44 -27.04 -7.86
C2 GOL CA . -19.66 -26.40 -5.93
O2 GOL CA . -20.43 -27.56 -5.98
C3 GOL CA . -19.38 -25.93 -4.44
O3 GOL CA . -18.80 -27.03 -3.76
C1 GOL DA . 9.88 -27.60 -9.07
O1 GOL DA . 9.27 -26.76 -8.20
C2 GOL DA . 10.41 -26.80 -10.31
O2 GOL DA . 11.25 -25.69 -10.04
C3 GOL DA . 9.17 -26.52 -11.20
O3 GOL DA . 8.09 -26.10 -10.47
C1 GOL EA . 16.08 2.33 11.64
O1 GOL EA . 16.19 1.57 10.40
C2 GOL EA . 15.97 3.87 11.30
O2 GOL EA . 16.91 4.29 10.37
C3 GOL EA . 16.09 4.59 12.68
O3 GOL EA . 16.89 5.76 12.52
C1 GOL FA . 2.84 -24.99 -12.72
O1 GOL FA . 1.69 -25.81 -13.05
C2 GOL FA . 4.11 -25.84 -12.89
O2 GOL FA . 5.17 -25.39 -12.07
C3 GOL FA . 4.43 -25.77 -14.43
O3 GOL FA . 4.65 -24.40 -14.75
C1 GOL GA . 2.02 -43.48 4.71
O1 GOL GA . 2.36 -42.24 4.13
C2 GOL GA . 0.51 -43.57 4.54
O2 GOL GA . 0.08 -44.89 4.51
C3 GOL GA . -0.05 -42.71 5.74
O3 GOL GA . -1.46 -42.81 5.82
C1 GOL HA . -1.76 -9.22 -22.31
O1 GOL HA . -2.88 -8.79 -21.53
C2 GOL HA . -1.16 -7.95 -23.07
O2 GOL HA . -0.56 -7.09 -22.18
C3 GOL HA . -0.14 -8.46 -24.14
O3 GOL HA . 0.35 -7.32 -24.84
MG MG IA . 10.36 -11.46 -22.30
P PO4 JA . 17.37 -33.26 6.58
O1 PO4 JA . 18.00 -31.91 6.29
O2 PO4 JA . 15.91 -33.32 7.00
O3 PO4 JA . 17.53 -34.03 5.28
O4 PO4 JA . 18.24 -33.93 7.66
#